data_3V97
#
_entry.id   3V97
#
_cell.length_a   73.646
_cell.length_b   140.834
_cell.length_c   102.866
_cell.angle_alpha   90.00
_cell.angle_beta   102.30
_cell.angle_gamma   90.00
#
_symmetry.space_group_name_H-M   'P 1 21 1'
#
loop_
_entity.id
_entity.type
_entity.pdbx_description
1 polymer 'Ribosomal RNA large subunit methyltransferase L'
2 branched 6-O-octanoyl-beta-D-fructofuranose-(2-1)-alpha-D-glucopyranose
3 non-polymer S-ADENOSYL-L-HOMOCYSTEINE
4 non-polymer GLYCEROL
5 water water
#
_entity_poly.entity_id   1
_entity_poly.type   'polypeptide(L)'
_entity_poly.pdbx_seq_one_letter_code
;AMNSLFASTARGLEELLKTELENLGAVECQVVQGGVHFKGDTRLVYQSLMWSRLASRIMLPLGECKVYSDLDLYLGVQAI
NWTEMFNPGATFAVHFSGLNDTIRNSQYGAMKVKDAIVDAFTRKNLPRPNVDRDAPDIRVNVWLHKETASIALDLSGDGL
HLRGYRDRAGIAPIKETLAAAIVMRSGWQPGTPLLDPMCGSGTLLIEAAMLATDRAPGLHRGRWGFSGWAQHDEAIWQEV
KAEAQTRARKGLAEYSSHFYGSDSDARVIQRARTNARLAGIGELITFEVKDVAQLTNPLPKGPYGTVLSNPPYGERLDSE
PALIALHSLLGRIMKNQFGGWNLSLFSASPDLLSCLQLRADKQYKAKNGPLDCVQKNYHVAESTPDSKPAMVAEDYTNRL
RKNLKKFEKWARQEGIECYRLYDADLPEYNVAVDRYADWVVVQEYAPPKTIDAHKARQRLFDIIAATISVLGIAPNKLVL
KTRERQKGKNQYQKLGEKGEFLEVTEYNAHLWVNLTDYLDTGLFLDHRIARRMLGQMSKGKDFLNLFSYTGSATVHAGLG
GARSTTTVDMSRTYLEWAERNLRLNGLTGRAHRLIQADCLAWLREANEQFDLIFIDPPTFSNSKRMEDAFDVQRDHLALM
KDLKRLLRAGGTIMFSNNKRGFRMDLDGLAKLGLKAQEITQKTLSQDFARNRQIHNCWLITAA
;
_entity_poly.pdbx_strand_id   A,B
#
# COMPACT_ATOMS: atom_id res chain seq x y z
N ALA A 1 17.93 -30.20 45.21
CA ALA A 1 16.86 -30.66 44.25
C ALA A 1 17.48 -30.85 42.83
N MET A 2 17.02 -31.91 42.16
CA MET A 2 17.14 -31.99 40.73
C MET A 2 15.75 -31.65 40.13
N ASN A 3 15.67 -30.62 39.29
CA ASN A 3 14.37 -30.23 38.73
C ASN A 3 14.16 -30.86 37.36
N SER A 4 12.92 -31.24 37.09
CA SER A 4 12.52 -31.61 35.71
C SER A 4 11.83 -30.47 34.92
N LEU A 5 12.42 -30.14 33.79
CA LEU A 5 11.89 -29.07 32.92
C LEU A 5 11.47 -29.54 31.54
N PHE A 6 10.66 -28.72 30.89
CA PHE A 6 10.41 -28.91 29.48
C PHE A 6 10.57 -27.58 28.72
N ALA A 7 11.34 -27.57 27.64
CA ALA A 7 11.45 -26.39 26.70
C ALA A 7 10.69 -26.72 25.40
N SER A 8 9.71 -25.91 24.98
CA SER A 8 9.12 -26.12 23.67
C SER A 8 9.94 -25.34 22.64
N THR A 9 9.91 -25.80 21.38
CA THR A 9 10.48 -25.09 20.22
C THR A 9 9.64 -25.53 19.01
N ALA A 10 9.90 -24.83 17.90
CA ALA A 10 9.42 -25.17 16.60
C ALA A 10 9.99 -26.53 16.19
N ARG A 11 9.12 -27.29 15.53
CA ARG A 11 9.46 -28.62 15.01
C ARG A 11 10.60 -28.44 14.05
N GLY A 12 11.60 -29.32 14.06
CA GLY A 12 12.79 -29.07 13.24
C GLY A 12 13.96 -28.45 14.01
N LEU A 13 13.66 -27.74 15.12
CA LEU A 13 14.71 -27.15 15.99
C LEU A 13 15.16 -27.98 17.21
N GLU A 14 14.45 -29.09 17.49
CA GLU A 14 14.62 -29.85 18.75
C GLU A 14 16.07 -30.27 19.06
N GLU A 15 16.78 -30.81 18.09
CA GLU A 15 18.17 -31.24 18.27
C GLU A 15 19.12 -30.06 18.47
N LEU A 16 18.88 -28.96 17.76
CA LEU A 16 19.65 -27.75 18.02
C LEU A 16 19.37 -27.25 19.43
N LEU A 17 18.10 -27.35 19.85
CA LEU A 17 17.75 -26.95 21.25
C LEU A 17 18.45 -27.80 22.28
N LYS A 18 18.47 -29.10 22.03
CA LYS A 18 19.06 -29.98 23.01
C LYS A 18 20.58 -29.71 23.17
N THR A 19 21.29 -29.55 22.08
CA THR A 19 22.68 -29.16 22.20
C THR A 19 22.79 -27.85 23.02
N GLU A 20 21.95 -26.85 22.71
CA GLU A 20 22.09 -25.56 23.41
C GLU A 20 21.83 -25.77 24.90
N LEU A 21 20.79 -26.55 25.25
CA LEU A 21 20.57 -26.82 26.67
C LEU A 21 21.78 -27.49 27.30
N GLU A 22 22.36 -28.44 26.59
CA GLU A 22 23.50 -29.18 27.13
C GLU A 22 24.64 -28.24 27.33
N ASN A 23 24.87 -27.33 26.38
CA ASN A 23 26.00 -26.44 26.56
C ASN A 23 25.91 -25.57 27.77
N LEU A 24 24.73 -25.43 28.37
CA LEU A 24 24.60 -24.46 29.45
C LEU A 24 24.35 -25.16 30.76
N GLY A 25 24.48 -26.49 30.78
CA GLY A 25 24.49 -27.23 32.01
C GLY A 25 23.46 -28.33 32.13
N ALA A 26 22.47 -28.34 31.24
CA ALA A 26 21.35 -29.26 31.36
C ALA A 26 21.81 -30.70 31.24
N VAL A 27 21.10 -31.57 31.94
CA VAL A 27 21.40 -32.95 31.98
C VAL A 27 20.15 -33.81 31.63
N GLU A 28 20.35 -35.04 31.12
CA GLU A 28 19.27 -35.97 30.76
C GLU A 28 18.22 -35.39 29.77
N CYS A 29 18.73 -34.72 28.74
CA CYS A 29 17.94 -34.08 27.72
C CYS A 29 17.34 -35.10 26.74
N GLN A 30 16.04 -35.05 26.53
CA GLN A 30 15.50 -35.94 25.50
C GLN A 30 14.56 -35.25 24.54
N VAL A 31 14.91 -35.28 23.26
CA VAL A 31 14.05 -34.64 22.32
C VAL A 31 12.74 -35.35 22.14
N VAL A 32 11.76 -34.61 21.66
CA VAL A 32 10.40 -35.12 21.64
C VAL A 32 9.89 -34.23 20.57
N GLN A 33 8.70 -34.53 20.09
CA GLN A 33 8.20 -33.70 19.03
C GLN A 33 7.83 -32.32 19.57
N GLY A 34 8.43 -31.26 19.03
CA GLY A 34 8.10 -29.91 19.51
C GLY A 34 8.75 -29.50 20.84
N GLY A 35 9.75 -30.24 21.33
CA GLY A 35 10.36 -29.83 22.60
C GLY A 35 11.48 -30.71 23.11
N VAL A 36 11.99 -30.36 24.28
CA VAL A 36 13.06 -31.14 24.89
C VAL A 36 12.81 -31.16 26.37
N HIS A 37 12.71 -32.35 26.95
CA HIS A 37 12.66 -32.50 28.39
C HIS A 37 14.10 -32.48 28.91
N PHE A 38 14.32 -31.88 30.08
CA PHE A 38 15.69 -31.71 30.58
C PHE A 38 15.68 -31.51 32.07
N LYS A 39 16.86 -31.58 32.68
CA LYS A 39 17.01 -31.57 34.12
C LYS A 39 18.22 -30.76 34.50
N GLY A 40 18.14 -30.21 35.70
CA GLY A 40 19.28 -29.49 36.28
C GLY A 40 18.78 -28.96 37.60
N ASP A 41 19.69 -28.42 38.39
CA ASP A 41 19.39 -27.83 39.70
C ASP A 41 18.76 -26.45 39.49
N THR A 42 18.61 -25.65 40.54
CA THR A 42 17.79 -24.48 40.33
C THR A 42 18.52 -23.35 39.66
N ARG A 43 19.83 -23.25 39.84
CA ARG A 43 20.57 -22.31 39.02
C ARG A 43 20.36 -22.67 37.54
N LEU A 44 20.15 -23.97 37.26
CA LEU A 44 20.09 -24.36 35.89
C LEU A 44 18.76 -23.93 35.31
N VAL A 45 17.70 -23.91 36.10
CA VAL A 45 16.39 -23.44 35.62
C VAL A 45 16.51 -21.96 35.14
N TYR A 46 17.10 -21.13 36.00
CA TYR A 46 17.23 -19.73 35.71
C TYR A 46 18.19 -19.51 34.56
N GLN A 47 19.28 -20.25 34.52
CA GLN A 47 20.25 -20.12 33.44
C GLN A 47 19.60 -20.51 32.05
N SER A 48 18.68 -21.46 32.01
CA SER A 48 18.11 -21.85 30.71
C SER A 48 17.10 -20.78 30.27
N LEU A 49 16.46 -20.11 31.22
CA LEU A 49 15.48 -19.08 30.90
C LEU A 49 16.21 -17.85 30.30
N MET A 50 17.33 -17.54 30.88
CA MET A 50 18.13 -16.36 30.52
C MET A 50 18.86 -16.56 29.22
N TRP A 51 19.45 -17.72 29.04
CA TRP A 51 20.34 -18.06 27.97
C TRP A 51 19.75 -18.80 26.76
N SER A 52 18.64 -19.49 26.88
CA SER A 52 18.24 -20.21 25.63
C SER A 52 17.69 -19.33 24.46
N ARG A 53 18.32 -19.41 23.29
CA ARG A 53 17.90 -18.65 22.12
C ARG A 53 16.90 -19.40 21.23
N LEU A 54 16.71 -20.71 21.43
CA LEU A 54 15.87 -21.55 20.55
C LEU A 54 14.54 -21.95 21.17
N ALA A 55 14.48 -22.03 22.48
CA ALA A 55 13.29 -22.33 23.19
C ALA A 55 12.17 -21.33 22.93
N SER A 56 10.97 -21.80 22.63
CA SER A 56 9.84 -20.90 22.65
C SER A 56 9.39 -20.57 24.04
N ARG A 57 9.35 -21.58 24.91
CA ARG A 57 8.81 -21.47 26.24
C ARG A 57 9.50 -22.49 27.10
N ILE A 58 9.80 -22.12 28.33
CA ILE A 58 10.38 -23.08 29.23
C ILE A 58 9.39 -23.26 30.40
N MET A 59 9.15 -24.50 30.77
CA MET A 59 8.13 -24.71 31.81
C MET A 59 8.51 -25.75 32.79
N LEU A 60 7.76 -25.81 33.88
CA LEU A 60 7.98 -26.74 34.97
C LEU A 60 6.78 -27.65 35.14
N PRO A 61 6.92 -28.93 34.74
CA PRO A 61 5.82 -29.90 34.86
C PRO A 61 5.50 -30.05 36.35
N LEU A 62 4.23 -30.00 36.63
CA LEU A 62 3.75 -29.97 37.97
C LEU A 62 3.06 -31.25 38.27
N GLY A 63 2.61 -31.96 37.23
CA GLY A 63 1.97 -33.26 37.35
C GLY A 63 1.21 -33.70 36.09
N GLU A 64 0.50 -34.83 36.20
CA GLU A 64 -0.19 -35.37 35.08
C GLU A 64 -1.22 -36.39 35.51
N CYS A 65 -2.29 -36.54 34.72
CA CYS A 65 -3.32 -37.52 35.03
C CYS A 65 -4.04 -38.02 33.79
N LYS A 66 -4.84 -39.08 34.00
CA LYS A 66 -5.79 -39.57 33.01
C LYS A 66 -7.08 -38.74 33.08
N VAL A 67 -7.70 -38.47 31.95
CA VAL A 67 -8.87 -37.59 31.92
C VAL A 67 -10.08 -38.30 31.27
N TYR A 68 -10.97 -38.87 32.10
CA TYR A 68 -12.11 -39.62 31.59
C TYR A 68 -13.42 -38.97 32.01
N SER A 69 -13.33 -37.80 32.61
CA SER A 69 -14.51 -37.08 33.08
C SER A 69 -14.06 -35.68 33.46
N ASP A 70 -14.99 -34.71 33.44
CA ASP A 70 -14.71 -33.37 33.98
C ASP A 70 -14.11 -33.50 35.39
N LEU A 71 -14.61 -34.49 36.13
CA LEU A 71 -14.08 -34.87 37.46
C LEU A 71 -12.59 -35.25 37.52
N ASP A 72 -12.14 -36.16 36.65
CA ASP A 72 -10.74 -36.61 36.66
C ASP A 72 -9.82 -35.42 36.58
N LEU A 73 -10.18 -34.50 35.69
CA LEU A 73 -9.33 -33.34 35.42
C LEU A 73 -9.33 -32.43 36.63
N TYR A 74 -10.49 -32.28 37.23
CA TYR A 74 -10.72 -31.50 38.42
C TYR A 74 -9.88 -32.05 39.63
N LEU A 75 -10.09 -33.34 39.93
CA LEU A 75 -9.24 -34.08 40.88
C LEU A 75 -7.73 -33.91 40.56
N GLY A 76 -7.33 -34.33 39.37
CA GLY A 76 -5.97 -34.12 38.86
C GLY A 76 -5.43 -32.73 39.09
N VAL A 77 -6.25 -31.71 38.80
CA VAL A 77 -5.76 -30.32 38.99
C VAL A 77 -5.59 -30.01 40.48
N GLN A 78 -6.52 -30.48 41.29
CA GLN A 78 -6.46 -30.12 42.74
C GLN A 78 -5.41 -30.87 43.56
N ALA A 79 -4.86 -31.96 42.99
CA ALA A 79 -3.67 -32.62 43.53
C ALA A 79 -2.52 -31.65 43.72
N ILE A 80 -2.46 -30.64 42.87
CA ILE A 80 -1.36 -29.67 42.93
C ILE A 80 -1.72 -28.57 43.91
N ASN A 81 -0.70 -28.02 44.58
CA ASN A 81 -0.96 -27.22 45.75
C ASN A 81 -0.98 -25.74 45.45
N TRP A 82 -2.06 -25.32 44.80
CA TRP A 82 -2.12 -23.97 44.31
C TRP A 82 -1.99 -22.84 45.35
N THR A 83 -2.71 -22.98 46.44
CA THR A 83 -2.83 -21.92 47.46
C THR A 83 -1.48 -21.54 48.05
N GLU A 84 -0.57 -22.52 48.11
CA GLU A 84 0.81 -22.31 48.57
C GLU A 84 1.76 -21.92 47.44
N MET A 85 1.32 -22.06 46.20
CA MET A 85 2.21 -21.75 45.08
C MET A 85 2.13 -20.29 44.64
N PHE A 86 0.94 -19.72 44.72
CA PHE A 86 0.70 -18.34 44.39
C PHE A 86 1.28 -17.42 45.47
N ASN A 87 2.13 -16.48 45.08
CA ASN A 87 2.41 -15.31 45.89
C ASN A 87 1.05 -14.69 46.16
N PRO A 88 0.90 -13.96 47.28
CA PRO A 88 -0.33 -13.18 47.54
C PRO A 88 -0.64 -12.17 46.44
N GLY A 89 -1.91 -12.04 46.07
CA GLY A 89 -2.34 -11.04 45.08
C GLY A 89 -1.99 -11.34 43.61
N ALA A 90 -1.32 -12.48 43.36
CA ALA A 90 -0.96 -12.90 42.01
C ALA A 90 -2.17 -13.20 41.13
N THR A 91 -2.13 -12.67 39.91
CA THR A 91 -3.10 -13.01 38.90
C THR A 91 -2.62 -14.25 38.12
N PHE A 92 -3.54 -14.90 37.41
CA PHE A 92 -3.21 -16.12 36.67
C PHE A 92 -3.96 -16.27 35.34
N ALA A 93 -3.51 -17.21 34.53
CA ALA A 93 -4.24 -17.62 33.36
C ALA A 93 -3.89 -19.06 33.03
N VAL A 94 -4.79 -19.71 32.29
CA VAL A 94 -4.66 -21.10 31.91
C VAL A 94 -4.70 -21.19 30.38
N HIS A 95 -3.76 -21.91 29.79
CA HIS A 95 -3.76 -22.22 28.34
C HIS A 95 -3.78 -23.68 28.20
N PHE A 96 -4.69 -24.16 27.39
CA PHE A 96 -4.99 -25.54 27.34
C PHE A 96 -4.96 -25.92 25.89
N SER A 97 -4.05 -26.83 25.49
CA SER A 97 -4.14 -27.43 24.16
C SER A 97 -4.38 -28.91 24.17
N GLY A 98 -5.11 -29.39 23.17
CA GLY A 98 -5.26 -30.78 22.89
C GLY A 98 -6.65 -31.17 23.36
N LEU A 99 -7.16 -32.28 22.84
CA LEU A 99 -8.53 -32.69 23.02
C LEU A 99 -8.60 -34.21 23.13
N ASN A 100 -9.66 -34.68 23.77
CA ASN A 100 -9.97 -36.10 23.80
C ASN A 100 -11.49 -36.30 23.79
N ASP A 101 -11.97 -37.48 24.14
CA ASP A 101 -13.39 -37.72 24.14
C ASP A 101 -14.13 -36.89 25.19
N THR A 102 -13.49 -36.60 26.35
CA THR A 102 -14.18 -35.75 27.36
C THR A 102 -14.03 -34.23 27.23
N ILE A 103 -12.83 -33.77 26.87
CA ILE A 103 -12.62 -32.35 26.63
C ILE A 103 -12.62 -32.16 25.16
N ARG A 104 -13.81 -31.89 24.63
CA ARG A 104 -14.04 -31.84 23.20
C ARG A 104 -13.79 -30.46 22.64
N ASN A 105 -13.44 -29.51 23.49
CA ASN A 105 -13.26 -28.11 23.13
C ASN A 105 -12.17 -27.58 24.06
N SER A 106 -11.17 -26.90 23.52
CA SER A 106 -10.08 -26.39 24.34
C SER A 106 -10.43 -25.33 25.33
N GLN A 107 -11.31 -24.41 24.94
CA GLN A 107 -11.62 -23.28 25.83
C GLN A 107 -12.38 -23.84 27.00
N TYR A 108 -13.13 -24.91 26.73
CA TYR A 108 -13.82 -25.64 27.79
C TYR A 108 -12.86 -26.19 28.81
N GLY A 109 -11.78 -26.81 28.33
CA GLY A 109 -10.76 -27.36 29.20
C GLY A 109 -10.12 -26.26 30.00
N ALA A 110 -9.73 -25.16 29.36
CA ALA A 110 -9.09 -24.04 30.08
C ALA A 110 -10.00 -23.60 31.21
N MET A 111 -11.30 -23.54 30.90
CA MET A 111 -12.31 -23.17 31.89
C MET A 111 -12.40 -24.12 33.07
N LYS A 112 -12.53 -25.43 32.83
CA LYS A 112 -12.58 -26.35 33.97
C LYS A 112 -11.33 -26.33 34.86
N VAL A 113 -10.16 -26.18 34.25
CA VAL A 113 -8.93 -26.08 35.03
C VAL A 113 -8.96 -24.81 35.88
N LYS A 114 -9.29 -23.66 35.27
CA LYS A 114 -9.38 -22.37 35.97
C LYS A 114 -10.35 -22.46 37.15
N ASP A 115 -11.49 -23.09 36.92
CA ASP A 115 -12.42 -23.34 38.02
C ASP A 115 -11.86 -24.23 39.11
N ALA A 116 -11.13 -25.28 38.76
CA ALA A 116 -10.58 -26.17 39.77
C ALA A 116 -9.55 -25.42 40.61
N ILE A 117 -8.80 -24.52 39.98
CA ILE A 117 -7.80 -23.71 40.67
C ILE A 117 -8.40 -22.73 41.68
N VAL A 118 -9.35 -21.89 41.23
CA VAL A 118 -10.16 -21.04 42.10
C VAL A 118 -10.77 -21.81 43.29
N ASP A 119 -11.32 -22.97 43.01
CA ASP A 119 -11.85 -23.82 44.08
C ASP A 119 -10.84 -24.36 45.10
N ALA A 120 -9.54 -24.33 44.81
CA ALA A 120 -8.57 -24.63 45.86
C ALA A 120 -8.51 -23.50 46.90
N PHE A 121 -8.93 -22.28 46.50
CA PHE A 121 -8.97 -21.10 47.37
C PHE A 121 -10.27 -21.01 48.19
N THR A 122 -11.40 -21.21 47.50
CA THR A 122 -12.72 -21.26 48.09
C THR A 122 -12.75 -22.26 49.26
N ARG A 123 -12.44 -23.52 48.96
CA ARG A 123 -12.33 -24.62 49.93
C ARG A 123 -11.35 -24.39 51.09
N LYS A 124 -10.48 -23.40 50.99
CA LYS A 124 -9.66 -22.99 52.14
C LYS A 124 -10.01 -21.58 52.67
N ASN A 125 -11.19 -21.08 52.27
CA ASN A 125 -11.66 -19.74 52.67
C ASN A 125 -10.54 -18.70 52.50
N LEU A 126 -10.10 -18.56 51.24
CA LEU A 126 -9.14 -17.52 50.84
C LEU A 126 -9.76 -16.60 49.78
N PRO A 127 -9.26 -15.36 49.65
CA PRO A 127 -9.73 -14.59 48.49
C PRO A 127 -9.31 -15.27 47.18
N ARG A 128 -10.31 -15.52 46.33
CA ARG A 128 -10.16 -16.07 44.98
C ARG A 128 -9.22 -15.21 44.10
N PRO A 129 -8.25 -15.85 43.41
CA PRO A 129 -7.34 -15.06 42.57
C PRO A 129 -7.99 -14.69 41.25
N ASN A 130 -7.67 -13.51 40.72
CA ASN A 130 -8.25 -13.04 39.48
C ASN A 130 -7.49 -13.58 38.28
N VAL A 131 -8.17 -13.66 37.14
CA VAL A 131 -7.50 -13.96 35.89
C VAL A 131 -7.10 -12.68 35.14
N ASP A 132 -5.92 -12.73 34.54
CA ASP A 132 -5.44 -11.69 33.67
C ASP A 132 -4.79 -12.42 32.48
N ARG A 133 -5.49 -12.44 31.35
CA ARG A 133 -5.06 -13.18 30.19
C ARG A 133 -3.93 -12.42 29.48
N ASP A 134 -3.99 -11.10 29.58
CA ASP A 134 -3.01 -10.22 28.97
C ASP A 134 -1.60 -10.44 29.55
N ALA A 135 -1.46 -10.33 30.86
CA ALA A 135 -0.15 -10.42 31.52
C ALA A 135 -0.25 -11.14 32.87
N PRO A 136 -0.62 -12.43 32.87
CA PRO A 136 -0.80 -13.06 34.18
C PRO A 136 0.54 -13.16 34.92
N ASP A 137 0.52 -13.15 36.25
CA ASP A 137 1.75 -13.40 36.98
C ASP A 137 2.08 -14.90 36.96
N ILE A 138 1.04 -15.71 36.92
CA ILE A 138 1.16 -17.15 36.90
C ILE A 138 0.42 -17.62 35.65
N ARG A 139 1.17 -18.32 34.80
CA ARG A 139 0.62 -18.92 33.61
C ARG A 139 0.70 -20.42 33.76
N VAL A 140 -0.44 -21.09 33.66
CA VAL A 140 -0.46 -22.55 33.67
C VAL A 140 -0.81 -23.13 32.30
N ASN A 141 0.05 -24.04 31.84
CA ASN A 141 -0.18 -24.72 30.60
C ASN A 141 -0.64 -26.11 30.87
N VAL A 142 -1.57 -26.55 30.04
CA VAL A 142 -1.87 -27.94 30.06
C VAL A 142 -1.97 -28.46 28.69
N TRP A 143 -1.35 -29.62 28.51
CA TRP A 143 -1.27 -30.34 27.27
C TRP A 143 -1.95 -31.69 27.42
N LEU A 144 -3.00 -31.90 26.66
CA LEU A 144 -3.79 -33.12 26.68
C LEU A 144 -3.43 -33.90 25.43
N HIS A 145 -2.93 -35.13 25.62
CA HIS A 145 -2.54 -36.03 24.54
C HIS A 145 -3.04 -37.43 24.84
N LYS A 146 -3.70 -38.05 23.87
CA LYS A 146 -4.25 -39.37 24.07
C LYS A 146 -5.18 -39.23 25.30
N GLU A 147 -4.98 -39.99 26.38
CA GLU A 147 -5.80 -39.78 27.58
C GLU A 147 -5.13 -39.01 28.73
N THR A 148 -3.92 -38.49 28.51
CA THR A 148 -3.25 -37.87 29.65
C THR A 148 -3.13 -36.35 29.52
N ALA A 149 -3.64 -35.62 30.53
CA ALA A 149 -3.31 -34.20 30.69
C ALA A 149 -2.01 -33.97 31.47
N SER A 150 -1.10 -33.16 30.96
CA SER A 150 0.09 -32.72 31.73
C SER A 150 0.00 -31.24 32.05
N ILE A 151 0.16 -30.89 33.33
CA ILE A 151 0.03 -29.52 33.81
C ILE A 151 1.43 -29.01 34.10
N ALA A 152 1.70 -27.77 33.74
CA ALA A 152 3.01 -27.21 33.97
C ALA A 152 2.94 -25.70 34.23
N LEU A 153 3.88 -25.18 35.05
CA LEU A 153 4.01 -23.73 35.24
C LEU A 153 4.87 -23.16 34.12
N ASP A 154 4.36 -22.12 33.45
CA ASP A 154 5.14 -21.52 32.43
C ASP A 154 6.12 -20.47 33.04
N LEU A 155 7.40 -20.75 33.00
CA LEU A 155 8.35 -19.87 33.67
C LEU A 155 8.74 -18.70 32.78
N SER A 156 8.51 -18.84 31.49
CA SER A 156 8.91 -17.82 30.56
C SER A 156 8.01 -16.60 30.69
N GLY A 157 6.74 -16.82 31.03
CA GLY A 157 5.79 -15.72 30.89
C GLY A 157 5.45 -15.41 29.43
N ASP A 158 5.74 -14.23 28.90
CA ASP A 158 5.68 -14.03 27.44
C ASP A 158 6.60 -15.06 26.72
N GLY A 159 6.35 -15.30 25.43
CA GLY A 159 7.20 -16.21 24.67
C GLY A 159 8.65 -15.73 24.69
N LEU A 160 9.61 -16.68 24.65
CA LEU A 160 11.00 -16.34 24.88
C LEU A 160 11.63 -15.66 23.67
N HIS A 161 10.98 -15.80 22.51
CA HIS A 161 11.27 -14.99 21.34
C HIS A 161 11.21 -13.48 21.53
N LEU A 162 10.38 -12.98 22.44
CA LEU A 162 10.46 -11.57 22.74
C LEU A 162 11.67 -11.23 23.63
N ARG A 163 12.74 -10.72 23.04
CA ARG A 163 13.95 -10.45 23.78
C ARG A 163 13.95 -9.10 24.50
N GLY A 164 12.90 -8.28 24.32
CA GLY A 164 12.83 -6.88 24.84
C GLY A 164 13.32 -5.81 23.88
N TYR A 165 13.49 -6.14 22.63
CA TYR A 165 13.86 -5.08 21.71
C TYR A 165 12.75 -4.83 20.66
N ARG A 166 11.61 -5.51 20.71
CA ARG A 166 10.59 -5.09 19.75
C ARG A 166 9.33 -4.64 20.44
N ASP A 167 8.20 -5.10 19.95
CA ASP A 167 6.84 -4.81 20.41
C ASP A 167 6.17 -6.18 20.65
N ARG A 168 5.63 -6.42 21.84
CA ARG A 168 4.85 -7.65 22.14
C ARG A 168 3.54 -7.81 21.27
N ALA A 169 3.73 -7.95 19.95
CA ALA A 169 2.70 -7.75 18.84
C ALA A 169 2.83 -6.38 18.15
N GLY A 170 3.62 -6.35 17.09
CA GLY A 170 4.48 -7.48 16.83
C GLY A 170 4.38 -8.18 15.48
N ILE A 171 4.03 -9.46 15.52
CA ILE A 171 4.17 -10.33 14.32
C ILE A 171 5.41 -9.97 13.45
N ALA A 172 6.56 -10.58 13.79
CA ALA A 172 7.79 -10.48 12.97
C ALA A 172 7.68 -11.45 11.77
N PRO A 173 8.28 -11.12 10.63
CA PRO A 173 8.13 -12.14 9.56
C PRO A 173 8.92 -13.43 9.91
N ILE A 174 9.97 -13.33 10.73
CA ILE A 174 10.65 -14.51 11.25
C ILE A 174 10.84 -14.41 12.77
N LYS A 175 10.22 -15.33 13.52
CA LYS A 175 10.38 -15.33 14.94
C LYS A 175 11.87 -15.29 15.35
N GLU A 176 12.14 -14.57 16.42
CA GLU A 176 13.52 -14.52 16.96
C GLU A 176 14.21 -15.88 17.21
N THR A 177 13.49 -16.88 17.69
CA THR A 177 14.03 -18.20 17.93
C THR A 177 14.37 -18.88 16.57
N LEU A 178 13.50 -18.76 15.54
CA LEU A 178 13.83 -19.29 14.24
C LEU A 178 14.99 -18.47 13.66
N ALA A 179 15.03 -17.16 13.84
CA ALA A 179 16.17 -16.40 13.26
C ALA A 179 17.51 -16.73 13.91
N ALA A 180 17.48 -17.12 15.17
CA ALA A 180 18.74 -17.50 15.82
C ALA A 180 19.15 -18.86 15.22
N ALA A 181 18.19 -19.73 14.93
CA ALA A 181 18.60 -20.97 14.28
C ALA A 181 19.33 -20.76 12.93
N ILE A 182 18.75 -19.87 12.11
CA ILE A 182 19.15 -19.57 10.79
C ILE A 182 20.56 -19.08 10.89
N VAL A 183 20.86 -18.21 11.84
CA VAL A 183 22.25 -17.75 12.00
C VAL A 183 23.16 -18.91 12.33
N MET A 184 22.72 -19.85 13.21
CA MET A 184 23.53 -21.00 13.56
C MET A 184 23.75 -21.94 12.40
N ARG A 185 22.77 -22.11 11.51
CA ARG A 185 22.95 -22.98 10.37
C ARG A 185 23.76 -22.32 9.25
N SER A 186 23.92 -21.00 9.28
CA SER A 186 24.35 -20.23 8.10
C SER A 186 25.82 -20.47 7.70
N GLY A 187 26.63 -21.05 8.60
CA GLY A 187 28.06 -21.28 8.34
C GLY A 187 28.81 -20.02 8.75
N TRP A 188 28.07 -19.03 9.20
CA TRP A 188 28.73 -17.75 9.62
C TRP A 188 29.65 -17.91 10.85
N GLN A 189 30.88 -17.42 10.77
CA GLN A 189 31.79 -17.55 11.89
C GLN A 189 31.71 -16.24 12.70
N PRO A 190 31.23 -16.28 13.96
CA PRO A 190 31.21 -15.03 14.78
C PRO A 190 32.56 -14.36 14.74
N GLY A 191 32.59 -13.04 14.58
CA GLY A 191 33.87 -12.30 14.54
C GLY A 191 34.30 -11.99 13.12
N THR A 192 33.47 -12.37 12.14
CA THR A 192 33.80 -12.05 10.77
C THR A 192 32.58 -11.25 10.27
N PRO A 193 32.76 -10.45 9.27
CA PRO A 193 31.65 -9.60 8.83
C PRO A 193 30.42 -10.36 8.39
N LEU A 194 29.26 -9.76 8.65
CA LEU A 194 28.02 -10.32 8.34
C LEU A 194 27.16 -9.25 7.67
N LEU A 195 26.59 -9.60 6.52
CA LEU A 195 25.81 -8.62 5.80
C LEU A 195 24.46 -9.21 5.29
N ASP A 196 23.44 -8.37 5.35
CA ASP A 196 22.10 -8.77 4.92
C ASP A 196 21.52 -7.61 4.08
N PRO A 197 21.42 -7.82 2.75
CA PRO A 197 21.13 -6.63 1.90
C PRO A 197 19.65 -6.55 1.60
N MET A 198 18.90 -7.42 2.22
CA MET A 198 17.41 -7.37 2.21
C MET A 198 16.91 -7.60 3.62
N CYS A 199 17.35 -6.73 4.51
CA CYS A 199 17.32 -7.05 5.94
C CYS A 199 15.98 -6.87 6.65
N GLY A 200 14.97 -6.20 6.05
CA GLY A 200 13.68 -6.16 6.77
C GLY A 200 13.88 -5.42 8.11
N SER A 201 13.18 -5.89 9.14
CA SER A 201 13.28 -5.43 10.54
C SER A 201 14.70 -5.65 11.21
N GLY A 202 15.62 -6.36 10.54
CA GLY A 202 16.97 -6.54 11.02
C GLY A 202 17.17 -7.72 11.93
N THR A 203 16.10 -8.50 12.17
CA THR A 203 16.16 -9.55 13.10
C THR A 203 17.30 -10.55 12.96
N LEU A 204 17.51 -11.08 11.77
CA LEU A 204 18.68 -11.90 11.49
C LEU A 204 20.02 -11.29 11.97
N LEU A 205 20.19 -10.03 11.67
CA LEU A 205 21.45 -9.36 12.04
C LEU A 205 21.51 -9.06 13.58
N ILE A 206 20.35 -8.84 14.23
CA ILE A 206 20.32 -8.55 15.66
C ILE A 206 20.56 -9.80 16.45
N GLU A 207 19.87 -10.91 16.09
CA GLU A 207 20.21 -12.21 16.75
C GLU A 207 21.69 -12.56 16.59
N ALA A 208 22.21 -12.44 15.37
CA ALA A 208 23.62 -12.70 15.12
C ALA A 208 24.49 -11.86 16.07
N ALA A 209 24.17 -10.59 16.23
CA ALA A 209 25.08 -9.67 16.98
C ALA A 209 25.05 -9.99 18.47
N MET A 210 23.85 -10.32 18.94
CA MET A 210 23.67 -10.77 20.32
C MET A 210 24.33 -12.13 20.58
N LEU A 211 24.13 -13.10 19.68
CA LEU A 211 24.89 -14.33 19.80
C LEU A 211 26.40 -14.04 19.87
N ALA A 212 26.93 -13.21 18.97
CA ALA A 212 28.39 -13.05 18.86
C ALA A 212 29.04 -12.23 20.02
N THR A 213 28.29 -11.38 20.69
CA THR A 213 28.86 -10.58 21.80
C THR A 213 28.30 -11.17 23.14
N ASP A 214 27.74 -12.38 23.09
CA ASP A 214 27.51 -13.13 24.32
C ASP A 214 26.51 -12.32 25.09
N ARG A 215 25.51 -11.89 24.35
CA ARG A 215 24.49 -11.05 24.88
C ARG A 215 23.21 -11.89 25.10
N ALA A 216 22.88 -12.07 26.34
CA ALA A 216 21.88 -13.13 26.60
C ALA A 216 20.46 -12.79 26.01
N PRO A 217 19.76 -13.77 25.40
CA PRO A 217 18.39 -13.46 24.91
C PRO A 217 17.52 -12.87 25.99
N GLY A 218 17.86 -13.17 27.24
CA GLY A 218 17.05 -12.69 28.33
C GLY A 218 17.42 -11.34 28.89
N LEU A 219 18.51 -10.77 28.40
CA LEU A 219 19.12 -9.69 29.12
C LEU A 219 18.12 -8.51 29.19
N HIS A 220 17.32 -8.34 28.15
CA HIS A 220 16.55 -7.09 28.09
C HIS A 220 15.08 -7.41 28.24
N ARG A 221 14.76 -8.58 28.71
CA ARG A 221 13.29 -8.89 28.85
C ARG A 221 12.72 -8.23 30.07
N GLY A 222 11.53 -7.68 29.95
CA GLY A 222 10.99 -6.93 31.05
C GLY A 222 10.19 -7.75 32.08
N ARG A 223 9.86 -9.02 31.78
CA ARG A 223 8.85 -9.78 32.58
C ARG A 223 9.04 -11.31 32.47
N TRP A 224 8.82 -12.09 33.53
CA TRP A 224 9.02 -13.54 33.49
C TRP A 224 7.86 -14.21 34.17
N GLY A 225 7.63 -15.50 33.96
CA GLY A 225 6.56 -16.20 34.63
C GLY A 225 6.91 -16.63 36.05
N PHE A 226 8.13 -16.36 36.52
CA PHE A 226 8.47 -16.93 37.78
C PHE A 226 8.18 -15.96 38.93
N SER A 227 7.88 -14.71 38.58
CA SER A 227 7.75 -13.62 39.58
C SER A 227 6.52 -13.70 40.51
N GLY A 228 5.46 -14.39 40.05
CA GLY A 228 4.27 -14.60 40.87
C GLY A 228 4.23 -15.91 41.66
N TRP A 229 5.36 -16.60 41.70
CA TRP A 229 5.41 -17.97 42.20
C TRP A 229 6.25 -18.18 43.46
N ALA A 230 5.66 -18.86 44.46
CA ALA A 230 6.25 -18.93 45.79
C ALA A 230 7.57 -19.66 45.86
N GLN A 231 7.75 -20.66 45.01
CA GLN A 231 9.02 -21.39 45.03
C GLN A 231 10.09 -20.59 44.34
N HIS A 232 9.79 -19.38 43.89
CA HIS A 232 10.83 -18.59 43.17
C HIS A 232 12.03 -18.30 44.09
N ASP A 233 13.24 -18.41 43.55
CA ASP A 233 14.47 -18.07 44.25
C ASP A 233 15.20 -16.83 43.74
N GLU A 234 14.93 -15.71 44.40
CA GLU A 234 15.43 -14.40 43.99
C GLU A 234 16.96 -14.34 44.00
N ALA A 235 17.56 -15.00 44.98
CA ALA A 235 19.03 -14.83 45.11
C ALA A 235 19.74 -15.55 44.00
N ILE A 236 19.25 -16.72 43.64
CA ILE A 236 19.76 -17.43 42.43
C ILE A 236 19.41 -16.66 41.13
N TRP A 237 18.18 -16.19 41.02
CA TRP A 237 17.88 -15.32 39.87
C TRP A 237 18.87 -14.12 39.79
N GLN A 238 19.15 -13.49 40.93
CA GLN A 238 20.05 -12.32 40.97
C GLN A 238 21.45 -12.60 40.47
N GLU A 239 21.95 -13.77 40.81
CA GLU A 239 23.22 -14.25 40.42
C GLU A 239 23.27 -14.59 38.90
N VAL A 240 22.21 -15.20 38.41
CA VAL A 240 22.15 -15.36 36.92
C VAL A 240 22.10 -13.98 36.18
N LYS A 241 21.30 -13.05 36.70
CA LYS A 241 21.21 -11.70 36.15
C LYS A 241 22.56 -11.02 36.15
N ALA A 242 23.33 -11.17 37.24
CA ALA A 242 24.62 -10.35 37.31
C ALA A 242 25.60 -11.08 36.41
N GLU A 243 25.51 -12.43 36.34
CA GLU A 243 26.44 -13.09 35.35
C GLU A 243 26.16 -12.67 33.90
N ALA A 244 24.88 -12.64 33.53
CA ALA A 244 24.52 -12.01 32.25
C ALA A 244 25.06 -10.58 31.98
N GLN A 245 24.95 -9.67 32.94
CA GLN A 245 25.41 -8.31 32.73
C GLN A 245 26.87 -8.35 32.41
N THR A 246 27.63 -9.14 33.19
CA THR A 246 29.08 -9.09 33.11
C THR A 246 29.52 -9.56 31.73
N ARG A 247 28.93 -10.66 31.31
CA ARG A 247 29.31 -11.26 29.98
C ARG A 247 28.86 -10.38 28.82
N ALA A 248 27.72 -9.70 28.97
CA ALA A 248 27.35 -8.78 27.85
C ALA A 248 28.32 -7.65 27.68
N ARG A 249 28.73 -7.08 28.80
CA ARG A 249 29.59 -5.94 28.73
C ARG A 249 30.90 -6.24 28.05
N LYS A 250 31.48 -7.40 28.35
CA LYS A 250 32.74 -7.83 27.84
C LYS A 250 32.60 -8.23 26.39
N GLY A 251 31.52 -8.99 26.08
CA GLY A 251 31.18 -9.34 24.68
C GLY A 251 31.16 -8.12 23.78
N LEU A 252 30.50 -7.06 24.23
CA LEU A 252 30.34 -5.86 23.44
C LEU A 252 31.61 -5.14 23.38
N ALA A 253 32.30 -4.97 24.51
CA ALA A 253 33.52 -4.15 24.53
C ALA A 253 34.60 -4.84 23.69
N GLU A 254 34.58 -6.15 23.62
CA GLU A 254 35.64 -6.79 22.89
C GLU A 254 35.33 -6.96 21.39
N TYR A 255 34.03 -6.95 20.95
CA TYR A 255 33.78 -7.35 19.52
C TYR A 255 34.52 -6.44 18.55
N SER A 256 35.13 -6.99 17.52
CA SER A 256 35.87 -6.10 16.61
C SER A 256 35.38 -6.11 15.17
N SER A 257 34.42 -6.98 14.84
CA SER A 257 33.97 -7.02 13.50
C SER A 257 32.69 -6.16 13.39
N HIS A 258 31.89 -6.30 12.33
CA HIS A 258 30.77 -5.39 12.14
C HIS A 258 29.60 -6.06 11.42
N PHE A 259 28.43 -5.42 11.40
CA PHE A 259 27.27 -5.97 10.76
C PHE A 259 26.75 -4.92 9.86
N TYR A 260 26.29 -5.32 8.66
CA TYR A 260 25.80 -4.40 7.65
C TYR A 260 24.43 -4.84 7.19
N GLY A 261 23.48 -3.95 7.31
CA GLY A 261 22.17 -4.28 6.82
C GLY A 261 21.71 -3.17 5.90
N SER A 262 20.95 -3.58 4.89
CA SER A 262 20.43 -2.66 3.90
C SER A 262 19.19 -3.23 3.37
N ASP A 263 18.30 -2.35 2.92
CA ASP A 263 16.96 -2.72 2.43
C ASP A 263 16.41 -1.49 1.62
N SER A 264 15.53 -1.77 0.63
CA SER A 264 15.06 -0.71 -0.28
C SER A 264 13.99 0.14 0.37
N ASP A 265 13.25 -0.44 1.31
CA ASP A 265 12.15 0.17 1.98
C ASP A 265 12.61 1.03 3.22
N ALA A 266 12.45 2.36 3.18
CA ALA A 266 12.96 3.28 4.25
C ALA A 266 12.24 3.11 5.58
N ARG A 267 10.98 2.69 5.54
CA ARG A 267 10.26 2.40 6.76
C ARG A 267 10.91 1.28 7.60
N VAL A 268 11.05 0.07 7.05
CA VAL A 268 11.71 -1.02 7.76
C VAL A 268 13.07 -0.61 8.25
N ILE A 269 13.85 0.18 7.52
CA ILE A 269 15.19 0.47 7.94
C ILE A 269 15.14 1.34 9.20
N GLN A 270 14.18 2.26 9.29
CA GLN A 270 14.05 3.03 10.53
C GLN A 270 13.66 2.12 11.68
N ARG A 271 12.77 1.14 11.44
CA ARG A 271 12.45 0.20 12.52
C ARG A 271 13.71 -0.65 12.89
N ALA A 272 14.44 -1.15 11.89
CA ALA A 272 15.63 -2.05 12.05
C ALA A 272 16.60 -1.39 13.05
N ARG A 273 16.76 -0.11 12.85
CA ARG A 273 17.70 0.78 13.57
C ARG A 273 17.27 0.99 15.01
N THR A 274 16.02 1.19 15.24
CA THR A 274 15.52 1.29 16.62
C THR A 274 15.53 -0.07 17.33
N ASN A 275 15.12 -1.09 16.62
CA ASN A 275 15.26 -2.45 17.17
C ASN A 275 16.70 -2.81 17.66
N ALA A 276 17.69 -2.51 16.82
CA ALA A 276 19.03 -2.86 17.10
C ALA A 276 19.52 -1.99 18.28
N ARG A 277 19.22 -0.71 18.25
CA ARG A 277 19.55 0.12 19.39
C ARG A 277 19.00 -0.42 20.74
N LEU A 278 17.75 -0.85 20.72
CA LEU A 278 17.12 -1.44 21.91
C LEU A 278 17.67 -2.81 22.31
N ALA A 279 18.25 -3.53 21.34
CA ALA A 279 18.91 -4.76 21.69
C ALA A 279 20.23 -4.57 22.42
N GLY A 280 20.75 -3.36 22.51
CA GLY A 280 22.03 -3.12 23.15
C GLY A 280 23.22 -3.16 22.19
N ILE A 281 22.98 -3.66 20.96
CA ILE A 281 24.11 -3.87 20.05
C ILE A 281 24.19 -2.89 18.86
N GLY A 282 23.47 -1.76 18.99
CA GLY A 282 23.28 -0.88 17.88
C GLY A 282 24.59 -0.35 17.33
N GLU A 283 25.60 -0.14 18.18
CA GLU A 283 26.84 0.40 17.67
C GLU A 283 27.55 -0.63 16.75
N LEU A 284 27.13 -1.90 16.78
CA LEU A 284 27.84 -2.86 15.94
C LEU A 284 27.27 -2.99 14.51
N ILE A 285 26.18 -2.30 14.24
CA ILE A 285 25.52 -2.59 12.99
C ILE A 285 25.22 -1.32 12.26
N THR A 286 25.42 -1.35 10.96
CA THR A 286 25.09 -0.21 10.16
C THR A 286 23.95 -0.58 9.23
N PHE A 287 22.88 0.18 9.30
CA PHE A 287 21.74 0.00 8.41
C PHE A 287 21.70 1.14 7.41
N GLU A 288 21.44 0.86 6.15
CA GLU A 288 21.15 1.90 5.14
C GLU A 288 20.05 1.56 4.16
N VAL A 289 19.44 2.57 3.55
CA VAL A 289 18.35 2.36 2.61
C VAL A 289 19.09 2.26 1.31
N LYS A 290 18.95 1.11 0.63
CA LYS A 290 19.79 0.80 -0.51
C LYS A 290 19.16 -0.40 -1.22
N ASP A 291 19.11 -0.35 -2.55
CA ASP A 291 18.57 -1.46 -3.32
C ASP A 291 19.62 -2.52 -3.54
N VAL A 292 19.24 -3.77 -3.44
CA VAL A 292 20.16 -4.85 -3.84
C VAL A 292 20.94 -4.54 -5.13
N ALA A 293 20.28 -3.94 -6.12
CA ALA A 293 20.98 -3.52 -7.30
C ALA A 293 22.21 -2.66 -7.08
N GLN A 294 22.27 -1.79 -6.07
CA GLN A 294 23.54 -1.09 -5.80
C GLN A 294 24.36 -1.69 -4.66
N LEU A 295 24.11 -2.96 -4.36
CA LEU A 295 24.85 -3.59 -3.29
C LEU A 295 26.32 -3.51 -3.52
N THR A 296 27.06 -3.00 -2.54
CA THR A 296 28.54 -3.15 -2.62
C THR A 296 29.19 -3.82 -1.38
N ASN A 297 30.40 -4.35 -1.57
CA ASN A 297 31.19 -4.95 -0.52
C ASN A 297 31.87 -3.82 0.23
N PRO A 298 31.51 -3.62 1.52
CA PRO A 298 32.10 -2.49 2.27
C PRO A 298 33.53 -2.77 2.64
N LEU A 299 34.01 -3.99 2.38
CA LEU A 299 35.35 -4.47 2.73
C LEU A 299 36.09 -5.11 1.56
N PRO A 300 36.35 -4.32 0.51
CA PRO A 300 36.89 -4.91 -0.70
C PRO A 300 38.26 -5.55 -0.47
N LYS A 301 38.95 -5.19 0.61
CA LYS A 301 40.29 -5.74 0.82
C LYS A 301 40.32 -6.90 1.86
N GLY A 302 39.14 -7.41 2.23
CA GLY A 302 39.01 -8.54 3.21
C GLY A 302 38.74 -7.97 4.60
N PRO A 303 38.49 -8.83 5.63
CA PRO A 303 38.44 -10.28 5.54
C PRO A 303 37.08 -10.71 4.91
N TYR A 304 37.01 -11.96 4.51
CA TYR A 304 35.83 -12.51 3.94
C TYR A 304 34.87 -12.68 5.09
N GLY A 305 33.56 -12.73 4.82
CA GLY A 305 32.54 -13.03 5.83
C GLY A 305 31.35 -13.74 5.21
N THR A 306 30.17 -13.51 5.76
CA THR A 306 29.01 -14.15 5.22
C THR A 306 27.92 -13.17 4.84
N VAL A 307 27.36 -13.37 3.64
CA VAL A 307 26.14 -12.70 3.31
C VAL A 307 24.96 -13.58 3.65
N LEU A 308 24.10 -13.06 4.48
CA LEU A 308 23.01 -13.87 5.02
C LEU A 308 21.76 -13.08 4.71
N SER A 309 20.77 -13.71 4.06
CA SER A 309 19.54 -13.02 3.88
C SER A 309 18.28 -13.87 3.69
N ASN A 310 17.14 -13.21 3.60
CA ASN A 310 15.83 -13.85 3.46
C ASN A 310 14.99 -13.10 2.39
N PRO A 311 15.28 -13.37 1.11
CA PRO A 311 14.75 -12.63 -0.03
C PRO A 311 13.25 -12.76 -0.10
N PRO A 312 12.57 -11.84 -0.84
CA PRO A 312 11.14 -12.01 -1.12
C PRO A 312 10.88 -13.27 -1.91
N TYR A 313 9.67 -13.81 -1.81
CA TYR A 313 9.32 -14.96 -2.65
C TYR A 313 7.99 -14.67 -3.37
N GLY A 314 7.58 -15.57 -4.26
CA GLY A 314 6.38 -15.36 -5.15
C GLY A 314 5.06 -15.35 -4.37
N GLU A 315 4.76 -14.18 -3.77
CA GLU A 315 3.71 -14.02 -2.74
C GLU A 315 2.36 -13.66 -3.37
N SER A 319 5.58 -17.65 -10.60
CA SER A 319 6.51 -17.05 -11.55
C SER A 319 6.31 -15.53 -11.60
N GLU A 320 7.37 -14.81 -11.23
CA GLU A 320 7.39 -13.39 -11.44
C GLU A 320 8.74 -12.87 -11.98
N PRO A 321 8.66 -12.10 -13.06
CA PRO A 321 9.86 -11.58 -13.70
C PRO A 321 10.74 -10.74 -12.80
N ALA A 322 10.10 -10.00 -11.88
CA ALA A 322 10.83 -9.09 -10.98
C ALA A 322 11.61 -9.89 -9.95
N LEU A 323 11.03 -10.98 -9.47
CA LEU A 323 11.74 -11.83 -8.53
C LEU A 323 12.87 -12.58 -9.18
N ILE A 324 12.61 -13.09 -10.39
CA ILE A 324 13.62 -13.84 -11.11
C ILE A 324 14.77 -12.86 -11.35
N ALA A 325 14.44 -11.64 -11.73
CA ALA A 325 15.51 -10.69 -11.99
C ALA A 325 16.23 -10.34 -10.70
N LEU A 326 15.52 -10.29 -9.58
CA LEU A 326 16.17 -9.88 -8.33
C LEU A 326 17.18 -10.98 -7.89
N HIS A 327 16.74 -12.23 -7.97
CA HIS A 327 17.64 -13.37 -7.63
C HIS A 327 18.82 -13.51 -8.57
N SER A 328 18.53 -13.34 -9.85
CA SER A 328 19.58 -13.44 -10.83
C SER A 328 20.69 -12.37 -10.67
N LEU A 329 20.29 -11.16 -10.35
CA LEU A 329 21.23 -10.05 -10.15
C LEU A 329 22.06 -10.21 -8.83
N LEU A 330 21.40 -10.71 -7.81
CA LEU A 330 22.07 -11.04 -6.56
C LEU A 330 23.25 -12.00 -6.78
N GLY A 331 23.00 -13.08 -7.56
CA GLY A 331 24.05 -14.02 -7.87
C GLY A 331 25.19 -13.37 -8.63
N ARG A 332 24.84 -12.57 -9.59
CA ARG A 332 25.84 -11.89 -10.35
C ARG A 332 26.64 -10.94 -9.42
N ILE A 333 25.97 -10.21 -8.52
CA ILE A 333 26.64 -9.32 -7.61
C ILE A 333 27.52 -10.05 -6.54
N MET A 334 27.00 -11.11 -5.94
CA MET A 334 27.88 -12.03 -5.16
C MET A 334 29.22 -12.29 -5.88
N LYS A 335 29.15 -12.79 -7.11
CA LYS A 335 30.35 -13.21 -7.79
C LYS A 335 31.24 -12.05 -8.04
N ASN A 336 30.65 -10.91 -8.30
CA ASN A 336 31.44 -9.78 -8.62
C ASN A 336 32.08 -9.10 -7.43
N GLN A 337 31.30 -8.97 -6.36
CA GLN A 337 31.70 -8.16 -5.24
C GLN A 337 32.21 -8.99 -4.04
N PHE A 338 31.74 -10.22 -3.84
CA PHE A 338 31.93 -10.97 -2.61
C PHE A 338 32.64 -12.31 -2.85
N GLY A 339 33.62 -12.30 -3.73
CA GLY A 339 34.32 -13.51 -4.05
C GLY A 339 35.01 -13.96 -2.77
N GLY A 340 35.01 -15.27 -2.50
CA GLY A 340 35.64 -15.80 -1.27
C GLY A 340 34.68 -15.91 -0.08
N TRP A 341 33.52 -15.27 -0.17
CA TRP A 341 32.61 -15.16 0.97
C TRP A 341 31.70 -16.38 1.05
N ASN A 342 31.12 -16.54 2.23
CA ASN A 342 30.04 -17.52 2.53
C ASN A 342 28.69 -16.84 2.28
N LEU A 343 27.76 -17.56 1.67
CA LEU A 343 26.44 -17.05 1.37
C LEU A 343 25.39 -17.98 1.94
N SER A 344 24.48 -17.46 2.74
CA SER A 344 23.38 -18.27 3.23
C SER A 344 22.07 -17.56 3.00
N LEU A 345 21.06 -18.29 2.53
CA LEU A 345 19.79 -17.71 2.16
C LEU A 345 18.60 -18.55 2.63
N PHE A 346 17.61 -17.88 3.24
CA PHE A 346 16.45 -18.55 3.75
C PHE A 346 15.29 -18.14 2.85
N SER A 347 14.69 -19.10 2.18
CA SER A 347 13.63 -18.76 1.24
C SER A 347 12.46 -19.74 1.23
N ALA A 348 11.28 -19.26 0.88
CA ALA A 348 10.13 -20.11 0.63
C ALA A 348 10.08 -20.52 -0.84
N SER A 349 11.08 -20.11 -1.63
CA SER A 349 11.19 -20.47 -3.05
C SER A 349 12.57 -20.95 -3.54
N PRO A 350 12.86 -22.24 -3.35
CA PRO A 350 14.04 -22.90 -3.92
C PRO A 350 14.27 -22.62 -5.40
N ASP A 351 13.18 -22.57 -6.19
CA ASP A 351 13.33 -22.26 -7.61
C ASP A 351 13.90 -20.86 -7.82
N LEU A 352 13.44 -19.88 -7.06
CA LEU A 352 14.08 -18.57 -7.12
C LEU A 352 15.57 -18.59 -6.71
N LEU A 353 15.90 -19.40 -5.70
CA LEU A 353 17.34 -19.56 -5.32
C LEU A 353 18.13 -20.08 -6.46
N SER A 354 17.50 -20.91 -7.32
CA SER A 354 18.30 -21.43 -8.46
C SER A 354 18.80 -20.32 -9.40
N CYS A 355 18.09 -19.20 -9.46
CA CYS A 355 18.47 -18.09 -10.30
C CYS A 355 19.79 -17.47 -9.94
N LEU A 356 20.28 -17.74 -8.72
CA LEU A 356 21.60 -17.29 -8.37
C LEU A 356 22.74 -17.91 -9.22
N GLN A 357 22.53 -19.10 -9.77
CA GLN A 357 23.58 -19.78 -10.54
C GLN A 357 24.82 -20.12 -9.63
N LEU A 358 24.50 -20.54 -8.41
CA LEU A 358 25.46 -21.10 -7.43
C LEU A 358 24.98 -22.44 -6.97
N ARG A 359 25.94 -23.31 -6.68
CA ARG A 359 25.62 -24.65 -6.17
C ARG A 359 25.74 -24.67 -4.66
N ALA A 360 24.65 -25.02 -3.98
CA ALA A 360 24.66 -25.01 -2.52
C ALA A 360 25.44 -26.27 -2.04
N ASP A 361 26.29 -26.14 -1.02
CA ASP A 361 26.88 -27.33 -0.44
C ASP A 361 26.20 -27.79 0.86
N LYS A 362 25.09 -27.15 1.28
CA LYS A 362 24.36 -27.55 2.48
C LYS A 362 22.98 -26.99 2.43
N GLN A 363 22.00 -27.67 3.01
CA GLN A 363 20.66 -27.13 3.03
C GLN A 363 19.91 -27.64 4.25
N TYR A 364 18.89 -26.87 4.67
CA TYR A 364 18.00 -27.22 5.80
C TYR A 364 16.55 -26.96 5.45
N LYS A 365 15.60 -27.77 5.92
CA LYS A 365 14.16 -27.48 5.73
C LYS A 365 13.65 -26.90 7.04
N ALA A 366 12.80 -25.87 7.01
CA ALA A 366 12.18 -25.34 8.22
C ALA A 366 10.81 -24.82 7.86
N LYS A 367 9.85 -24.93 8.76
CA LYS A 367 8.56 -24.24 8.57
C LYS A 367 8.64 -22.84 9.11
N ASN A 368 8.09 -21.88 8.40
CA ASN A 368 7.91 -20.57 8.95
C ASN A 368 6.40 -20.33 8.97
N GLY A 369 5.78 -20.51 10.15
CA GLY A 369 4.33 -20.57 10.25
C GLY A 369 3.85 -21.67 9.32
N PRO A 370 2.86 -21.38 8.46
CA PRO A 370 2.42 -22.42 7.54
C PRO A 370 3.35 -22.72 6.32
N LEU A 371 4.38 -21.90 6.08
CA LEU A 371 5.17 -22.01 4.84
C LEU A 371 6.42 -22.89 4.99
N ASP A 372 6.60 -23.80 4.04
CA ASP A 372 7.82 -24.58 3.89
C ASP A 372 8.95 -23.71 3.37
N CYS A 373 10.07 -23.67 4.06
CA CYS A 373 11.20 -22.86 3.58
C CYS A 373 12.44 -23.68 3.54
N VAL A 374 13.48 -23.21 2.84
CA VAL A 374 14.73 -23.91 2.92
C VAL A 374 15.80 -22.90 3.18
N GLN A 375 16.88 -23.29 3.84
CA GLN A 375 18.00 -22.41 3.97
C GLN A 375 19.08 -23.17 3.22
N LYS A 376 19.87 -22.48 2.38
CA LYS A 376 20.90 -23.12 1.62
C LYS A 376 22.15 -22.31 1.73
N ASN A 377 23.32 -22.94 1.93
CA ASN A 377 24.59 -22.23 2.02
C ASN A 377 25.45 -22.48 0.82
N TYR A 378 26.26 -21.49 0.45
CA TYR A 378 27.01 -21.55 -0.79
C TYR A 378 28.31 -20.89 -0.54
N HIS A 379 29.32 -21.32 -1.28
CA HIS A 379 30.58 -20.70 -1.30
C HIS A 379 30.75 -19.90 -2.58
N VAL A 380 31.06 -18.61 -2.51
CA VAL A 380 31.30 -17.90 -3.73
C VAL A 380 32.76 -17.86 -4.08
N ALA A 381 33.03 -18.45 -5.24
CA ALA A 381 34.39 -18.56 -5.79
C ALA A 381 35.15 -17.25 -5.78
N GLU A 382 36.43 -17.26 -5.43
CA GLU A 382 37.25 -16.03 -5.65
C GLU A 382 37.37 -15.68 -7.14
N SER A 383 37.59 -14.40 -7.45
CA SER A 383 37.86 -13.88 -8.85
C SER A 383 37.56 -14.81 -10.04
N MET A 391 28.40 -19.56 -17.16
CA MET A 391 27.63 -20.01 -18.34
C MET A 391 26.30 -19.23 -18.59
N VAL A 392 25.18 -19.73 -18.05
CA VAL A 392 23.83 -19.08 -18.04
C VAL A 392 23.00 -19.17 -19.33
N ALA A 393 22.69 -20.39 -19.77
CA ALA A 393 22.01 -20.61 -21.05
C ALA A 393 22.59 -19.69 -22.13
N GLU A 394 23.91 -19.78 -22.33
CA GLU A 394 24.63 -18.89 -23.25
C GLU A 394 24.20 -19.18 -24.69
N ASP A 395 23.59 -20.36 -24.84
CA ASP A 395 23.09 -20.90 -26.06
C ASP A 395 21.97 -19.94 -26.61
N TYR A 396 20.87 -19.91 -25.85
CA TYR A 396 19.83 -18.93 -25.95
C TYR A 396 20.29 -17.48 -25.92
N THR A 397 21.17 -17.14 -24.99
CA THR A 397 21.66 -15.78 -24.93
C THR A 397 22.23 -15.30 -26.26
N ASN A 398 23.15 -16.06 -26.82
CA ASN A 398 23.78 -15.67 -28.07
C ASN A 398 22.79 -15.64 -29.21
N ARG A 399 21.87 -16.60 -29.27
CA ARG A 399 20.92 -16.62 -30.33
C ARG A 399 20.02 -15.35 -30.30
N LEU A 400 19.73 -14.93 -29.09
CA LEU A 400 18.77 -13.91 -28.86
C LEU A 400 19.43 -12.56 -29.13
N ARG A 401 20.70 -12.44 -28.76
CA ARG A 401 21.48 -11.23 -29.06
C ARG A 401 21.61 -11.11 -30.56
N LYS A 402 21.87 -12.22 -31.23
CA LYS A 402 21.86 -12.20 -32.68
C LYS A 402 20.50 -11.71 -33.22
N ASN A 403 19.40 -12.32 -32.76
CA ASN A 403 18.10 -12.04 -33.41
C ASN A 403 17.81 -10.61 -33.13
N LEU A 404 18.34 -10.14 -32.00
CA LEU A 404 18.02 -8.81 -31.58
C LEU A 404 18.67 -7.80 -32.50
N LYS A 405 19.96 -8.05 -32.81
CA LYS A 405 20.68 -7.20 -33.78
C LYS A 405 19.95 -7.26 -35.15
N LYS A 406 19.67 -8.48 -35.61
CA LYS A 406 19.03 -8.63 -36.90
C LYS A 406 17.66 -7.92 -36.95
N PHE A 407 16.75 -8.26 -36.02
CA PHE A 407 15.37 -7.77 -36.13
C PHE A 407 15.16 -6.35 -35.70
N GLU A 408 15.96 -5.85 -34.77
CA GLU A 408 15.84 -4.46 -34.40
C GLU A 408 16.06 -3.56 -35.63
N LYS A 409 17.15 -3.78 -36.37
CA LYS A 409 17.41 -3.10 -37.65
C LYS A 409 16.35 -3.35 -38.72
N TRP A 410 15.91 -4.61 -38.87
CA TRP A 410 14.92 -4.86 -39.86
C TRP A 410 13.62 -4.10 -39.57
N ALA A 411 13.28 -4.03 -38.28
CA ALA A 411 12.02 -3.46 -37.77
C ALA A 411 12.04 -1.95 -37.87
N ARG A 412 13.22 -1.35 -37.67
CA ARG A 412 13.44 0.08 -37.81
C ARG A 412 13.26 0.46 -39.26
N GLN A 413 13.90 -0.28 -40.18
CA GLN A 413 13.62 -0.03 -41.63
C GLN A 413 12.18 -0.23 -42.01
N GLU A 414 11.58 -1.33 -41.60
CA GLU A 414 10.21 -1.54 -42.03
C GLU A 414 9.19 -0.61 -41.44
N GLY A 415 9.53 0.10 -40.34
CA GLY A 415 8.54 0.86 -39.54
C GLY A 415 7.65 0.02 -38.62
N ILE A 416 8.24 -1.02 -38.04
CA ILE A 416 7.49 -2.04 -37.28
C ILE A 416 7.88 -1.96 -35.81
N GLU A 417 6.91 -1.96 -34.90
CA GLU A 417 7.28 -1.99 -33.50
C GLU A 417 6.81 -3.17 -32.66
N CYS A 418 5.92 -3.96 -33.21
CA CYS A 418 5.63 -5.25 -32.66
C CYS A 418 6.12 -6.35 -33.58
N TYR A 419 6.97 -7.23 -33.00
CA TYR A 419 7.52 -8.31 -33.72
C TYR A 419 8.10 -9.43 -32.80
N ARG A 420 8.40 -10.56 -33.42
CA ARG A 420 8.71 -11.80 -32.74
C ARG A 420 10.21 -11.78 -32.69
N LEU A 421 10.74 -11.72 -31.49
CA LEU A 421 12.18 -11.70 -31.34
C LEU A 421 12.82 -13.10 -31.46
N TYR A 422 12.05 -14.11 -31.09
CA TYR A 422 12.58 -15.43 -30.99
C TYR A 422 11.41 -16.33 -31.06
N ASP A 423 11.55 -17.35 -31.85
CA ASP A 423 10.41 -18.20 -32.23
C ASP A 423 10.82 -19.68 -32.10
N ALA A 424 11.17 -20.11 -30.88
CA ALA A 424 11.59 -21.49 -30.63
C ALA A 424 12.70 -21.89 -31.59
N ASP A 425 13.70 -21.05 -31.72
CA ASP A 425 14.74 -21.25 -32.70
C ASP A 425 15.63 -22.45 -32.32
N LEU A 426 16.01 -22.58 -31.05
CA LEU A 426 16.74 -23.75 -30.53
C LEU A 426 15.74 -24.72 -29.88
N PRO A 427 15.76 -26.02 -30.22
CA PRO A 427 14.60 -26.80 -29.69
C PRO A 427 14.67 -27.09 -28.15
N GLU A 428 15.82 -26.83 -27.53
CA GLU A 428 15.94 -26.94 -26.08
C GLU A 428 15.46 -25.66 -25.32
N TYR A 429 15.09 -24.62 -26.07
CA TYR A 429 14.55 -23.36 -25.52
C TYR A 429 13.33 -23.04 -26.35
N ASN A 430 12.28 -23.76 -26.00
CA ASN A 430 11.10 -23.85 -26.79
C ASN A 430 10.01 -22.88 -26.33
N VAL A 431 10.13 -21.67 -26.83
CA VAL A 431 9.46 -20.53 -26.27
C VAL A 431 9.40 -19.53 -27.40
N ALA A 432 8.39 -18.67 -27.35
CA ALA A 432 8.35 -17.47 -28.18
C ALA A 432 8.50 -16.16 -27.36
N VAL A 433 9.26 -15.23 -27.93
CA VAL A 433 9.44 -13.97 -27.31
C VAL A 433 8.99 -12.88 -28.28
N ASP A 434 7.96 -12.15 -27.86
CA ASP A 434 7.36 -11.08 -28.70
C ASP A 434 7.53 -9.73 -28.03
N ARG A 435 7.86 -8.76 -28.84
CA ARG A 435 8.16 -7.47 -28.39
C ARG A 435 6.86 -6.68 -28.81
N TYR A 436 6.25 -5.90 -27.91
CA TYR A 436 5.22 -4.97 -28.29
C TYR A 436 5.61 -3.61 -27.78
N ALA A 437 6.09 -2.76 -28.66
CA ALA A 437 6.66 -1.47 -28.23
C ALA A 437 7.69 -1.73 -27.13
N ASP A 438 7.55 -1.07 -25.98
CA ASP A 438 8.51 -1.22 -24.87
C ASP A 438 8.22 -2.49 -24.01
N TRP A 439 7.13 -3.25 -24.30
CA TRP A 439 6.85 -4.47 -23.53
C TRP A 439 7.40 -5.77 -24.22
N VAL A 440 7.45 -6.89 -23.46
CA VAL A 440 7.88 -8.17 -24.02
C VAL A 440 6.95 -9.24 -23.51
N VAL A 441 6.50 -10.17 -24.34
CA VAL A 441 5.75 -11.28 -23.83
C VAL A 441 6.58 -12.51 -24.16
N VAL A 442 6.80 -13.37 -23.19
CA VAL A 442 7.36 -14.67 -23.45
C VAL A 442 6.32 -15.73 -23.24
N GLN A 443 6.20 -16.56 -24.23
CA GLN A 443 5.14 -17.50 -24.21
C GLN A 443 5.74 -18.90 -24.25
N GLU A 444 5.43 -19.69 -23.22
CA GLU A 444 5.90 -21.06 -23.10
C GLU A 444 5.12 -22.03 -23.95
N TYR A 445 5.80 -23.01 -24.55
CA TYR A 445 5.11 -24.12 -25.26
C TYR A 445 5.30 -25.50 -24.64
N ALA A 446 6.46 -25.72 -24.01
CA ALA A 446 6.97 -27.08 -23.58
C ALA A 446 6.02 -27.95 -22.70
N HIS A 454 9.55 -28.50 -11.60
CA HIS A 454 10.71 -27.84 -10.96
C HIS A 454 11.97 -27.78 -11.87
N LYS A 455 12.34 -28.92 -12.46
CA LYS A 455 13.26 -28.97 -13.61
C LYS A 455 12.82 -27.93 -14.62
N ALA A 456 11.61 -28.12 -15.14
CA ALA A 456 10.99 -27.29 -16.15
C ALA A 456 10.98 -25.84 -15.72
N ARG A 457 10.57 -25.65 -14.48
CA ARG A 457 10.32 -24.34 -13.98
C ARG A 457 11.64 -23.56 -13.91
N GLN A 458 12.69 -24.19 -13.38
CA GLN A 458 13.97 -23.54 -13.35
C GLN A 458 14.57 -23.24 -14.75
N ARG A 459 14.32 -24.09 -15.73
CA ARG A 459 14.70 -23.79 -17.12
C ARG A 459 13.95 -22.55 -17.68
N LEU A 460 12.67 -22.44 -17.33
CA LEU A 460 11.86 -21.31 -17.69
C LEU A 460 12.46 -20.07 -17.03
N PHE A 461 12.75 -20.14 -15.72
CA PHE A 461 13.38 -19.01 -15.02
C PHE A 461 14.67 -18.57 -15.68
N ASP A 462 15.52 -19.52 -16.06
CA ASP A 462 16.74 -19.17 -16.80
C ASP A 462 16.43 -18.44 -18.13
N ILE A 463 15.41 -18.89 -18.82
CA ILE A 463 15.06 -18.25 -20.04
C ILE A 463 14.62 -16.80 -19.79
N ILE A 464 13.69 -16.61 -18.87
CA ILE A 464 13.28 -15.29 -18.42
C ILE A 464 14.45 -14.39 -17.96
N ALA A 465 15.33 -14.89 -17.08
CA ALA A 465 16.49 -14.09 -16.64
C ALA A 465 17.34 -13.65 -17.87
N ALA A 466 17.66 -14.61 -18.74
CA ALA A 466 18.47 -14.36 -19.91
C ALA A 466 17.81 -13.35 -20.88
N THR A 467 16.50 -13.48 -21.04
CA THR A 467 15.81 -12.57 -21.92
C THR A 467 15.71 -11.17 -21.32
N ILE A 468 15.39 -11.05 -20.04
CA ILE A 468 15.48 -9.73 -19.38
C ILE A 468 16.87 -9.11 -19.48
N SER A 469 17.88 -9.95 -19.41
CA SER A 469 19.23 -9.40 -19.43
C SER A 469 19.72 -8.98 -20.87
N VAL A 470 19.51 -9.81 -21.89
CA VAL A 470 19.78 -9.38 -23.27
C VAL A 470 18.97 -8.12 -23.71
N LEU A 471 17.70 -8.04 -23.36
CA LEU A 471 16.91 -6.93 -23.88
C LEU A 471 17.19 -5.62 -23.18
N GLY A 472 17.80 -5.66 -22.02
CA GLY A 472 17.88 -4.48 -21.17
C GLY A 472 16.53 -4.00 -20.69
N ILE A 473 15.49 -4.83 -20.81
CA ILE A 473 14.16 -4.42 -20.42
C ILE A 473 14.04 -4.40 -18.88
N ALA A 474 13.11 -3.61 -18.35
CA ALA A 474 12.74 -3.62 -16.95
C ALA A 474 11.76 -4.79 -16.66
N PRO A 475 12.01 -5.52 -15.57
CA PRO A 475 11.25 -6.72 -15.32
C PRO A 475 9.76 -6.57 -15.36
N ASN A 476 9.23 -5.43 -14.94
CA ASN A 476 7.76 -5.27 -14.80
C ASN A 476 7.03 -5.12 -16.12
N LYS A 477 7.83 -4.84 -17.16
CA LYS A 477 7.46 -4.81 -18.56
C LYS A 477 7.55 -6.18 -19.27
N LEU A 478 7.90 -7.26 -18.57
CA LEU A 478 7.92 -8.57 -19.20
C LEU A 478 6.73 -9.40 -18.75
N VAL A 479 5.99 -9.97 -19.68
CA VAL A 479 4.83 -10.76 -19.32
C VAL A 479 5.06 -12.21 -19.62
N LEU A 480 4.71 -13.09 -18.71
CA LEU A 480 4.96 -14.49 -18.92
C LEU A 480 3.65 -15.18 -19.16
N LYS A 481 3.50 -15.85 -20.29
CA LYS A 481 2.28 -16.63 -20.59
C LYS A 481 2.64 -18.09 -20.46
N THR A 482 2.02 -18.74 -19.50
CA THR A 482 2.52 -20.04 -19.08
C THR A 482 1.73 -21.22 -19.69
N ARG A 483 2.36 -22.38 -19.76
CA ARG A 483 1.66 -23.55 -20.31
C ARG A 483 0.37 -23.88 -19.49
N GLU A 484 0.45 -23.86 -18.15
CA GLU A 484 -0.73 -23.88 -17.24
C GLU A 484 -1.96 -24.54 -17.87
N GLU A 497 -6.72 -12.47 -16.27
CA GLU A 497 -7.69 -11.46 -16.73
C GLU A 497 -8.20 -10.40 -15.68
N LYS A 498 -7.28 -9.47 -15.33
CA LYS A 498 -7.58 -8.13 -14.77
C LYS A 498 -6.58 -7.06 -15.34
N GLY A 499 -7.14 -5.88 -15.71
CA GLY A 499 -6.34 -4.79 -16.28
C GLY A 499 -6.37 -4.26 -17.74
N GLU A 500 -5.15 -4.09 -18.24
CA GLU A 500 -4.71 -2.93 -18.99
C GLU A 500 -4.36 -3.16 -20.43
N PHE A 501 -4.76 -2.20 -21.26
CA PHE A 501 -4.54 -2.23 -22.69
C PHE A 501 -3.40 -1.35 -23.06
N LEU A 502 -2.77 -1.68 -24.15
CA LEU A 502 -1.54 -0.98 -24.52
C LEU A 502 -1.76 -0.57 -25.96
N GLU A 503 -1.32 0.63 -26.26
CA GLU A 503 -1.44 1.23 -27.56
C GLU A 503 -0.10 1.06 -28.26
N VAL A 504 -0.20 0.51 -29.47
CA VAL A 504 0.88 0.06 -30.29
C VAL A 504 0.64 0.57 -31.68
N THR A 505 1.70 0.71 -32.48
CA THR A 505 1.50 1.00 -33.87
C THR A 505 1.95 -0.18 -34.79
N GLU A 506 1.35 -0.26 -35.98
CA GLU A 506 1.79 -1.24 -37.02
C GLU A 506 1.78 -0.50 -38.34
N TYR A 507 2.97 -0.10 -38.81
CA TYR A 507 3.12 0.85 -39.90
C TYR A 507 2.25 2.04 -39.54
N ASN A 508 1.19 2.38 -40.28
CA ASN A 508 0.51 3.57 -39.90
C ASN A 508 -0.67 3.35 -38.98
N ALA A 509 -1.11 2.12 -38.69
CA ALA A 509 -2.23 1.88 -37.78
C ALA A 509 -1.82 2.01 -36.32
N HIS A 510 -2.71 2.55 -35.49
CA HIS A 510 -2.58 2.43 -34.08
C HIS A 510 -3.54 1.36 -33.63
N LEU A 511 -3.11 0.52 -32.71
CA LEU A 511 -3.92 -0.60 -32.31
C LEU A 511 -3.81 -0.73 -30.79
N TRP A 512 -4.90 -1.18 -30.18
CA TRP A 512 -4.90 -1.60 -28.80
C TRP A 512 -4.58 -3.11 -28.70
N VAL A 513 -3.58 -3.45 -27.85
CA VAL A 513 -3.38 -4.84 -27.43
C VAL A 513 -3.57 -5.03 -25.93
N ASN A 514 -3.75 -6.29 -25.53
CA ASN A 514 -3.77 -6.63 -24.13
C ASN A 514 -2.83 -7.86 -23.97
N LEU A 515 -1.78 -7.72 -23.19
CA LEU A 515 -0.77 -8.72 -23.14
C LEU A 515 -1.05 -9.81 -22.12
N THR A 516 -1.99 -9.62 -21.19
CA THR A 516 -2.14 -10.59 -20.12
C THR A 516 -3.45 -11.35 -20.08
N ASP A 517 -4.55 -10.72 -20.47
CA ASP A 517 -5.85 -11.30 -20.15
C ASP A 517 -6.45 -12.32 -21.10
N TYR A 518 -5.81 -12.53 -22.26
CA TYR A 518 -6.47 -13.39 -23.30
C TYR A 518 -5.48 -14.39 -23.77
N LEU A 519 -5.94 -15.47 -24.43
CA LEU A 519 -5.00 -16.48 -24.92
C LEU A 519 -4.06 -15.81 -25.91
N ASP A 520 -4.57 -14.83 -26.67
CA ASP A 520 -3.74 -14.03 -27.55
C ASP A 520 -3.75 -12.57 -27.10
N THR A 521 -3.00 -11.70 -27.78
CA THR A 521 -2.83 -10.37 -27.36
C THR A 521 -3.79 -9.38 -28.05
N GLY A 522 -4.57 -9.84 -29.06
CA GLY A 522 -5.43 -8.99 -29.83
C GLY A 522 -4.75 -8.55 -31.14
N LEU A 523 -3.53 -9.02 -31.42
CA LEU A 523 -2.90 -8.73 -32.70
C LEU A 523 -2.13 -9.96 -33.15
N PHE A 524 -2.46 -10.53 -34.32
CA PHE A 524 -1.71 -11.67 -34.83
C PHE A 524 -0.61 -11.08 -35.67
N LEU A 525 0.58 -11.02 -35.11
CA LEU A 525 1.68 -10.34 -35.74
C LEU A 525 2.16 -10.89 -37.09
N ASP A 526 2.15 -12.20 -37.26
CA ASP A 526 2.70 -12.82 -38.49
C ASP A 526 1.96 -12.38 -39.79
N HIS A 527 0.80 -11.75 -39.67
CA HIS A 527 -0.04 -11.40 -40.84
C HIS A 527 -0.02 -9.90 -41.16
N ARG A 528 0.93 -9.21 -40.57
CA ARG A 528 1.01 -7.83 -40.82
C ARG A 528 1.09 -7.44 -42.28
N ILE A 529 1.76 -8.23 -43.11
CA ILE A 529 1.89 -7.81 -44.53
C ILE A 529 0.57 -7.95 -45.29
N ALA A 530 -0.15 -9.01 -45.02
CA ALA A 530 -1.45 -9.12 -45.69
C ALA A 530 -2.25 -7.87 -45.26
N ARG A 531 -2.02 -7.39 -44.03
CA ARG A 531 -2.83 -6.27 -43.46
C ARG A 531 -2.44 -4.97 -44.14
N ARG A 532 -1.15 -4.71 -44.20
CA ARG A 532 -0.67 -3.62 -44.99
C ARG A 532 -1.16 -3.65 -46.45
N MET A 533 -1.27 -4.83 -47.04
CA MET A 533 -1.74 -4.88 -48.42
C MET A 533 -3.19 -4.47 -48.52
N LEU A 534 -4.07 -4.99 -47.63
CA LEU A 534 -5.42 -4.53 -47.70
C LEU A 534 -5.42 -3.00 -47.71
N GLY A 535 -4.54 -2.40 -46.94
CA GLY A 535 -4.57 -0.97 -46.81
C GLY A 535 -4.15 -0.30 -48.09
N GLN A 536 -3.33 -0.94 -48.91
CA GLN A 536 -2.95 -0.35 -50.20
C GLN A 536 -4.05 -0.60 -51.24
N MET A 537 -4.93 -1.55 -51.00
CA MET A 537 -5.83 -1.93 -52.10
C MET A 537 -7.17 -1.23 -51.88
N SER A 538 -7.26 -0.43 -50.81
CA SER A 538 -8.53 0.03 -50.24
C SER A 538 -9.23 1.35 -50.71
N LYS A 539 -8.50 2.23 -51.39
CA LYS A 539 -9.00 3.57 -51.68
C LYS A 539 -10.37 3.57 -52.40
N GLY A 540 -11.36 4.16 -51.71
CA GLY A 540 -12.75 4.27 -52.15
C GLY A 540 -13.49 2.96 -52.28
N LYS A 541 -12.99 1.88 -51.61
CA LYS A 541 -13.56 0.56 -51.75
C LYS A 541 -14.55 0.33 -50.66
N ASP A 542 -15.60 -0.43 -50.94
CA ASP A 542 -16.40 -1.03 -49.82
C ASP A 542 -15.69 -2.33 -49.32
N PHE A 543 -15.25 -2.33 -48.06
CA PHE A 543 -14.48 -3.39 -47.48
C PHE A 543 -15.34 -4.24 -46.51
N LEU A 544 -15.17 -5.53 -46.52
CA LEU A 544 -15.86 -6.46 -45.59
C LEU A 544 -14.77 -7.31 -44.86
N ASN A 545 -14.91 -7.55 -43.57
CA ASN A 545 -13.93 -8.37 -42.87
C ASN A 545 -14.72 -9.47 -42.14
N LEU A 546 -14.51 -10.74 -42.45
CA LEU A 546 -15.28 -11.82 -41.76
C LEU A 546 -14.32 -12.55 -40.80
N PHE A 547 -14.84 -13.09 -39.67
CA PHE A 547 -14.01 -13.64 -38.56
C PHE A 547 -12.96 -12.58 -38.19
N SER A 548 -13.43 -11.37 -37.87
CA SER A 548 -12.60 -10.18 -37.86
C SER A 548 -11.63 -10.03 -36.69
N TYR A 549 -11.92 -10.76 -35.64
CA TYR A 549 -11.28 -10.70 -34.32
C TYR A 549 -11.30 -9.24 -33.84
N THR A 550 -10.18 -8.70 -33.40
CA THR A 550 -10.15 -7.28 -33.05
C THR A 550 -10.09 -6.25 -34.19
N GLY A 551 -10.34 -6.69 -35.43
CA GLY A 551 -10.61 -5.74 -36.54
C GLY A 551 -9.35 -5.02 -36.97
N SER A 552 -8.19 -5.60 -36.70
CA SER A 552 -6.93 -4.88 -37.13
C SER A 552 -6.80 -4.73 -38.62
N ALA A 553 -7.29 -5.71 -39.37
CA ALA A 553 -7.32 -5.56 -40.83
C ALA A 553 -8.28 -4.39 -41.28
N THR A 554 -9.40 -4.21 -40.56
CA THR A 554 -10.35 -3.12 -40.84
C THR A 554 -9.68 -1.73 -40.62
N VAL A 555 -8.77 -1.65 -39.64
CA VAL A 555 -8.17 -0.42 -39.33
C VAL A 555 -7.29 -0.06 -40.55
N HIS A 556 -6.47 -1.00 -41.05
CA HIS A 556 -5.69 -0.80 -42.29
C HIS A 556 -6.50 -0.41 -43.57
N ALA A 557 -7.61 -1.14 -43.85
CA ALA A 557 -8.58 -0.84 -44.90
C ALA A 557 -9.10 0.61 -44.69
N GLY A 558 -9.59 0.90 -43.46
CA GLY A 558 -10.17 2.19 -43.16
C GLY A 558 -9.22 3.35 -43.50
N LEU A 559 -7.99 3.23 -43.02
CA LEU A 559 -6.95 4.29 -43.20
C LEU A 559 -6.43 4.35 -44.64
N GLY A 560 -6.60 3.27 -45.40
CA GLY A 560 -6.36 3.28 -46.79
C GLY A 560 -7.49 3.98 -47.57
N GLY A 561 -8.46 4.65 -46.92
CA GLY A 561 -9.51 5.38 -47.73
C GLY A 561 -10.73 4.44 -48.09
N ALA A 562 -10.82 3.25 -47.51
CA ALA A 562 -12.12 2.51 -47.65
C ALA A 562 -13.35 3.45 -47.59
N ARG A 563 -14.35 3.26 -48.44
CA ARG A 563 -15.53 4.10 -48.45
C ARG A 563 -16.48 3.62 -47.32
N SER A 564 -16.46 2.33 -47.01
CA SER A 564 -17.24 1.83 -45.89
C SER A 564 -16.55 0.55 -45.43
N THR A 565 -16.66 0.18 -44.17
CA THR A 565 -16.04 -1.06 -43.76
C THR A 565 -17.18 -1.77 -43.03
N THR A 566 -17.17 -3.09 -43.11
CA THR A 566 -18.13 -3.87 -42.39
C THR A 566 -17.25 -4.97 -41.79
N THR A 567 -17.41 -5.15 -40.48
CA THR A 567 -16.54 -5.99 -39.71
C THR A 567 -17.40 -7.00 -38.92
N VAL A 568 -17.18 -8.28 -39.14
CA VAL A 568 -18.06 -9.27 -38.54
C VAL A 568 -17.38 -10.40 -37.79
N ASP A 569 -17.99 -10.84 -36.66
CA ASP A 569 -17.39 -11.77 -35.73
C ASP A 569 -18.48 -12.24 -34.79
N MET A 570 -18.36 -13.43 -34.24
CA MET A 570 -19.43 -13.91 -33.33
C MET A 570 -19.20 -13.36 -31.89
N SER A 571 -17.99 -12.87 -31.63
CA SER A 571 -17.66 -12.51 -30.28
C SER A 571 -17.98 -11.04 -29.96
N ARG A 572 -18.91 -10.83 -29.02
CA ARG A 572 -19.16 -9.44 -28.63
C ARG A 572 -17.96 -8.72 -28.04
N THR A 573 -17.11 -9.42 -27.29
CA THR A 573 -15.92 -8.82 -26.73
C THR A 573 -14.94 -8.33 -27.78
N TYR A 574 -14.66 -9.19 -28.78
CA TYR A 574 -13.75 -8.83 -29.85
C TYR A 574 -14.34 -7.75 -30.76
N LEU A 575 -15.67 -7.71 -30.86
CA LEU A 575 -16.27 -6.61 -31.62
C LEU A 575 -16.19 -5.25 -30.87
N GLU A 576 -16.49 -5.22 -29.58
CA GLU A 576 -16.17 -4.05 -28.78
C GLU A 576 -14.68 -3.61 -28.96
N TRP A 577 -13.76 -4.54 -28.93
CA TRP A 577 -12.33 -4.21 -29.03
C TRP A 577 -12.01 -3.69 -30.43
N ALA A 578 -12.55 -4.30 -31.49
CA ALA A 578 -12.48 -3.77 -32.85
C ALA A 578 -12.97 -2.34 -32.97
N GLU A 579 -14.15 -2.08 -32.41
CA GLU A 579 -14.69 -0.71 -32.42
C GLU A 579 -13.68 0.21 -31.70
N ARG A 580 -13.07 -0.28 -30.62
CA ARG A 580 -12.15 0.62 -29.94
C ARG A 580 -10.89 0.89 -30.84
N ASN A 581 -10.45 -0.14 -31.56
CA ASN A 581 -9.39 0.04 -32.58
C ASN A 581 -9.75 1.05 -33.75
N LEU A 582 -10.96 0.91 -34.34
CA LEU A 582 -11.49 1.85 -35.35
C LEU A 582 -11.49 3.26 -34.77
N ARG A 583 -12.04 3.40 -33.57
CA ARG A 583 -12.07 4.72 -32.87
C ARG A 583 -10.67 5.32 -32.71
N LEU A 584 -9.71 4.46 -32.44
CA LEU A 584 -8.35 4.93 -32.20
C LEU A 584 -7.80 5.61 -33.45
N ASN A 585 -8.33 5.25 -34.62
CA ASN A 585 -7.74 5.79 -35.85
C ASN A 585 -8.76 6.75 -36.53
N GLY A 586 -9.74 7.25 -35.77
CA GLY A 586 -10.67 8.23 -36.31
C GLY A 586 -11.70 7.60 -37.24
N LEU A 587 -11.99 6.30 -37.15
CA LEU A 587 -12.94 5.70 -38.10
C LEU A 587 -14.28 5.39 -37.42
N THR A 588 -15.17 6.38 -37.37
CA THR A 588 -16.45 6.26 -36.67
C THR A 588 -17.55 6.77 -37.57
N GLY A 589 -18.78 6.41 -37.20
CA GLY A 589 -19.93 6.91 -37.94
C GLY A 589 -20.50 5.81 -38.84
N ARG A 590 -21.48 6.24 -39.61
CA ARG A 590 -22.30 5.43 -40.43
C ARG A 590 -21.49 4.50 -41.43
N ALA A 591 -20.39 5.00 -41.98
CA ALA A 591 -19.63 4.23 -42.93
C ALA A 591 -18.88 2.99 -42.31
N HIS A 592 -18.84 2.83 -40.99
CA HIS A 592 -18.01 1.78 -40.35
C HIS A 592 -18.88 0.95 -39.43
N ARG A 593 -19.30 -0.25 -39.89
CA ARG A 593 -20.26 -1.09 -39.19
C ARG A 593 -19.59 -2.31 -38.59
N LEU A 594 -20.18 -2.79 -37.48
CA LEU A 594 -19.74 -3.97 -36.75
C LEU A 594 -20.97 -4.82 -36.49
N ILE A 595 -20.87 -6.12 -36.75
CA ILE A 595 -22.03 -6.95 -36.77
C ILE A 595 -21.62 -8.19 -36.05
N GLN A 596 -22.37 -8.53 -35.04
CA GLN A 596 -22.21 -9.74 -34.34
C GLN A 596 -23.11 -10.83 -34.95
N ALA A 597 -22.47 -11.87 -35.48
CA ALA A 597 -23.13 -13.01 -36.07
C ALA A 597 -22.10 -14.12 -36.23
N ASP A 598 -22.63 -15.33 -36.27
CA ASP A 598 -22.02 -16.46 -36.95
C ASP A 598 -21.80 -16.07 -38.43
N CYS A 599 -20.56 -16.00 -38.88
CA CYS A 599 -20.24 -15.58 -40.25
C CYS A 599 -20.86 -16.45 -41.36
N LEU A 600 -21.02 -17.73 -41.10
CA LEU A 600 -21.57 -18.63 -42.08
C LEU A 600 -23.05 -18.41 -42.33
N ALA A 601 -23.86 -18.25 -41.28
CA ALA A 601 -25.25 -17.88 -41.44
C ALA A 601 -25.31 -16.43 -41.98
N TRP A 602 -24.48 -15.54 -41.48
CA TRP A 602 -24.45 -14.20 -42.12
C TRP A 602 -24.21 -14.23 -43.66
N LEU A 603 -23.30 -15.10 -44.12
CA LEU A 603 -22.99 -15.32 -45.55
C LEU A 603 -24.13 -15.95 -46.34
N ARG A 604 -24.79 -16.93 -45.74
CA ARG A 604 -25.95 -17.51 -46.38
C ARG A 604 -26.96 -16.40 -46.75
N GLU A 605 -27.20 -15.43 -45.86
CA GLU A 605 -28.36 -14.55 -45.93
C GLU A 605 -28.08 -13.18 -46.53
N ALA A 606 -26.82 -12.79 -46.53
CA ALA A 606 -26.44 -11.44 -46.94
C ALA A 606 -26.74 -11.19 -48.43
N ASN A 607 -26.97 -9.92 -48.72
CA ASN A 607 -27.19 -9.35 -50.04
C ASN A 607 -26.20 -8.27 -50.55
N GLU A 608 -25.80 -7.31 -49.73
CA GLU A 608 -24.98 -6.18 -50.22
C GLU A 608 -23.77 -6.64 -50.97
N GLN A 609 -23.03 -5.72 -51.57
CA GLN A 609 -21.88 -6.04 -52.35
C GLN A 609 -20.65 -5.30 -51.81
N PHE A 610 -19.44 -5.89 -51.98
CA PHE A 610 -18.20 -5.25 -51.57
C PHE A 610 -17.18 -5.36 -52.62
N ASP A 611 -16.28 -4.41 -52.61
CA ASP A 611 -15.15 -4.41 -53.56
C ASP A 611 -13.94 -5.21 -53.03
N LEU A 612 -13.80 -5.28 -51.71
CA LEU A 612 -12.59 -5.88 -51.14
C LEU A 612 -13.05 -6.67 -49.93
N ILE A 613 -12.75 -7.94 -49.95
CA ILE A 613 -13.20 -8.82 -48.89
C ILE A 613 -12.03 -9.56 -48.24
N PHE A 614 -11.88 -9.42 -46.93
CA PHE A 614 -10.81 -10.13 -46.19
C PHE A 614 -11.47 -11.20 -45.35
N ILE A 615 -11.03 -12.45 -45.50
CA ILE A 615 -11.65 -13.49 -44.75
C ILE A 615 -10.51 -14.41 -44.29
N ASP A 616 -10.33 -14.51 -42.98
CA ASP A 616 -9.17 -15.19 -42.42
C ASP A 616 -9.59 -15.97 -41.19
N PRO A 617 -10.23 -17.11 -41.41
CA PRO A 617 -10.96 -17.75 -40.34
C PRO A 617 -10.06 -18.66 -39.52
N PRO A 618 -10.56 -19.15 -38.37
CA PRO A 618 -9.78 -20.17 -37.70
C PRO A 618 -9.85 -21.48 -38.49
N THR A 619 -8.90 -22.38 -38.24
CA THR A 619 -9.05 -23.70 -38.84
C THR A 619 -10.28 -24.56 -38.45
N PHE A 620 -10.70 -24.47 -37.18
CA PHE A 620 -12.01 -25.06 -36.77
C PHE A 620 -12.67 -24.07 -35.82
N SER A 621 -14.00 -24.08 -35.74
CA SER A 621 -14.69 -23.42 -34.62
C SER A 621 -15.97 -24.13 -34.10
N ALA A 629 -18.75 -26.40 -35.49
CA ALA A 629 -19.52 -26.47 -36.76
C ALA A 629 -18.79 -25.97 -38.02
N PHE A 630 -17.59 -25.40 -37.90
CA PHE A 630 -16.92 -25.00 -39.14
C PHE A 630 -15.51 -25.58 -39.32
N ASP A 631 -15.20 -26.00 -40.54
CA ASP A 631 -13.94 -26.66 -40.86
C ASP A 631 -13.32 -26.01 -42.11
N VAL A 632 -12.21 -25.31 -41.95
CA VAL A 632 -11.81 -24.59 -43.14
C VAL A 632 -11.57 -25.44 -44.35
N GLN A 633 -10.91 -26.59 -44.18
CA GLN A 633 -10.51 -27.40 -45.29
C GLN A 633 -11.78 -27.86 -45.97
N ARG A 634 -12.67 -28.49 -45.19
CA ARG A 634 -13.96 -29.00 -45.64
C ARG A 634 -14.80 -27.86 -46.30
N ASP A 635 -14.86 -26.67 -45.67
CA ASP A 635 -15.88 -25.72 -46.06
C ASP A 635 -15.46 -24.57 -46.92
N HIS A 636 -14.17 -24.43 -47.23
CA HIS A 636 -13.72 -23.24 -47.93
C HIS A 636 -14.43 -22.99 -49.26
N LEU A 637 -14.78 -24.05 -49.95
CA LEU A 637 -15.33 -23.90 -51.26
C LEU A 637 -16.72 -23.29 -51.16
N ALA A 638 -17.55 -23.85 -50.27
CA ALA A 638 -18.85 -23.29 -49.95
C ALA A 638 -18.79 -21.85 -49.40
N LEU A 639 -17.70 -21.40 -48.74
CA LEU A 639 -17.57 -19.99 -48.38
C LEU A 639 -17.38 -19.19 -49.64
N MET A 640 -16.48 -19.68 -50.52
CA MET A 640 -16.20 -18.93 -51.74
C MET A 640 -17.47 -18.84 -52.62
N LYS A 641 -18.32 -19.85 -52.56
CA LYS A 641 -19.57 -19.83 -53.30
C LYS A 641 -20.49 -18.68 -52.86
N ASP A 642 -20.75 -18.56 -51.56
CA ASP A 642 -21.42 -17.34 -51.00
C ASP A 642 -20.66 -16.04 -51.22
N LEU A 643 -19.36 -16.05 -50.95
CA LEU A 643 -18.59 -14.82 -51.11
C LEU A 643 -18.77 -14.28 -52.53
N LYS A 644 -18.80 -15.18 -53.51
CA LYS A 644 -19.00 -14.80 -54.91
C LYS A 644 -20.21 -13.93 -55.08
N ARG A 645 -21.27 -14.27 -54.36
CA ARG A 645 -22.53 -13.54 -54.46
C ARG A 645 -22.38 -12.06 -53.93
N LEU A 646 -21.37 -11.84 -53.12
CA LEU A 646 -21.19 -10.61 -52.42
C LEU A 646 -20.10 -9.78 -53.11
N LEU A 647 -19.37 -10.36 -54.06
CA LEU A 647 -18.23 -9.67 -54.65
C LEU A 647 -18.70 -8.87 -55.84
N ARG A 648 -18.58 -7.55 -55.72
CA ARG A 648 -18.90 -6.64 -56.81
C ARG A 648 -17.90 -6.84 -57.95
N ALA A 649 -18.37 -6.63 -59.18
CA ALA A 649 -17.55 -6.75 -60.37
C ALA A 649 -16.19 -6.07 -60.17
N GLY A 650 -15.13 -6.65 -60.70
CA GLY A 650 -13.77 -6.08 -60.48
C GLY A 650 -13.20 -6.31 -59.05
N GLY A 651 -13.99 -6.89 -58.13
CA GLY A 651 -13.52 -7.03 -56.73
C GLY A 651 -12.53 -8.16 -56.44
N THR A 652 -11.95 -8.12 -55.25
CA THR A 652 -10.95 -9.12 -54.84
C THR A 652 -11.32 -9.65 -53.50
N ILE A 653 -11.16 -10.96 -53.30
CA ILE A 653 -11.21 -11.56 -52.00
C ILE A 653 -9.81 -11.95 -51.54
N MET A 654 -9.39 -11.52 -50.36
CA MET A 654 -8.12 -11.98 -49.83
C MET A 654 -8.42 -13.03 -48.78
N PHE A 655 -8.14 -14.29 -49.10
CA PHE A 655 -8.51 -15.39 -48.21
C PHE A 655 -7.28 -15.95 -47.60
N SER A 656 -7.34 -16.20 -46.31
CA SER A 656 -6.12 -16.76 -45.69
C SER A 656 -6.42 -17.69 -44.58
N ASN A 657 -5.45 -18.58 -44.28
CA ASN A 657 -5.66 -19.51 -43.15
C ASN A 657 -4.39 -20.11 -42.69
N ASN A 658 -4.46 -20.81 -41.58
CA ASN A 658 -3.23 -21.45 -41.13
C ASN A 658 -3.36 -22.94 -40.80
N LYS A 659 -4.25 -23.62 -41.53
CA LYS A 659 -4.29 -25.05 -41.46
C LYS A 659 -3.01 -25.62 -42.06
N ARG A 660 -2.32 -26.44 -41.27
CA ARG A 660 -1.11 -27.11 -41.72
C ARG A 660 -1.45 -28.03 -42.88
N GLY A 661 -0.73 -27.86 -43.97
CA GLY A 661 -0.96 -28.74 -45.17
C GLY A 661 -2.29 -28.48 -45.86
N PHE A 662 -2.74 -27.22 -45.80
CA PHE A 662 -4.04 -26.86 -46.39
C PHE A 662 -3.99 -27.08 -47.91
N ARG A 663 -5.04 -27.66 -48.47
CA ARG A 663 -5.04 -27.73 -49.91
C ARG A 663 -6.19 -26.91 -50.54
N MET A 664 -5.85 -25.86 -51.30
CA MET A 664 -6.83 -25.10 -52.04
C MET A 664 -7.47 -25.90 -53.18
N ASP A 665 -8.79 -25.87 -53.27
CA ASP A 665 -9.49 -26.67 -54.27
C ASP A 665 -9.68 -25.80 -55.49
N LEU A 666 -8.60 -25.73 -56.25
CA LEU A 666 -8.46 -24.94 -57.43
C LEU A 666 -9.45 -25.34 -58.54
N ASP A 667 -9.87 -26.61 -58.54
CA ASP A 667 -10.85 -27.12 -59.56
C ASP A 667 -12.23 -26.69 -59.16
N GLY A 668 -12.58 -26.89 -57.89
CA GLY A 668 -13.83 -26.34 -57.37
C GLY A 668 -13.98 -24.84 -57.69
N LEU A 669 -12.91 -24.07 -57.51
CA LEU A 669 -12.92 -22.60 -57.72
C LEU A 669 -13.20 -22.24 -59.15
N ALA A 670 -12.48 -22.89 -60.07
CA ALA A 670 -12.62 -22.64 -61.52
C ALA A 670 -14.02 -22.98 -62.01
N LYS A 671 -14.62 -23.97 -61.39
CA LYS A 671 -16.02 -24.34 -61.56
C LYS A 671 -17.00 -23.28 -61.08
N LEU A 672 -16.52 -22.42 -60.19
CA LEU A 672 -17.32 -21.32 -59.66
C LEU A 672 -17.06 -20.08 -60.43
N GLY A 673 -16.19 -20.15 -61.44
CA GLY A 673 -15.78 -19.00 -62.21
C GLY A 673 -14.88 -18.07 -61.40
N LEU A 674 -14.09 -18.62 -60.48
CA LEU A 674 -13.17 -17.82 -59.70
C LEU A 674 -11.77 -18.28 -60.03
N LYS A 675 -10.78 -17.40 -59.99
CA LYS A 675 -9.37 -17.83 -59.93
C LYS A 675 -8.67 -17.31 -58.67
N ALA A 676 -7.54 -17.94 -58.36
CA ALA A 676 -6.85 -17.76 -57.10
C ALA A 676 -5.39 -17.69 -57.39
N GLN A 677 -4.75 -16.64 -56.88
CA GLN A 677 -3.35 -16.44 -57.02
C GLN A 677 -2.79 -16.48 -55.59
N GLU A 678 -1.96 -17.49 -55.33
CA GLU A 678 -1.28 -17.63 -54.05
C GLU A 678 -0.25 -16.50 -53.79
N ILE A 679 -0.32 -15.87 -52.62
CA ILE A 679 0.59 -14.77 -52.30
C ILE A 679 1.35 -14.99 -50.96
N THR A 680 1.23 -16.21 -50.46
CA THR A 680 1.91 -16.67 -49.28
C THR A 680 3.35 -16.24 -49.12
N GLN A 681 4.19 -16.37 -50.15
CA GLN A 681 5.59 -15.97 -49.99
C GLN A 681 5.75 -14.48 -49.80
N LYS A 682 4.95 -13.73 -50.53
CA LYS A 682 4.97 -12.28 -50.55
C LYS A 682 4.44 -11.76 -49.19
N THR A 683 3.56 -12.51 -48.51
CA THR A 683 3.07 -12.04 -47.23
C THR A 683 3.79 -12.62 -45.96
N LEU A 684 4.92 -13.31 -46.15
CA LEU A 684 5.72 -13.83 -45.05
C LEU A 684 6.65 -12.76 -44.46
N SER A 685 6.51 -12.46 -43.18
CA SER A 685 7.42 -11.54 -42.50
C SER A 685 8.73 -12.23 -42.03
N GLN A 686 9.86 -11.51 -42.02
CA GLN A 686 11.13 -12.14 -41.58
C GLN A 686 11.13 -12.73 -40.22
N ASP A 687 10.47 -12.06 -39.28
CA ASP A 687 10.40 -12.54 -37.90
C ASP A 687 9.74 -13.90 -37.71
N PHE A 688 9.05 -14.35 -38.76
CA PHE A 688 8.32 -15.61 -38.72
C PHE A 688 8.78 -16.58 -39.81
N ALA A 689 9.90 -16.25 -40.47
CA ALA A 689 10.36 -17.00 -41.65
C ALA A 689 10.73 -18.49 -41.39
N ARG A 690 11.12 -18.82 -40.16
CA ARG A 690 11.43 -20.18 -39.78
C ARG A 690 10.32 -20.93 -39.00
N ASN A 691 9.16 -20.30 -38.89
CA ASN A 691 8.05 -20.84 -38.09
C ASN A 691 7.41 -22.03 -38.82
N ARG A 692 7.03 -23.07 -38.05
CA ARG A 692 6.32 -24.24 -38.60
C ARG A 692 4.95 -23.86 -39.18
N GLN A 693 4.05 -23.33 -38.34
CA GLN A 693 2.76 -22.81 -38.81
C GLN A 693 2.93 -21.95 -40.10
N ILE A 694 2.36 -22.40 -41.21
CA ILE A 694 2.42 -21.62 -42.42
C ILE A 694 1.08 -20.86 -42.53
N HIS A 695 1.11 -19.57 -42.77
CA HIS A 695 -0.14 -18.80 -42.94
C HIS A 695 -0.41 -18.72 -44.43
N ASN A 696 -1.20 -19.61 -45.02
CA ASN A 696 -1.31 -19.52 -46.48
C ASN A 696 -2.24 -18.38 -46.89
N CYS A 697 -1.88 -17.69 -47.98
CA CYS A 697 -2.60 -16.45 -48.37
C CYS A 697 -2.92 -16.37 -49.87
N TRP A 698 -4.18 -16.00 -50.20
CA TRP A 698 -4.65 -16.01 -51.61
C TRP A 698 -5.44 -14.75 -52.01
N LEU A 699 -5.16 -14.22 -53.21
CA LEU A 699 -6.05 -13.28 -53.89
C LEU A 699 -7.03 -14.04 -54.82
N ILE A 700 -8.34 -14.04 -54.51
CA ILE A 700 -9.33 -14.69 -55.33
C ILE A 700 -10.04 -13.60 -56.20
N THR A 701 -10.26 -13.86 -57.49
CA THR A 701 -10.99 -12.91 -58.34
C THR A 701 -11.80 -13.68 -59.38
N ALA A 702 -12.73 -12.97 -60.05
CA ALA A 702 -13.49 -13.46 -61.24
C ALA A 702 -12.53 -14.12 -62.18
N ALA A 703 -12.90 -15.32 -62.63
CA ALA A 703 -12.03 -16.05 -63.60
C ALA A 703 -11.73 -15.21 -64.86
N MET B 2 -45.30 16.17 -29.09
CA MET B 2 -44.82 16.79 -27.81
C MET B 2 -44.83 15.80 -26.64
N ASN B 3 -43.69 15.15 -26.38
CA ASN B 3 -43.52 14.14 -25.30
C ASN B 3 -43.01 14.69 -23.98
N SER B 4 -43.34 14.00 -22.90
CA SER B 4 -42.91 14.48 -21.61
C SER B 4 -41.85 13.56 -21.01
N LEU B 5 -40.74 14.16 -20.56
CA LEU B 5 -39.58 13.37 -20.08
C LEU B 5 -39.14 13.83 -18.72
N PHE B 6 -38.36 12.99 -18.06
CA PHE B 6 -37.78 13.40 -16.82
C PHE B 6 -36.30 13.11 -16.86
N ALA B 7 -35.49 14.00 -16.29
CA ALA B 7 -34.05 13.75 -16.17
C ALA B 7 -33.60 13.87 -14.71
N SER B 8 -32.97 12.83 -14.19
CA SER B 8 -32.35 12.90 -12.87
C SER B 8 -30.96 13.47 -12.95
N THR B 9 -30.46 13.95 -11.80
CA THR B 9 -29.14 14.57 -11.63
C THR B 9 -28.85 14.51 -10.16
N ALA B 10 -27.62 14.85 -9.80
CA ALA B 10 -27.20 14.90 -8.43
C ALA B 10 -27.63 16.19 -7.74
N ARG B 11 -27.34 16.23 -6.43
CA ARG B 11 -27.35 17.44 -5.56
C ARG B 11 -27.82 18.70 -6.23
N GLY B 12 -27.08 19.79 -6.04
CA GLY B 12 -27.40 21.07 -6.67
C GLY B 12 -26.97 21.22 -8.12
N LEU B 13 -27.27 20.23 -8.94
CA LEU B 13 -27.01 20.37 -10.39
C LEU B 13 -28.27 20.63 -11.16
N GLU B 14 -29.39 20.67 -10.46
CA GLU B 14 -30.68 20.65 -11.13
C GLU B 14 -30.82 21.86 -12.05
N GLU B 15 -30.26 22.98 -11.62
CA GLU B 15 -30.44 24.24 -12.32
C GLU B 15 -29.53 24.33 -13.52
N LEU B 16 -28.30 23.84 -13.42
CA LEU B 16 -27.46 23.75 -14.65
C LEU B 16 -28.11 22.82 -15.67
N LEU B 17 -28.60 21.69 -15.16
CA LEU B 17 -29.32 20.76 -16.00
C LEU B 17 -30.49 21.45 -16.71
N LYS B 18 -31.25 22.27 -15.99
CA LYS B 18 -32.35 22.98 -16.63
C LYS B 18 -31.88 23.86 -17.79
N THR B 19 -30.82 24.64 -17.57
CA THR B 19 -30.26 25.45 -18.65
C THR B 19 -29.83 24.58 -19.85
N GLU B 20 -29.01 23.55 -19.61
CA GLU B 20 -28.48 22.70 -20.72
C GLU B 20 -29.58 22.07 -21.60
N LEU B 21 -30.68 21.66 -20.97
CA LEU B 21 -31.82 21.10 -21.70
C LEU B 21 -32.55 22.13 -22.58
N GLU B 22 -32.66 23.34 -22.05
CA GLU B 22 -33.26 24.44 -22.80
C GLU B 22 -32.36 24.76 -23.96
N ASN B 23 -31.05 24.68 -23.76
CA ASN B 23 -30.13 24.93 -24.88
C ASN B 23 -30.22 23.92 -26.01
N LEU B 24 -30.62 22.71 -25.68
CA LEU B 24 -30.93 21.69 -26.68
C LEU B 24 -32.25 21.87 -27.33
N GLY B 25 -33.08 22.76 -26.79
CA GLY B 25 -34.40 23.06 -27.35
C GLY B 25 -35.55 22.52 -26.51
N ALA B 26 -35.26 22.11 -25.28
CA ALA B 26 -36.29 21.56 -24.43
C ALA B 26 -37.18 22.68 -23.96
N VAL B 27 -38.45 22.33 -23.77
CA VAL B 27 -39.50 23.28 -23.42
C VAL B 27 -40.19 22.85 -22.11
N GLU B 28 -40.76 23.84 -21.41
CA GLU B 28 -41.56 23.62 -20.17
C GLU B 28 -40.82 22.83 -19.11
N CYS B 29 -39.56 23.22 -18.88
CA CYS B 29 -38.68 22.61 -17.87
C CYS B 29 -39.06 22.96 -16.43
N GLN B 30 -39.15 21.95 -15.56
CA GLN B 30 -39.42 22.20 -14.14
C GLN B 30 -38.43 21.51 -13.21
N VAL B 31 -37.55 22.27 -12.58
CA VAL B 31 -36.63 21.74 -11.56
C VAL B 31 -37.43 21.11 -10.41
N VAL B 32 -36.94 19.98 -9.87
CA VAL B 32 -37.59 19.35 -8.72
C VAL B 32 -36.60 18.60 -7.82
N GLN B 33 -35.50 19.23 -7.43
CA GLN B 33 -34.51 18.58 -6.53
C GLN B 33 -34.17 17.13 -6.97
N GLY B 34 -32.97 16.93 -7.49
CA GLY B 34 -32.59 15.62 -8.02
C GLY B 34 -33.11 15.33 -9.42
N GLY B 35 -33.62 16.36 -10.09
CA GLY B 35 -34.06 16.23 -11.48
C GLY B 35 -34.78 17.39 -12.16
N VAL B 36 -35.23 17.14 -13.39
CA VAL B 36 -35.92 18.14 -14.19
C VAL B 36 -36.92 17.42 -15.06
N HIS B 37 -38.16 17.87 -15.06
CA HIS B 37 -39.15 17.41 -16.03
C HIS B 37 -39.06 18.34 -17.23
N PHE B 38 -39.27 17.80 -18.43
CA PHE B 38 -39.29 18.60 -19.66
C PHE B 38 -40.06 17.99 -20.82
N LYS B 39 -40.17 18.76 -21.90
CA LYS B 39 -40.95 18.36 -23.08
C LYS B 39 -40.19 18.64 -24.37
N GLY B 40 -40.51 17.90 -25.41
CA GLY B 40 -39.96 18.16 -26.73
C GLY B 40 -40.48 17.19 -27.77
N ASP B 41 -40.26 17.48 -29.04
CA ASP B 41 -40.62 16.53 -30.10
C ASP B 41 -39.71 15.29 -30.00
N THR B 42 -39.92 14.31 -30.86
CA THR B 42 -39.09 13.14 -30.72
C THR B 42 -37.60 13.39 -31.05
N ARG B 43 -37.29 14.36 -31.94
CA ARG B 43 -35.91 14.75 -32.19
C ARG B 43 -35.26 15.25 -30.92
N LEU B 44 -35.96 16.10 -30.19
CA LEU B 44 -35.49 16.56 -28.88
C LEU B 44 -35.13 15.40 -27.95
N VAL B 45 -35.94 14.36 -27.94
CA VAL B 45 -35.66 13.29 -27.04
C VAL B 45 -34.26 12.70 -27.32
N TYR B 46 -33.98 12.38 -28.57
CA TYR B 46 -32.65 11.86 -28.89
C TYR B 46 -31.52 12.86 -28.62
N GLN B 47 -31.81 14.13 -28.88
CA GLN B 47 -30.81 15.17 -28.82
C GLN B 47 -30.32 15.27 -27.41
N SER B 48 -31.23 15.08 -26.45
CA SER B 48 -30.88 15.30 -25.05
C SER B 48 -30.12 14.11 -24.46
N LEU B 49 -30.49 12.93 -24.91
CA LEU B 49 -29.73 11.72 -24.58
C LEU B 49 -28.30 11.84 -25.12
N MET B 50 -28.18 12.23 -26.38
CA MET B 50 -26.88 12.41 -27.03
C MET B 50 -26.04 13.51 -26.36
N TRP B 51 -26.68 14.59 -25.92
CA TRP B 51 -25.93 15.81 -25.63
C TRP B 51 -25.90 16.26 -24.19
N SER B 52 -26.70 15.65 -23.33
CA SER B 52 -26.66 16.13 -21.96
C SER B 52 -25.48 15.66 -21.11
N ARG B 53 -24.69 16.59 -20.60
CA ARG B 53 -23.49 16.28 -19.86
C ARG B 53 -23.74 16.16 -18.37
N LEU B 54 -24.97 16.47 -17.97
CA LEU B 54 -25.26 16.54 -16.54
C LEU B 54 -26.33 15.57 -16.07
N ALA B 55 -27.17 15.07 -16.96
CA ALA B 55 -28.20 14.13 -16.51
C ALA B 55 -27.54 12.81 -16.06
N SER B 56 -28.16 12.13 -15.10
CA SER B 56 -27.69 10.82 -14.71
C SER B 56 -28.36 9.77 -15.58
N ARG B 57 -29.63 10.03 -15.87
CA ARG B 57 -30.51 9.14 -16.59
C ARG B 57 -31.57 10.05 -17.14
N ILE B 58 -32.17 9.63 -18.24
CA ILE B 58 -33.31 10.32 -18.84
C ILE B 58 -34.38 9.26 -18.97
N MET B 59 -35.64 9.62 -18.76
CA MET B 59 -36.74 8.64 -18.74
C MET B 59 -38.00 9.15 -19.39
N LEU B 60 -38.83 8.20 -19.79
CA LEU B 60 -40.11 8.46 -20.42
C LEU B 60 -41.25 7.99 -19.50
N PRO B 61 -41.88 8.94 -18.76
CA PRO B 61 -43.00 8.48 -17.89
C PRO B 61 -44.07 7.77 -18.73
N LEU B 62 -44.63 6.69 -18.19
CA LEU B 62 -45.58 5.88 -18.93
C LEU B 62 -46.99 5.96 -18.34
N GLY B 63 -47.07 6.39 -17.09
CA GLY B 63 -48.34 6.63 -16.43
C GLY B 63 -48.29 6.27 -14.96
N GLU B 64 -49.21 6.85 -14.19
CA GLU B 64 -49.38 6.53 -12.78
C GLU B 64 -50.64 5.65 -12.64
N CYS B 65 -51.00 5.29 -11.39
CA CYS B 65 -52.20 4.53 -10.98
C CYS B 65 -52.13 4.32 -9.47
N LYS B 66 -53.23 4.61 -8.78
CA LYS B 66 -53.31 4.49 -7.32
C LYS B 66 -53.32 3.01 -6.94
N VAL B 67 -52.37 2.58 -6.10
CA VAL B 67 -52.18 1.15 -5.78
C VAL B 67 -52.41 0.84 -4.29
N TYR B 68 -53.63 0.44 -3.94
CA TYR B 68 -53.91 0.06 -2.55
C TYR B 68 -53.76 -1.46 -2.32
N SER B 69 -53.38 -2.21 -3.36
CA SER B 69 -53.20 -3.67 -3.25
C SER B 69 -52.59 -4.33 -4.48
N ASP B 70 -52.20 -5.60 -4.32
CA ASP B 70 -51.62 -6.46 -5.39
C ASP B 70 -52.40 -6.51 -6.72
N LEU B 71 -53.74 -6.58 -6.63
CA LEU B 71 -54.66 -6.55 -7.80
C LEU B 71 -54.61 -5.21 -8.58
N ASP B 72 -54.69 -4.07 -7.87
CA ASP B 72 -54.52 -2.73 -8.49
C ASP B 72 -53.21 -2.61 -9.28
N LEU B 73 -52.13 -3.11 -8.68
CA LEU B 73 -50.83 -3.16 -9.30
C LEU B 73 -50.87 -3.92 -10.63
N TYR B 74 -51.44 -5.13 -10.56
CA TYR B 74 -51.56 -6.00 -11.73
C TYR B 74 -52.38 -5.35 -12.87
N LEU B 75 -53.64 -5.00 -12.58
CA LEU B 75 -54.51 -4.28 -13.55
C LEU B 75 -53.88 -3.00 -14.15
N GLY B 76 -53.38 -2.11 -13.27
CA GLY B 76 -52.72 -0.88 -13.66
C GLY B 76 -51.49 -1.10 -14.53
N VAL B 77 -50.70 -2.12 -14.21
CA VAL B 77 -49.55 -2.43 -15.04
C VAL B 77 -50.05 -2.97 -16.41
N GLN B 78 -51.19 -3.65 -16.42
CA GLN B 78 -51.76 -4.21 -17.67
C GLN B 78 -52.51 -3.17 -18.56
N ALA B 79 -52.87 -2.02 -17.97
CA ALA B 79 -53.01 -0.81 -18.80
C ALA B 79 -51.61 -0.60 -19.38
N ILE B 80 -51.45 0.11 -20.48
CA ILE B 80 -50.12 0.05 -21.15
C ILE B 80 -50.01 -1.21 -22.01
N ASN B 81 -49.98 -0.99 -23.31
CA ASN B 81 -49.96 -2.07 -24.25
C ASN B 81 -48.52 -2.57 -24.49
N TRP B 82 -47.98 -3.23 -23.46
CA TRP B 82 -46.64 -3.81 -23.52
C TRP B 82 -46.47 -4.63 -24.77
N THR B 83 -47.50 -5.41 -25.11
CA THR B 83 -47.53 -6.22 -26.34
C THR B 83 -47.29 -5.40 -27.63
N GLU B 84 -47.74 -4.14 -27.66
CA GLU B 84 -47.46 -3.25 -28.80
C GLU B 84 -46.07 -2.70 -28.76
N MET B 85 -45.52 -2.58 -27.55
CA MET B 85 -44.27 -1.84 -27.36
C MET B 85 -42.93 -2.57 -27.28
N PHE B 86 -42.91 -3.80 -26.79
CA PHE B 86 -41.68 -4.56 -26.72
C PHE B 86 -41.45 -5.04 -28.14
N ASN B 87 -40.22 -4.96 -28.63
CA ASN B 87 -39.92 -5.62 -29.89
C ASN B 87 -39.98 -7.15 -29.71
N PRO B 88 -40.47 -7.88 -30.73
CA PRO B 88 -40.47 -9.36 -30.67
C PRO B 88 -39.04 -9.82 -30.42
N GLY B 89 -38.77 -10.38 -29.24
CA GLY B 89 -37.39 -10.46 -28.74
C GLY B 89 -36.94 -9.02 -28.44
N ALA B 90 -36.68 -8.70 -27.18
CA ALA B 90 -36.97 -9.58 -26.09
C ALA B 90 -36.77 -8.84 -24.78
N THR B 91 -35.53 -8.78 -24.29
CA THR B 91 -35.25 -8.71 -22.85
C THR B 91 -35.72 -7.47 -22.17
N PHE B 92 -35.97 -7.62 -20.87
CA PHE B 92 -36.37 -6.50 -20.06
C PHE B 92 -35.94 -6.77 -18.63
N ALA B 93 -36.10 -5.77 -17.78
CA ALA B 93 -35.92 -5.89 -16.35
C ALA B 93 -36.65 -4.74 -15.69
N VAL B 94 -37.21 -4.99 -14.50
CA VAL B 94 -37.78 -3.91 -13.71
C VAL B 94 -36.88 -3.52 -12.52
N HIS B 95 -36.82 -2.22 -12.23
CA HIS B 95 -35.85 -1.65 -11.29
C HIS B 95 -36.41 -0.35 -10.71
N ARG B 104 -44.42 -5.60 2.50
CA ARG B 104 -43.32 -6.27 1.81
C ARG B 104 -42.36 -5.28 1.10
N ASN B 105 -41.31 -5.82 0.44
CA ASN B 105 -40.18 -5.04 -0.08
C ASN B 105 -40.24 -4.73 -1.58
N SER B 106 -39.27 -3.97 -2.05
CA SER B 106 -39.23 -3.55 -3.44
C SER B 106 -38.87 -4.69 -4.40
N GLN B 107 -38.30 -5.76 -3.87
CA GLN B 107 -38.08 -6.96 -4.67
C GLN B 107 -39.42 -7.66 -4.97
N TYR B 108 -40.28 -7.76 -3.96
CA TYR B 108 -41.65 -8.26 -4.14
C TYR B 108 -42.37 -7.45 -5.24
N GLY B 109 -42.34 -6.13 -5.11
CA GLY B 109 -42.91 -5.21 -6.11
C GLY B 109 -42.39 -5.41 -7.53
N ALA B 110 -41.09 -5.61 -7.66
CA ALA B 110 -40.46 -5.94 -8.93
C ALA B 110 -40.95 -7.30 -9.50
N MET B 111 -41.13 -8.29 -8.62
CA MET B 111 -41.61 -9.62 -9.03
C MET B 111 -42.99 -9.44 -9.68
N LYS B 112 -43.90 -8.77 -8.97
CA LYS B 112 -45.30 -8.64 -9.42
C LYS B 112 -45.48 -7.82 -10.71
N VAL B 113 -44.67 -6.78 -10.87
CA VAL B 113 -44.64 -6.02 -12.12
C VAL B 113 -44.15 -6.87 -13.30
N LYS B 114 -43.13 -7.70 -13.06
CA LYS B 114 -42.63 -8.58 -14.12
C LYS B 114 -43.76 -9.54 -14.51
N ASP B 115 -44.35 -10.20 -13.52
CA ASP B 115 -45.51 -11.08 -13.68
C ASP B 115 -46.61 -10.43 -14.52
N ALA B 116 -46.86 -9.14 -14.29
CA ALA B 116 -47.96 -8.47 -14.98
C ALA B 116 -47.58 -8.33 -16.46
N ILE B 117 -46.34 -7.90 -16.73
CA ILE B 117 -45.87 -7.72 -18.08
C ILE B 117 -45.88 -9.09 -18.81
N VAL B 118 -45.21 -10.08 -18.21
CA VAL B 118 -45.16 -11.41 -18.79
C VAL B 118 -46.57 -11.92 -19.17
N ASP B 119 -47.47 -12.01 -18.19
CA ASP B 119 -48.83 -12.51 -18.42
C ASP B 119 -49.57 -11.85 -19.59
N ALA B 120 -49.29 -10.56 -19.83
CA ALA B 120 -49.98 -9.84 -20.89
C ALA B 120 -49.69 -10.47 -22.26
N PHE B 121 -48.50 -11.07 -22.36
CA PHE B 121 -48.03 -11.71 -23.59
C PHE B 121 -48.77 -13.03 -23.85
N THR B 122 -48.78 -13.92 -22.86
CA THR B 122 -49.49 -15.22 -22.98
C THR B 122 -51.01 -15.07 -23.16
N ARG B 123 -51.52 -13.84 -23.10
CA ARG B 123 -52.94 -13.57 -23.33
C ARG B 123 -53.20 -12.94 -24.69
N PRO B 127 -46.46 -15.16 -25.97
CA PRO B 127 -45.08 -15.28 -26.43
C PRO B 127 -44.13 -14.61 -25.44
N ARG B 128 -43.94 -15.28 -24.30
CA ARG B 128 -43.42 -14.68 -23.05
C ARG B 128 -42.11 -13.88 -23.17
N PRO B 129 -42.13 -12.64 -22.64
CA PRO B 129 -41.03 -11.66 -22.70
C PRO B 129 -39.59 -12.13 -22.34
N ASN B 130 -39.28 -12.40 -21.06
CA ASN B 130 -37.90 -12.83 -20.67
C ASN B 130 -37.00 -11.82 -19.91
N VAL B 131 -36.95 -11.93 -18.57
CA VAL B 131 -36.23 -10.97 -17.67
C VAL B 131 -34.71 -11.00 -17.78
N ASP B 132 -34.03 -10.32 -16.84
CA ASP B 132 -32.52 -10.24 -16.71
C ASP B 132 -31.87 -8.85 -16.42
N ARG B 133 -31.22 -8.72 -15.26
CA ARG B 133 -30.37 -7.56 -15.00
C ARG B 133 -29.15 -7.63 -15.95
N ASP B 134 -28.32 -6.60 -15.94
CA ASP B 134 -27.20 -6.49 -16.91
C ASP B 134 -27.67 -6.51 -18.35
N ALA B 135 -27.71 -5.33 -18.95
CA ALA B 135 -28.06 -5.13 -20.37
C ALA B 135 -29.49 -5.51 -20.79
N PRO B 136 -30.50 -5.25 -19.95
CA PRO B 136 -31.86 -5.48 -20.44
C PRO B 136 -32.18 -4.54 -21.59
N ASP B 137 -32.80 -5.05 -22.64
CA ASP B 137 -33.20 -4.20 -23.76
C ASP B 137 -34.17 -3.10 -23.32
N ILE B 138 -35.09 -3.47 -22.45
CA ILE B 138 -36.09 -2.55 -21.88
C ILE B 138 -35.92 -2.49 -20.38
N ARG B 139 -35.55 -1.33 -19.87
CA ARG B 139 -35.50 -1.15 -18.44
C ARG B 139 -36.72 -0.32 -18.08
N VAL B 140 -37.69 -0.95 -17.40
CA VAL B 140 -38.85 -0.24 -16.87
C VAL B 140 -38.63 0.10 -15.39
N ASN B 141 -38.85 1.37 -15.07
CA ASN B 141 -38.72 1.89 -13.71
C ASN B 141 -40.05 2.09 -13.02
N VAL B 142 -40.10 1.76 -11.74
CA VAL B 142 -41.29 1.99 -10.92
C VAL B 142 -40.92 2.74 -9.63
N TRP B 143 -41.53 3.92 -9.46
CA TRP B 143 -41.37 4.75 -8.26
C TRP B 143 -42.26 4.26 -7.09
N SER B 150 -46.29 4.74 -10.21
CA SER B 150 -45.70 5.45 -11.36
C SER B 150 -44.58 4.70 -12.13
N ILE B 151 -44.67 4.70 -13.46
CA ILE B 151 -43.73 3.97 -14.31
C ILE B 151 -43.19 4.77 -15.48
N ALA B 152 -41.97 4.43 -15.87
CA ALA B 152 -41.24 5.07 -16.95
C ALA B 152 -40.31 4.08 -17.62
N LEU B 153 -40.21 4.20 -18.93
CA LEU B 153 -39.13 3.57 -19.66
C LEU B 153 -37.81 4.32 -19.37
N ASP B 154 -36.76 3.59 -18.99
CA ASP B 154 -35.43 4.21 -18.83
C ASP B 154 -34.67 4.26 -20.15
N LEU B 155 -34.47 5.47 -20.62
CA LEU B 155 -34.04 5.74 -21.97
C LEU B 155 -32.53 5.70 -22.13
N SER B 156 -31.83 5.89 -21.01
CA SER B 156 -30.40 6.03 -21.05
C SER B 156 -29.69 4.71 -21.20
N GLY B 157 -30.36 3.62 -20.79
CA GLY B 157 -29.70 2.32 -20.70
C GLY B 157 -28.82 2.26 -19.46
N ASP B 158 -27.51 2.41 -19.64
CA ASP B 158 -26.56 2.60 -18.53
C ASP B 158 -26.67 4.04 -18.04
N GLY B 159 -26.07 4.33 -16.88
CA GLY B 159 -25.87 5.72 -16.42
C GLY B 159 -25.19 6.59 -17.51
N LEU B 160 -25.62 7.85 -17.59
CA LEU B 160 -25.18 8.74 -18.64
C LEU B 160 -23.82 9.32 -18.33
N HIS B 161 -23.42 9.29 -17.07
CA HIS B 161 -22.00 9.54 -16.72
C HIS B 161 -21.05 8.61 -17.48
N LEU B 162 -21.54 7.48 -17.97
CA LEU B 162 -20.61 6.56 -18.65
C LEU B 162 -20.51 6.97 -20.11
N ARG B 163 -19.49 7.80 -20.43
CA ARG B 163 -19.34 8.36 -21.78
C ARG B 163 -18.77 7.33 -22.81
N GLY B 164 -18.25 6.21 -22.33
CA GLY B 164 -17.58 5.22 -23.19
C GLY B 164 -16.07 5.27 -23.17
N TYR B 165 -15.46 6.07 -22.31
CA TYR B 165 -14.02 6.17 -22.28
C TYR B 165 -13.37 5.53 -21.08
N ARG B 166 -14.19 4.98 -20.18
CA ARG B 166 -13.61 4.29 -19.03
C ARG B 166 -14.00 2.81 -18.98
N ASP B 167 -14.95 2.46 -18.09
CA ASP B 167 -15.56 1.11 -17.93
C ASP B 167 -16.31 1.00 -16.61
N ILE B 171 -15.86 4.87 -9.09
CA ILE B 171 -14.49 5.02 -8.56
C ILE B 171 -13.43 4.76 -9.64
N ALA B 172 -12.99 5.80 -10.37
CA ALA B 172 -13.61 7.19 -10.48
C ALA B 172 -13.88 8.12 -9.25
N PRO B 173 -12.84 8.85 -8.79
CA PRO B 173 -12.97 9.77 -7.65
C PRO B 173 -14.13 10.76 -7.87
N ILE B 174 -14.19 11.36 -9.08
CA ILE B 174 -15.29 12.26 -9.47
C ILE B 174 -16.05 11.77 -10.70
N LYS B 175 -17.34 11.47 -10.51
CA LYS B 175 -18.29 11.14 -11.53
C LYS B 175 -18.23 12.20 -12.64
N GLU B 176 -18.41 11.73 -13.89
CA GLU B 176 -18.17 12.52 -15.08
C GLU B 176 -19.10 13.71 -15.17
N THR B 177 -20.33 13.53 -14.71
CA THR B 177 -21.36 14.56 -14.78
C THR B 177 -20.99 15.64 -13.78
N LEU B 178 -20.52 15.24 -12.60
CA LEU B 178 -20.02 16.24 -11.63
C LEU B 178 -18.79 17.01 -12.15
N ALA B 179 -17.94 16.29 -12.88
CA ALA B 179 -16.73 16.90 -13.44
C ALA B 179 -17.15 17.84 -14.55
N ALA B 180 -18.27 17.54 -15.21
CA ALA B 180 -18.61 18.42 -16.27
C ALA B 180 -19.01 19.74 -15.64
N ALA B 181 -19.72 19.65 -14.52
CA ALA B 181 -20.23 20.81 -13.80
C ALA B 181 -19.07 21.58 -13.20
N ILE B 182 -18.06 20.88 -12.72
CA ILE B 182 -16.91 21.58 -12.21
C ILE B 182 -16.27 22.44 -13.28
N VAL B 183 -16.12 21.91 -14.49
CA VAL B 183 -15.50 22.70 -15.52
C VAL B 183 -16.41 23.87 -15.97
N MET B 184 -17.72 23.68 -16.05
CA MET B 184 -18.60 24.83 -16.35
C MET B 184 -18.46 25.97 -15.31
N ARG B 185 -18.36 25.59 -14.02
CA ARG B 185 -18.36 26.54 -12.91
C ARG B 185 -17.01 27.19 -12.78
N SER B 186 -16.02 26.64 -13.44
CA SER B 186 -14.62 26.92 -13.13
C SER B 186 -14.21 28.32 -13.60
N GLY B 187 -15.03 28.94 -14.43
CA GLY B 187 -14.66 30.21 -15.01
C GLY B 187 -13.76 30.11 -16.23
N TRP B 188 -13.47 28.87 -16.64
CA TRP B 188 -12.60 28.61 -17.78
C TRP B 188 -13.27 28.92 -19.08
N GLN B 189 -12.50 29.54 -19.95
CA GLN B 189 -12.96 29.84 -21.25
C GLN B 189 -12.43 28.83 -22.34
N PRO B 190 -13.35 28.07 -22.95
CA PRO B 190 -12.97 27.10 -23.98
C PRO B 190 -12.18 27.80 -25.08
N GLY B 191 -11.04 27.21 -25.45
CA GLY B 191 -10.16 27.80 -26.40
C GLY B 191 -8.98 28.48 -25.75
N THR B 192 -8.88 28.39 -24.43
CA THR B 192 -7.71 28.89 -23.74
C THR B 192 -7.06 27.73 -22.98
N PRO B 193 -5.78 27.84 -22.63
CA PRO B 193 -5.13 26.72 -21.95
C PRO B 193 -5.83 26.28 -20.68
N LEU B 194 -5.91 24.98 -20.48
CA LEU B 194 -6.45 24.42 -19.28
C LEU B 194 -5.43 23.44 -18.69
N LEU B 195 -5.04 23.68 -17.44
CA LEU B 195 -3.99 22.92 -16.81
C LEU B 195 -4.40 22.38 -15.45
N ASP B 196 -4.09 21.09 -15.23
CA ASP B 196 -4.38 20.41 -13.98
C ASP B 196 -3.13 19.67 -13.52
N PRO B 197 -2.47 20.15 -12.44
CA PRO B 197 -1.22 19.53 -11.99
C PRO B 197 -1.40 18.44 -10.92
N MET B 198 -2.64 18.05 -10.67
CA MET B 198 -2.94 16.96 -9.77
C MET B 198 -4.10 16.22 -10.41
N CYS B 199 -3.89 15.74 -11.62
CA CYS B 199 -5.01 15.38 -12.48
C CYS B 199 -5.65 14.01 -12.26
N GLY B 200 -4.92 13.10 -11.60
CA GLY B 200 -5.44 11.76 -11.39
C GLY B 200 -5.83 11.08 -12.71
N SER B 201 -7.03 10.49 -12.71
CA SER B 201 -7.61 9.74 -13.85
C SER B 201 -7.83 10.70 -15.02
N GLY B 202 -7.81 12.02 -14.72
CA GLY B 202 -7.81 13.07 -15.76
C GLY B 202 -9.19 13.45 -16.22
N THR B 203 -10.21 12.96 -15.53
CA THR B 203 -11.59 13.24 -15.89
C THR B 203 -11.92 14.71 -16.06
N LEU B 204 -11.33 15.61 -15.25
CA LEU B 204 -11.66 17.06 -15.39
C LEU B 204 -11.20 17.60 -16.77
N LEU B 205 -9.97 17.30 -17.14
CA LEU B 205 -9.49 17.66 -18.46
C LEU B 205 -10.30 16.97 -19.58
N ILE B 206 -10.63 15.71 -19.38
CA ILE B 206 -11.32 14.98 -20.45
C ILE B 206 -12.68 15.57 -20.70
N GLU B 207 -13.44 15.79 -19.62
CA GLU B 207 -14.76 16.42 -19.73
C GLU B 207 -14.63 17.81 -20.38
N ALA B 208 -13.66 18.57 -19.93
CA ALA B 208 -13.39 19.92 -20.50
C ALA B 208 -13.12 19.87 -22.03
N ALA B 209 -12.28 18.95 -22.40
CA ALA B 209 -11.88 18.79 -23.82
C ALA B 209 -13.03 18.32 -24.69
N MET B 210 -13.88 17.47 -24.18
CA MET B 210 -15.08 17.08 -24.89
C MET B 210 -16.04 18.24 -25.05
N LEU B 211 -16.14 19.09 -24.02
CA LEU B 211 -17.03 20.20 -24.04
C LEU B 211 -16.48 21.19 -25.04
N ALA B 212 -15.20 21.51 -24.90
CA ALA B 212 -14.57 22.49 -25.82
C ALA B 212 -14.60 22.14 -27.32
N THR B 213 -14.59 20.86 -27.69
CA THR B 213 -14.48 20.49 -29.09
C THR B 213 -15.82 19.98 -29.54
N ASP B 214 -16.91 20.33 -28.86
CA ASP B 214 -18.25 19.99 -29.36
C ASP B 214 -18.43 18.47 -29.52
N ARG B 215 -17.85 17.71 -28.58
CA ARG B 215 -17.92 16.28 -28.62
C ARG B 215 -18.97 15.77 -27.62
N ALA B 216 -20.00 15.15 -28.16
CA ALA B 216 -21.17 14.74 -27.39
C ALA B 216 -20.86 13.68 -26.37
N PRO B 217 -21.35 13.86 -25.14
CA PRO B 217 -21.13 12.81 -24.12
C PRO B 217 -21.56 11.42 -24.62
N GLY B 218 -22.62 11.36 -25.42
CA GLY B 218 -23.01 10.05 -25.97
C GLY B 218 -22.35 9.60 -27.23
N LEU B 219 -21.34 10.32 -27.73
CA LEU B 219 -20.77 10.00 -29.03
C LEU B 219 -20.25 8.57 -28.95
N HIS B 220 -19.51 8.30 -27.87
CA HIS B 220 -18.80 7.04 -27.79
C HIS B 220 -19.52 6.08 -26.83
N ARG B 221 -20.79 6.32 -26.51
CA ARG B 221 -21.56 5.25 -25.83
C ARG B 221 -21.96 4.08 -26.70
N GLY B 222 -21.93 2.89 -26.11
CA GLY B 222 -22.19 1.64 -26.77
C GLY B 222 -23.62 1.15 -26.66
N ARG B 223 -24.37 1.57 -25.63
CA ARG B 223 -25.77 1.15 -25.53
C ARG B 223 -26.74 2.11 -24.88
N TRP B 224 -27.97 2.00 -25.34
CA TRP B 224 -29.02 2.89 -24.90
C TRP B 224 -30.19 2.04 -24.47
N GLY B 225 -31.16 2.72 -23.88
CA GLY B 225 -32.34 2.09 -23.31
C GLY B 225 -33.49 2.03 -24.27
N PHE B 226 -33.34 2.60 -25.47
CA PHE B 226 -34.45 2.72 -26.42
C PHE B 226 -34.47 1.68 -27.55
N SER B 227 -33.37 0.95 -27.69
CA SER B 227 -33.24 -0.02 -28.78
C SER B 227 -34.32 -1.13 -28.75
N GLY B 228 -34.72 -1.58 -27.56
CA GLY B 228 -35.77 -2.62 -27.44
C GLY B 228 -37.20 -2.17 -27.72
N TRP B 229 -37.43 -0.87 -27.60
CA TRP B 229 -38.74 -0.22 -27.65
C TRP B 229 -39.29 -0.06 -29.06
N ALA B 230 -40.58 -0.30 -29.22
CA ALA B 230 -41.21 -0.24 -30.55
C ALA B 230 -41.52 1.19 -31.00
N GLN B 231 -41.61 2.11 -30.05
CA GLN B 231 -41.81 3.51 -30.38
C GLN B 231 -40.52 4.20 -30.86
N HIS B 232 -39.40 3.48 -30.83
CA HIS B 232 -38.11 3.99 -31.24
C HIS B 232 -38.15 4.50 -32.70
N ASP B 233 -37.46 5.60 -32.99
CA ASP B 233 -37.52 6.15 -34.35
C ASP B 233 -36.10 6.21 -34.90
N GLU B 234 -35.75 5.19 -35.65
CA GLU B 234 -34.40 4.99 -36.12
C GLU B 234 -33.95 6.13 -37.02
N ALA B 235 -34.88 6.62 -37.85
CA ALA B 235 -34.53 7.64 -38.86
C ALA B 235 -33.97 8.87 -38.18
N ILE B 236 -34.68 9.25 -37.14
CA ILE B 236 -34.35 10.44 -36.35
C ILE B 236 -33.10 10.18 -35.49
N TRP B 237 -33.01 8.98 -34.91
CA TRP B 237 -31.80 8.65 -34.17
C TRP B 237 -30.60 8.75 -35.13
N GLN B 238 -30.73 8.18 -36.33
CA GLN B 238 -29.66 8.25 -37.33
C GLN B 238 -29.26 9.69 -37.68
N GLU B 239 -30.23 10.58 -37.95
CA GLU B 239 -29.86 12.00 -38.13
C GLU B 239 -29.16 12.58 -36.91
N VAL B 240 -29.59 12.23 -35.71
CA VAL B 240 -28.92 12.75 -34.48
C VAL B 240 -27.43 12.26 -34.39
N LYS B 241 -27.23 11.00 -34.75
CA LYS B 241 -25.93 10.42 -34.67
C LYS B 241 -25.01 11.03 -35.74
N ALA B 242 -25.54 11.27 -36.95
CA ALA B 242 -24.70 11.91 -38.00
C ALA B 242 -24.26 13.33 -37.63
N GLU B 243 -25.19 14.12 -37.08
CA GLU B 243 -24.88 15.49 -36.64
C GLU B 243 -23.83 15.46 -35.50
N ALA B 244 -24.00 14.55 -34.55
CA ALA B 244 -22.92 14.36 -33.55
C ALA B 244 -21.52 14.07 -34.16
N GLN B 245 -21.46 13.20 -35.17
CA GLN B 245 -20.21 12.84 -35.79
C GLN B 245 -19.64 14.05 -36.46
N THR B 246 -20.48 14.72 -37.25
CA THR B 246 -20.03 15.91 -37.96
C THR B 246 -19.52 16.98 -37.03
N ARG B 247 -20.22 17.21 -35.95
CA ARG B 247 -19.88 18.26 -34.97
C ARG B 247 -18.59 17.92 -34.23
N ALA B 248 -18.45 16.64 -33.91
CA ALA B 248 -17.23 16.19 -33.22
C ALA B 248 -15.98 16.38 -34.12
N ARG B 249 -16.08 15.95 -35.36
CA ARG B 249 -14.96 16.01 -36.28
C ARG B 249 -14.47 17.46 -36.51
N LYS B 250 -15.43 18.33 -36.78
CA LYS B 250 -15.19 19.73 -36.98
C LYS B 250 -14.57 20.33 -35.72
N GLY B 251 -15.15 20.04 -34.54
CA GLY B 251 -14.61 20.64 -33.33
C GLY B 251 -13.20 20.21 -32.99
N LEU B 252 -12.93 18.92 -33.16
CA LEU B 252 -11.59 18.39 -32.92
C LEU B 252 -10.56 19.00 -33.88
N ALA B 253 -10.92 19.09 -35.16
CA ALA B 253 -9.97 19.55 -36.19
C ALA B 253 -9.64 21.06 -36.06
N GLU B 254 -10.61 21.83 -35.57
CA GLU B 254 -10.46 23.30 -35.49
C GLU B 254 -9.78 23.80 -34.21
N TYR B 255 -9.71 22.95 -33.20
CA TYR B 255 -9.31 23.39 -31.87
C TYR B 255 -7.83 23.71 -31.85
N SER B 256 -7.48 24.85 -31.27
CA SER B 256 -6.07 25.27 -31.32
C SER B 256 -5.49 25.55 -29.95
N SER B 257 -6.23 25.34 -28.88
CA SER B 257 -5.55 25.46 -27.61
C SER B 257 -5.07 24.05 -27.16
N HIS B 258 -4.81 23.81 -25.89
CA HIS B 258 -4.26 22.52 -25.49
C HIS B 258 -4.58 22.26 -24.01
N PHE B 259 -4.50 21.01 -23.57
CA PHE B 259 -4.77 20.66 -22.20
C PHE B 259 -3.50 20.05 -21.64
N TYR B 260 -3.17 20.40 -20.40
CA TYR B 260 -1.93 19.94 -19.76
C TYR B 260 -2.30 19.36 -18.44
N GLY B 261 -1.92 18.11 -18.27
CA GLY B 261 -2.33 17.27 -17.17
C GLY B 261 -1.12 16.58 -16.55
N SER B 262 -1.13 16.50 -15.25
CA SER B 262 0.06 16.06 -14.63
C SER B 262 -0.23 15.71 -13.19
N ASP B 263 0.58 14.77 -12.67
CA ASP B 263 0.39 14.09 -11.41
C ASP B 263 1.72 13.37 -11.05
N SER B 264 1.97 13.21 -9.75
CA SER B 264 3.22 12.59 -9.28
C SER B 264 3.16 11.06 -9.30
N ASP B 265 1.94 10.54 -9.39
CA ASP B 265 1.67 9.13 -9.47
C ASP B 265 1.65 8.64 -10.94
N ALA B 266 2.70 7.89 -11.29
CA ALA B 266 2.79 7.18 -12.58
C ALA B 266 1.60 6.26 -12.96
N ARG B 267 1.11 5.43 -12.04
CA ARG B 267 -0.03 4.57 -12.44
C ARG B 267 -1.28 5.35 -12.86
N VAL B 268 -1.59 6.49 -12.23
CA VAL B 268 -2.77 7.26 -12.70
C VAL B 268 -2.55 7.98 -14.00
N ILE B 269 -1.35 8.48 -14.25
CA ILE B 269 -1.04 9.11 -15.50
C ILE B 269 -1.34 8.10 -16.64
N GLN B 270 -0.84 6.85 -16.49
CA GLN B 270 -1.04 5.82 -17.50
C GLN B 270 -2.54 5.57 -17.75
N ARG B 271 -3.35 5.57 -16.70
CA ARG B 271 -4.77 5.36 -16.89
C ARG B 271 -5.41 6.59 -17.55
N ALA B 272 -4.83 7.77 -17.25
CA ALA B 272 -5.35 9.01 -17.82
C ALA B 272 -5.03 9.12 -19.33
N ARG B 273 -3.84 8.72 -19.77
CA ARG B 273 -3.56 8.83 -21.19
C ARG B 273 -4.53 7.92 -21.88
N THR B 274 -4.84 6.78 -21.29
CA THR B 274 -5.67 5.87 -22.05
C THR B 274 -7.15 6.20 -22.07
N ASN B 275 -7.67 6.73 -20.96
CA ASN B 275 -9.04 7.21 -20.90
C ASN B 275 -9.21 8.36 -21.90
N ALA B 276 -8.17 9.19 -22.06
CA ALA B 276 -8.28 10.37 -22.91
C ALA B 276 -8.29 9.93 -24.36
N ARG B 277 -7.49 8.91 -24.60
CA ARG B 277 -7.41 8.28 -25.90
C ARG B 277 -8.77 7.69 -26.24
N LEU B 278 -9.37 6.91 -25.34
CA LEU B 278 -10.66 6.34 -25.68
C LEU B 278 -11.73 7.36 -25.92
N ALA B 279 -11.54 8.59 -25.35
CA ALA B 279 -12.50 9.65 -25.42
C ALA B 279 -12.60 10.31 -26.81
N GLY B 280 -11.59 10.08 -27.63
CA GLY B 280 -11.54 10.63 -28.96
C GLY B 280 -10.62 11.84 -29.01
N ILE B 281 -10.12 12.27 -27.87
CA ILE B 281 -9.58 13.62 -27.73
C ILE B 281 -8.13 13.62 -27.30
N GLY B 282 -7.54 12.44 -27.36
CA GLY B 282 -6.26 12.24 -26.77
C GLY B 282 -5.17 13.12 -27.33
N GLU B 283 -5.22 13.50 -28.59
CA GLU B 283 -4.18 14.41 -29.13
C GLU B 283 -4.23 15.84 -28.56
N LEU B 284 -5.29 16.24 -27.85
CA LEU B 284 -5.32 17.60 -27.37
C LEU B 284 -4.77 17.71 -25.94
N ILE B 285 -4.43 16.58 -25.34
CA ILE B 285 -3.98 16.58 -23.98
C ILE B 285 -2.66 15.89 -23.88
N THR B 286 -1.75 16.54 -23.16
CA THR B 286 -0.44 16.01 -22.78
C THR B 286 -0.47 15.73 -21.29
N PHE B 287 -0.19 14.49 -20.93
CA PHE B 287 0.02 14.14 -19.52
C PHE B 287 1.48 13.90 -19.24
N GLU B 288 1.90 14.24 -18.02
CA GLU B 288 3.25 14.00 -17.47
C GLU B 288 3.18 13.50 -16.02
N VAL B 289 4.15 12.68 -15.64
CA VAL B 289 4.31 12.38 -14.23
C VAL B 289 5.28 13.45 -13.74
N LYS B 290 4.76 14.37 -12.93
CA LYS B 290 5.59 15.27 -12.15
C LYS B 290 4.88 15.73 -10.85
N ASP B 291 5.66 16.23 -9.91
CA ASP B 291 5.11 16.74 -8.67
C ASP B 291 4.73 18.15 -8.96
N VAL B 292 3.65 18.61 -8.33
CA VAL B 292 3.41 20.08 -8.32
C VAL B 292 4.60 20.96 -7.92
N ALA B 293 5.52 20.43 -7.09
CA ALA B 293 6.78 21.15 -6.79
C ALA B 293 7.57 21.62 -8.02
N GLN B 294 7.48 20.87 -9.13
CA GLN B 294 8.20 21.21 -10.39
C GLN B 294 7.30 21.90 -11.42
N LEU B 295 6.14 22.37 -11.00
CA LEU B 295 5.19 22.95 -11.96
C LEU B 295 5.76 24.14 -12.64
N THR B 296 5.55 24.19 -13.95
CA THR B 296 6.01 25.31 -14.77
C THR B 296 4.91 25.71 -15.74
N ASN B 297 4.88 26.99 -16.12
CA ASN B 297 3.94 27.46 -17.10
C ASN B 297 4.40 27.02 -18.48
N PRO B 298 3.60 26.17 -19.18
CA PRO B 298 4.07 25.67 -20.49
C PRO B 298 4.04 26.77 -21.55
N LEU B 299 3.40 27.89 -21.19
CA LEU B 299 3.17 29.02 -22.11
C LEU B 299 3.63 30.36 -21.50
N PRO B 300 4.97 30.53 -21.30
CA PRO B 300 5.44 31.66 -20.51
C PRO B 300 5.01 32.99 -21.06
N LYS B 301 4.92 33.09 -22.39
CA LYS B 301 4.53 34.36 -23.03
C LYS B 301 3.05 34.38 -23.48
N GLY B 302 2.18 33.67 -22.75
CA GLY B 302 0.72 33.68 -23.03
C GLY B 302 0.36 32.67 -24.10
N PRO B 303 -0.95 32.55 -24.44
CA PRO B 303 -2.07 33.25 -23.80
C PRO B 303 -2.32 32.77 -22.34
N TYR B 304 -3.08 33.54 -21.56
CA TYR B 304 -3.46 33.16 -20.20
C TYR B 304 -4.55 32.16 -20.26
N GLY B 305 -4.59 31.26 -19.27
CA GLY B 305 -5.64 30.27 -19.30
C GLY B 305 -6.13 30.03 -17.91
N THR B 306 -6.68 28.84 -17.66
CA THR B 306 -6.94 28.51 -16.29
C THR B 306 -6.27 27.23 -15.73
N VAL B 307 -5.87 27.29 -14.46
CA VAL B 307 -5.51 26.07 -13.79
C VAL B 307 -6.66 25.56 -12.97
N LEU B 308 -7.02 24.32 -13.24
CA LEU B 308 -8.18 23.70 -12.69
C LEU B 308 -7.68 22.41 -12.03
N SER B 309 -8.09 22.12 -10.80
CA SER B 309 -7.58 20.91 -10.21
C SER B 309 -8.44 20.53 -9.03
N ASN B 310 -8.12 19.37 -8.48
CA ASN B 310 -8.82 18.77 -7.36
C ASN B 310 -7.78 18.17 -6.39
N PRO B 311 -7.16 18.99 -5.51
CA PRO B 311 -6.01 18.48 -4.77
C PRO B 311 -6.41 17.57 -3.64
N PRO B 312 -5.46 16.80 -3.08
CA PRO B 312 -5.78 15.92 -1.95
C PRO B 312 -6.27 16.68 -0.70
N TYR B 313 -7.10 15.98 0.07
CA TYR B 313 -7.54 16.36 1.40
C TYR B 313 -6.99 15.32 2.38
N SER B 319 -5.44 19.98 8.75
CA SER B 319 -4.66 19.67 9.96
C SER B 319 -3.55 18.60 9.72
N GLU B 320 -2.75 18.83 8.68
CA GLU B 320 -1.55 18.00 8.37
C GLU B 320 -0.50 18.80 7.53
N PRO B 321 0.80 18.79 7.96
CA PRO B 321 1.90 19.67 7.47
C PRO B 321 2.37 19.51 6.05
N ALA B 322 2.31 18.28 5.53
CA ALA B 322 2.55 18.02 4.14
C ALA B 322 1.53 18.76 3.25
N LEU B 323 0.25 18.71 3.63
CA LEU B 323 -0.81 19.32 2.82
C LEU B 323 -0.72 20.85 2.81
N ILE B 324 -0.32 21.40 3.96
CA ILE B 324 -0.10 22.83 4.08
C ILE B 324 1.02 23.25 3.14
N ALA B 325 2.15 22.54 3.20
CA ALA B 325 3.31 22.87 2.39
C ALA B 325 2.95 22.85 0.91
N LEU B 326 2.07 21.93 0.53
CA LEU B 326 1.69 21.71 -0.87
C LEU B 326 0.81 22.84 -1.43
N HIS B 327 -0.33 23.07 -0.76
CA HIS B 327 -1.29 24.19 -1.07
C HIS B 327 -0.61 25.52 -1.02
N SER B 328 0.25 25.70 -0.02
CA SER B 328 1.05 26.92 0.14
C SER B 328 2.07 27.09 -1.01
N LEU B 329 2.89 26.08 -1.28
CA LEU B 329 3.59 26.08 -2.55
C LEU B 329 2.37 26.11 -3.50
N LEU B 330 2.49 26.29 -4.78
CA LEU B 330 1.22 26.23 -5.58
C LEU B 330 0.68 27.62 -5.55
N GLY B 331 0.20 28.07 -4.39
CA GLY B 331 -0.10 29.47 -4.24
C GLY B 331 1.08 30.27 -4.74
N ARG B 332 2.27 29.91 -4.27
CA ARG B 332 3.53 30.56 -4.65
C ARG B 332 3.78 30.36 -6.13
N ILE B 333 3.72 29.13 -6.60
CA ILE B 333 3.86 28.86 -8.03
C ILE B 333 2.87 29.66 -8.93
N MET B 334 1.60 29.75 -8.51
CA MET B 334 0.58 30.46 -9.28
C MET B 334 0.99 31.92 -9.39
N LYS B 335 1.33 32.59 -8.25
CA LYS B 335 1.66 34.03 -8.30
C LYS B 335 2.90 34.29 -9.13
N ASN B 336 3.87 33.39 -9.05
CA ASN B 336 5.15 33.64 -9.69
C ASN B 336 5.21 33.28 -11.16
N GLN B 337 4.42 32.29 -11.56
CA GLN B 337 4.59 31.80 -12.90
C GLN B 337 3.34 31.84 -13.74
N PHE B 338 2.20 32.05 -13.09
CA PHE B 338 0.89 32.06 -13.76
C PHE B 338 0.12 33.38 -13.58
N GLY B 339 0.83 34.51 -13.47
CA GLY B 339 0.19 35.85 -13.47
C GLY B 339 -0.76 35.93 -14.66
N GLY B 340 -1.97 36.44 -14.44
CA GLY B 340 -3.01 36.57 -15.48
C GLY B 340 -4.02 35.43 -15.59
N TRP B 341 -3.72 34.31 -14.96
CA TRP B 341 -4.48 33.08 -15.11
C TRP B 341 -5.59 33.06 -14.09
N ASN B 342 -6.65 32.38 -14.42
CA ASN B 342 -7.71 32.07 -13.51
C ASN B 342 -7.33 30.75 -12.80
N LEU B 343 -7.83 30.55 -11.59
CA LEU B 343 -7.53 29.37 -10.89
C LEU B 343 -8.81 28.81 -10.30
N SER B 344 -9.00 27.51 -10.40
CA SER B 344 -10.20 26.92 -9.83
C SER B 344 -9.88 25.59 -9.12
N LEU B 345 -10.28 25.48 -7.87
CA LEU B 345 -9.93 24.38 -7.04
C LEU B 345 -11.18 23.78 -6.47
N PHE B 346 -11.21 22.47 -6.49
CA PHE B 346 -12.28 21.68 -5.92
C PHE B 346 -11.73 20.80 -4.80
N SER B 347 -12.19 21.04 -3.56
CA SER B 347 -11.52 20.49 -2.40
C SER B 347 -12.51 20.13 -1.31
N ALA B 348 -12.14 19.08 -0.55
CA ALA B 348 -12.97 18.50 0.49
C ALA B 348 -12.52 19.06 1.84
N SER B 349 -11.44 19.84 1.77
CA SER B 349 -10.90 20.57 2.90
C SER B 349 -10.70 22.02 2.47
N PRO B 350 -11.80 22.79 2.41
CA PRO B 350 -11.81 24.23 2.11
C PRO B 350 -10.74 25.03 2.86
N ASP B 351 -10.51 24.70 4.14
CA ASP B 351 -9.59 25.52 4.94
C ASP B 351 -8.14 25.46 4.43
N LEU B 352 -7.76 24.38 3.75
CA LEU B 352 -6.44 24.33 3.16
C LEU B 352 -6.28 25.28 1.97
N LEU B 353 -7.38 25.57 1.27
CA LEU B 353 -7.30 26.52 0.17
C LEU B 353 -6.74 27.88 0.64
N SER B 354 -7.11 28.27 1.86
CA SER B 354 -6.59 29.47 2.48
C SER B 354 -5.07 29.66 2.36
N CYS B 355 -4.37 28.53 2.34
CA CYS B 355 -2.91 28.52 2.28
C CYS B 355 -2.37 29.12 0.99
N LEU B 356 -3.25 29.31 -0.01
CA LEU B 356 -2.88 29.84 -1.31
C LEU B 356 -2.48 31.33 -1.25
N GLN B 357 -3.12 32.06 -0.33
CA GLN B 357 -2.91 33.51 -0.20
C GLN B 357 -3.58 34.29 -1.36
N LEU B 358 -4.79 33.88 -1.73
CA LEU B 358 -5.59 34.48 -2.82
C LEU B 358 -7.03 34.61 -2.35
N ARG B 359 -7.74 35.65 -2.78
CA ARG B 359 -9.14 35.77 -2.35
C ARG B 359 -9.99 35.06 -3.37
N ALA B 360 -10.96 34.26 -2.90
CA ALA B 360 -11.92 33.60 -3.78
C ALA B 360 -13.01 34.57 -4.29
N ASP B 361 -13.19 34.66 -5.60
CA ASP B 361 -14.21 35.55 -6.19
C ASP B 361 -15.55 34.89 -6.17
N LYS B 362 -15.56 33.56 -6.15
CA LYS B 362 -16.80 32.82 -6.28
C LYS B 362 -16.64 31.42 -5.72
N GLN B 363 -17.75 30.77 -5.38
CA GLN B 363 -17.71 29.44 -4.86
C GLN B 363 -19.04 28.72 -4.93
N TYR B 364 -18.98 27.39 -5.10
CA TYR B 364 -20.15 26.54 -5.17
C TYR B 364 -19.94 25.30 -4.33
N LYS B 365 -20.83 25.09 -3.39
CA LYS B 365 -20.84 23.87 -2.60
C LYS B 365 -21.39 22.74 -3.47
N ALA B 366 -20.84 21.53 -3.29
CA ALA B 366 -21.36 20.31 -3.93
C ALA B 366 -20.96 19.05 -3.18
N LYS B 367 -21.83 18.04 -3.21
CA LYS B 367 -21.48 16.75 -2.59
C LYS B 367 -20.82 15.81 -3.56
N ASN B 368 -19.68 15.28 -3.13
CA ASN B 368 -19.02 14.20 -3.81
C ASN B 368 -19.25 12.89 -3.02
N GLY B 369 -20.50 12.42 -3.12
CA GLY B 369 -21.02 11.32 -2.33
C GLY B 369 -21.08 11.75 -0.87
N PRO B 370 -20.35 11.01 0.00
CA PRO B 370 -20.15 11.32 1.43
C PRO B 370 -19.66 12.75 1.73
N LEU B 371 -18.70 13.27 0.96
CA LEU B 371 -18.07 14.56 1.29
C LEU B 371 -18.84 15.75 0.77
N ASP B 372 -19.00 16.73 1.65
CA ASP B 372 -19.26 18.09 1.22
C ASP B 372 -17.92 18.66 0.71
N CYS B 373 -17.96 19.30 -0.45
CA CYS B 373 -16.75 19.91 -1.02
C CYS B 373 -17.05 21.29 -1.50
N VAL B 374 -16.01 22.08 -1.71
CA VAL B 374 -16.20 23.43 -2.17
C VAL B 374 -15.29 23.70 -3.34
N GLN B 375 -15.82 24.40 -4.36
CA GLN B 375 -15.01 24.87 -5.48
C GLN B 375 -14.86 26.35 -5.39
N LYS B 376 -13.66 26.84 -5.60
CA LYS B 376 -13.37 28.23 -5.33
C LYS B 376 -12.59 28.74 -6.47
N ASN B 377 -12.97 29.92 -6.95
CA ASN B 377 -12.37 30.49 -8.14
C ASN B 377 -11.58 31.68 -7.73
N TYR B 378 -10.44 31.87 -8.35
CA TYR B 378 -9.55 32.96 -7.95
C TYR B 378 -8.94 33.48 -9.18
N HIS B 379 -8.60 34.77 -9.16
CA HIS B 379 -7.82 35.36 -10.23
C HIS B 379 -6.42 35.61 -9.77
N VAL B 380 -5.46 35.25 -10.59
CA VAL B 380 -4.12 35.60 -10.17
C VAL B 380 -3.60 36.75 -10.96
N ALA B 381 -3.22 37.81 -10.24
CA ALA B 381 -2.98 39.09 -10.88
C ALA B 381 -1.70 39.03 -11.67
N GLU B 382 -1.66 39.78 -12.76
CA GLU B 382 -0.40 40.14 -13.47
C GLU B 382 0.70 40.71 -12.52
N SER B 383 1.44 41.74 -12.95
CA SER B 383 2.66 42.16 -12.22
C SER B 383 3.31 43.48 -12.70
N GLU B 394 7.73 39.64 6.17
CA GLU B 394 7.15 39.00 7.36
C GLU B 394 8.11 38.84 8.50
N ASP B 395 7.66 39.42 9.61
CA ASP B 395 8.44 39.55 10.81
C ASP B 395 8.77 38.20 11.42
N TYR B 396 7.91 37.21 11.20
CA TYR B 396 8.11 35.87 11.72
C TYR B 396 9.26 35.19 11.01
N THR B 397 9.19 35.17 9.70
CA THR B 397 10.28 34.61 8.90
C THR B 397 11.61 35.24 9.34
N ASN B 398 11.59 36.55 9.47
CA ASN B 398 12.77 37.31 9.82
C ASN B 398 13.25 37.03 11.22
N ARG B 399 12.34 36.91 12.16
CA ARG B 399 12.74 36.54 13.49
C ARG B 399 13.35 35.10 13.55
N LEU B 400 12.67 34.15 12.92
CA LEU B 400 13.04 32.77 12.99
C LEU B 400 14.43 32.60 12.41
N ARG B 401 14.71 33.34 11.35
CA ARG B 401 16.02 33.33 10.70
C ARG B 401 17.06 33.88 11.61
N LYS B 402 16.80 35.08 12.13
CA LYS B 402 17.67 35.68 13.13
C LYS B 402 18.02 34.63 14.25
N ASN B 403 17.00 34.05 14.87
CA ASN B 403 17.12 32.98 15.88
C ASN B 403 17.95 31.78 15.43
N LEU B 404 17.74 31.34 14.19
CA LEU B 404 18.44 30.17 13.64
C LEU B 404 19.94 30.41 13.65
N LYS B 405 20.38 31.53 13.11
CA LYS B 405 21.81 31.84 13.11
C LYS B 405 22.42 31.83 14.54
N LYS B 406 21.81 32.59 15.47
CA LYS B 406 22.30 32.75 16.82
C LYS B 406 22.27 31.46 17.71
N PHE B 407 21.23 30.65 17.58
CA PHE B 407 21.12 29.45 18.37
C PHE B 407 21.91 28.32 17.76
N GLU B 408 22.17 28.37 16.45
CA GLU B 408 23.00 27.33 15.87
C GLU B 408 24.44 27.50 16.39
N LYS B 409 24.98 28.72 16.34
CA LYS B 409 26.30 28.96 16.94
C LYS B 409 26.33 28.55 18.45
N TRP B 410 25.32 28.97 19.19
CA TRP B 410 25.21 28.65 20.62
C TRP B 410 25.16 27.16 20.96
N ALA B 411 24.32 26.38 20.29
CA ALA B 411 24.32 24.92 20.40
C ALA B 411 25.55 24.55 19.60
N ARG B 412 26.28 23.52 19.95
CA ARG B 412 27.59 23.37 19.26
C ARG B 412 28.62 23.97 20.19
N GLN B 413 28.64 25.28 20.36
CA GLN B 413 29.41 25.81 21.50
C GLN B 413 29.02 25.05 22.80
N GLU B 414 27.71 24.95 23.11
CA GLU B 414 27.19 24.17 24.24
C GLU B 414 27.22 22.63 24.16
N GLY B 415 27.15 22.06 22.95
CA GLY B 415 27.19 20.61 22.76
C GLY B 415 25.79 20.00 22.84
N ILE B 416 24.83 20.62 22.16
CA ILE B 416 23.43 20.26 22.30
C ILE B 416 22.71 20.22 20.97
N GLU B 417 21.64 19.44 20.86
CA GLU B 417 20.92 19.35 19.60
C GLU B 417 19.39 19.43 19.67
N CYS B 418 18.86 19.67 20.84
CA CYS B 418 17.45 19.85 20.97
C CYS B 418 17.27 21.14 21.74
N TYR B 419 16.64 22.11 21.10
CA TYR B 419 16.51 23.41 21.70
C TYR B 419 15.40 24.18 21.05
N ARG B 420 15.00 25.25 21.69
CA ARG B 420 13.86 26.07 21.23
C ARG B 420 14.36 27.06 20.20
N LEU B 421 13.84 26.95 19.00
CA LEU B 421 14.13 27.96 17.99
C LEU B 421 13.45 29.28 18.20
N TYR B 422 12.26 29.20 18.75
CA TYR B 422 11.41 30.34 18.74
C TYR B 422 10.45 30.11 19.86
N ASP B 423 10.27 31.15 20.67
CA ASP B 423 9.61 31.08 21.97
C ASP B 423 8.63 32.21 22.05
N ALA B 424 7.67 32.19 21.12
CA ALA B 424 6.65 33.25 21.02
C ALA B 424 7.25 34.64 21.21
N ASP B 425 8.42 34.85 20.57
CA ASP B 425 9.17 36.10 20.63
C ASP B 425 8.31 37.32 20.21
N LEU B 426 7.46 37.13 19.21
CA LEU B 426 6.57 38.14 18.64
C LEU B 426 5.14 37.87 19.08
N PRO B 427 4.50 38.84 19.79
CA PRO B 427 3.15 38.68 20.40
C PRO B 427 2.06 38.17 19.43
N GLU B 428 2.15 38.58 18.17
CA GLU B 428 1.19 38.15 17.18
C GLU B 428 1.49 36.75 16.53
N TYR B 429 2.65 36.16 16.82
CA TYR B 429 2.97 34.77 16.36
C TYR B 429 3.27 33.95 17.60
N ASN B 430 2.19 33.42 18.17
CA ASN B 430 2.17 32.93 19.52
C ASN B 430 2.37 31.44 19.49
N VAL B 431 3.62 31.08 19.27
CA VAL B 431 3.98 29.73 18.97
C VAL B 431 5.36 29.44 19.59
N ALA B 432 5.60 28.17 19.95
CA ALA B 432 6.95 27.68 20.27
C ALA B 432 7.34 26.71 19.21
N VAL B 433 8.59 26.84 18.77
CA VAL B 433 9.13 25.97 17.75
C VAL B 433 10.37 25.26 18.33
N ASP B 434 10.28 23.94 18.50
CA ASP B 434 11.36 23.14 19.09
C ASP B 434 12.04 22.28 18.05
N ARG B 435 13.35 22.37 18.07
CA ARG B 435 14.14 21.52 17.25
C ARG B 435 14.59 20.28 18.07
N TYR B 436 14.48 19.08 17.49
CA TYR B 436 15.01 17.84 18.02
C TYR B 436 15.79 17.16 16.92
N ALA B 437 17.11 17.26 17.04
CA ALA B 437 18.00 16.83 15.98
C ALA B 437 17.45 17.30 14.64
N ASP B 438 17.01 16.39 13.76
CA ASP B 438 16.54 16.77 12.42
C ASP B 438 15.02 16.94 12.32
N TRP B 439 14.33 16.80 13.44
CA TRP B 439 12.89 17.04 13.50
C TRP B 439 12.49 18.39 14.12
N VAL B 440 11.22 18.78 13.96
CA VAL B 440 10.73 20.04 14.47
C VAL B 440 9.35 19.85 14.99
N VAL B 441 9.08 20.44 16.15
CA VAL B 441 7.75 20.46 16.71
C VAL B 441 7.24 21.92 16.86
N VAL B 442 6.05 22.18 16.32
CA VAL B 442 5.44 23.46 16.52
C VAL B 442 4.33 23.33 17.53
N GLN B 443 4.38 24.19 18.53
CA GLN B 443 3.35 24.16 19.53
C GLN B 443 2.67 25.53 19.50
N GLU B 444 1.35 25.49 19.37
CA GLU B 444 0.56 26.68 19.26
C GLU B 444 -0.16 26.87 20.57
N TYR B 445 -0.21 28.11 21.04
CA TYR B 445 -0.94 28.42 22.27
C TYR B 445 -2.21 29.22 22.04
N ALA B 446 -2.52 30.04 23.05
CA ALA B 446 -3.69 30.92 23.11
C ALA B 446 -3.93 31.69 21.79
N HIS B 454 -10.71 29.30 13.27
CA HIS B 454 -10.42 29.55 11.85
C HIS B 454 -10.38 31.07 11.64
N LYS B 455 -9.36 31.52 10.92
CA LYS B 455 -8.71 32.83 11.14
C LYS B 455 -7.53 32.62 12.11
N ALA B 456 -7.74 31.83 13.16
CA ALA B 456 -6.60 31.34 13.98
C ALA B 456 -5.87 30.22 13.23
N ARG B 457 -6.65 29.38 12.53
CA ARG B 457 -6.15 28.29 11.71
C ARG B 457 -5.36 28.86 10.55
N GLN B 458 -5.88 29.91 9.95
CA GLN B 458 -5.21 30.52 8.81
C GLN B 458 -3.82 31.04 9.22
N ARG B 459 -3.78 31.77 10.35
CA ARG B 459 -2.52 32.23 10.94
C ARG B 459 -1.55 31.09 11.22
N LEU B 460 -2.03 30.03 11.86
CA LEU B 460 -1.19 28.94 12.18
C LEU B 460 -0.65 28.21 10.91
N PHE B 461 -1.53 28.00 9.93
CA PHE B 461 -1.11 27.47 8.66
C PHE B 461 -0.01 28.32 8.07
N ASP B 462 -0.14 29.65 8.19
CA ASP B 462 0.91 30.54 7.71
C ASP B 462 2.25 30.39 8.51
N ILE B 463 2.15 30.22 9.83
CA ILE B 463 3.31 29.94 10.67
C ILE B 463 3.99 28.67 10.15
N ILE B 464 3.21 27.60 10.05
CA ILE B 464 3.72 26.30 9.68
C ILE B 464 4.49 26.30 8.33
N ALA B 465 3.85 26.81 7.29
CA ALA B 465 4.46 27.09 6.00
C ALA B 465 5.67 28.02 6.04
N ALA B 466 5.65 29.10 6.82
CA ALA B 466 6.87 29.91 6.91
C ALA B 466 8.06 29.15 7.61
N THR B 467 7.75 28.26 8.55
CA THR B 467 8.74 27.54 9.34
C THR B 467 9.49 26.51 8.45
N ILE B 468 8.71 25.86 7.61
CA ILE B 468 9.25 24.90 6.63
C ILE B 468 10.15 25.67 5.64
N SER B 469 9.66 26.77 5.10
CA SER B 469 10.49 27.62 4.25
C SER B 469 11.84 28.02 4.86
N VAL B 470 11.82 28.63 6.05
CA VAL B 470 13.04 29.08 6.71
C VAL B 470 14.03 27.95 7.00
N LEU B 471 13.50 26.85 7.52
CA LEU B 471 14.33 25.72 7.98
C LEU B 471 14.81 24.78 6.86
N GLY B 472 14.07 24.72 5.77
CA GLY B 472 14.44 23.87 4.61
C GLY B 472 14.25 22.39 4.94
N ILE B 473 13.50 22.17 6.01
CA ILE B 473 13.12 20.89 6.52
C ILE B 473 12.06 20.21 5.65
N ALA B 474 12.04 18.89 5.65
CA ALA B 474 11.06 18.17 4.88
C ALA B 474 9.75 18.21 5.67
N PRO B 475 8.62 18.56 5.01
CA PRO B 475 7.32 18.64 5.73
C PRO B 475 7.00 17.43 6.62
N ASN B 476 7.50 16.27 6.22
CA ASN B 476 7.46 15.02 6.99
C ASN B 476 8.03 15.00 8.42
N LYS B 477 8.90 15.97 8.66
CA LYS B 477 9.74 16.04 9.81
C LYS B 477 9.34 17.20 10.73
N LEU B 478 8.13 17.73 10.46
CA LEU B 478 7.52 18.76 11.26
C LEU B 478 6.30 18.20 11.97
N VAL B 479 6.26 18.38 13.28
CA VAL B 479 5.10 17.96 14.08
C VAL B 479 4.29 19.13 14.57
N LEU B 480 2.98 19.08 14.38
CA LEU B 480 2.14 20.14 14.90
C LEU B 480 1.33 19.68 16.07
N LYS B 481 1.60 20.28 17.22
CA LYS B 481 0.78 20.09 18.42
C LYS B 481 -0.26 21.22 18.60
N THR B 482 -1.54 20.82 18.60
CA THR B 482 -2.68 21.73 18.67
C THR B 482 -3.14 21.97 20.11
N ARG B 483 -3.82 23.10 20.33
CA ARG B 483 -4.67 23.35 21.52
C ARG B 483 -6.07 22.72 21.35
N GLU B 497 -2.41 5.13 18.88
CA GLU B 497 -1.15 5.60 19.44
C GLU B 497 -0.21 6.23 18.37
N LYS B 498 0.42 5.40 17.51
CA LYS B 498 1.47 5.82 16.52
C LYS B 498 2.92 5.36 16.79
N GLY B 499 3.47 5.65 17.97
CA GLY B 499 4.73 5.03 18.44
C GLY B 499 6.10 5.14 17.76
N GLU B 500 6.39 6.16 16.97
CA GLU B 500 7.78 6.36 16.54
C GLU B 500 8.64 7.14 17.61
N PHE B 501 9.74 6.56 18.06
CA PHE B 501 10.63 7.23 19.04
C PHE B 501 11.83 7.70 18.29
N LEU B 502 12.52 8.70 18.79
CA LEU B 502 13.62 9.31 18.08
C LEU B 502 14.83 9.43 19.04
N GLU B 503 15.99 9.01 18.58
CA GLU B 503 17.17 9.15 19.41
C GLU B 503 17.78 10.53 19.28
N VAL B 504 18.11 11.12 20.41
CA VAL B 504 18.52 12.47 20.42
C VAL B 504 19.70 12.51 21.40
N THR B 505 20.63 13.44 21.21
CA THR B 505 21.64 13.62 22.21
C THR B 505 21.42 14.91 23.00
N GLU B 506 22.05 15.01 24.15
CA GLU B 506 21.95 16.19 24.98
C GLU B 506 23.24 16.17 25.79
N TYR B 507 24.19 16.99 25.42
CA TYR B 507 25.55 16.85 25.91
C TYR B 507 26.06 15.45 25.64
N ASN B 508 26.53 14.73 26.63
CA ASN B 508 27.08 13.44 26.34
C ASN B 508 26.01 12.36 26.52
N ALA B 509 24.79 12.72 26.89
CA ALA B 509 23.69 11.73 27.05
C ALA B 509 22.98 11.42 25.74
N HIS B 510 22.48 10.20 25.57
CA HIS B 510 21.63 9.85 24.43
C HIS B 510 20.28 9.60 25.04
N LEU B 511 19.22 10.04 24.38
CA LEU B 511 17.89 10.00 24.95
C LEU B 511 16.89 9.64 23.88
N TRP B 512 15.78 9.03 24.30
CA TRP B 512 14.67 8.77 23.42
C TRP B 512 13.52 9.73 23.70
N VAL B 513 13.04 10.36 22.65
CA VAL B 513 11.85 11.20 22.67
C VAL B 513 10.79 10.67 21.73
N ASN B 514 9.59 11.18 21.86
CA ASN B 514 8.48 10.78 20.99
C ASN B 514 7.72 12.09 20.78
N LEU B 515 7.69 12.56 19.56
CA LEU B 515 7.15 13.85 19.27
C LEU B 515 5.63 13.87 19.11
N THR B 516 4.97 12.73 18.95
CA THR B 516 3.57 12.76 18.59
C THR B 516 2.59 12.27 19.61
N ASP B 517 2.96 11.29 20.42
CA ASP B 517 1.97 10.48 21.17
C ASP B 517 1.54 10.97 22.53
N TYR B 518 2.25 11.96 23.05
CA TYR B 518 2.04 12.45 24.42
C TYR B 518 1.97 13.96 24.40
N LEU B 519 1.39 14.48 25.48
CA LEU B 519 1.43 15.90 25.84
C LEU B 519 2.79 16.54 25.59
N ASP B 520 3.80 15.93 26.20
CA ASP B 520 5.16 16.40 26.02
C ASP B 520 5.92 15.35 25.24
N THR B 521 7.22 15.58 25.06
CA THR B 521 8.00 14.79 24.14
C THR B 521 8.89 13.75 24.85
N GLY B 522 8.98 13.78 26.17
CA GLY B 522 9.88 12.83 26.88
C GLY B 522 11.10 13.58 27.41
N LEU B 523 11.23 14.85 27.04
CA LEU B 523 12.40 15.61 27.46
C LEU B 523 11.93 17.05 27.64
N PHE B 524 12.08 17.57 28.85
CA PHE B 524 11.80 18.98 29.12
C PHE B 524 13.06 19.72 28.88
N LEU B 525 13.14 20.37 27.73
CA LEU B 525 14.35 21.04 27.30
C LEU B 525 14.84 22.13 28.24
N ASP B 526 13.91 22.87 28.86
CA ASP B 526 14.30 24.05 29.63
C ASP B 526 15.23 23.69 30.81
N HIS B 527 15.28 22.40 31.19
CA HIS B 527 15.94 22.04 32.43
C HIS B 527 17.29 21.42 32.19
N ARG B 528 17.80 21.50 30.99
CA ARG B 528 18.97 20.77 30.68
C ARG B 528 20.15 21.22 31.54
N ILE B 529 20.18 22.45 31.99
CA ILE B 529 21.37 22.84 32.76
C ILE B 529 21.38 22.17 34.14
N ALA B 530 20.20 22.04 34.75
CA ALA B 530 20.14 21.27 35.98
C ALA B 530 20.65 19.85 35.73
N ARG B 531 20.25 19.24 34.60
CA ARG B 531 20.70 17.88 34.23
C ARG B 531 22.21 17.77 34.09
N ARG B 532 22.82 18.69 33.35
CA ARG B 532 24.25 18.76 33.18
C ARG B 532 24.97 18.90 34.54
N MET B 533 24.45 19.74 35.44
CA MET B 533 25.05 19.84 36.78
C MET B 533 25.04 18.53 37.59
N LEU B 534 23.88 17.81 37.62
CA LEU B 534 23.80 16.45 38.22
C LEU B 534 24.87 15.56 37.65
N GLY B 535 25.04 15.71 36.34
CA GLY B 535 26.10 15.02 35.69
C GLY B 535 27.42 15.27 36.38
N GLN B 536 27.71 16.47 36.84
CA GLN B 536 29.02 16.77 37.39
C GLN B 536 29.07 16.51 38.86
N MET B 537 27.94 16.17 39.48
CA MET B 537 27.88 16.05 40.97
C MET B 537 27.68 14.60 41.39
N SER B 538 27.62 13.64 40.48
CA SER B 538 27.06 12.35 40.85
C SER B 538 28.17 11.30 41.11
N LYS B 539 29.41 11.69 40.87
CA LYS B 539 30.50 10.75 40.90
C LYS B 539 30.67 10.00 42.22
N GLY B 540 30.62 8.67 42.13
CA GLY B 540 30.67 7.86 43.33
C GLY B 540 29.57 8.17 44.33
N LYS B 541 28.46 8.80 43.92
CA LYS B 541 27.34 9.10 44.82
C LYS B 541 26.17 8.17 44.61
N ASP B 542 25.38 7.87 45.64
CA ASP B 542 24.13 7.18 45.44
C ASP B 542 23.07 8.25 45.12
N PHE B 543 22.48 8.12 43.93
CA PHE B 543 21.56 9.08 43.32
C PHE B 543 20.11 8.61 43.44
N LEU B 544 19.21 9.51 43.84
CA LEU B 544 17.79 9.21 43.87
C LEU B 544 17.05 10.26 43.01
N ASN B 545 16.07 9.84 42.17
CA ASN B 545 15.27 10.70 41.27
C ASN B 545 13.76 10.51 41.61
N LEU B 546 13.08 11.55 42.10
CA LEU B 546 11.63 11.39 42.41
C LEU B 546 10.79 12.22 41.42
N PHE B 547 9.57 11.73 41.15
CA PHE B 547 8.77 12.20 40.00
C PHE B 547 9.73 12.21 38.81
N SER B 548 10.28 11.05 38.49
CA SER B 548 11.30 10.96 37.45
C SER B 548 10.95 11.25 36.02
N TYR B 549 9.69 11.00 35.64
CA TYR B 549 9.26 11.06 34.22
C TYR B 549 10.14 10.07 33.46
N THR B 550 10.71 10.47 32.33
CA THR B 550 11.48 9.52 31.50
C THR B 550 12.91 9.31 31.96
N GLY B 551 13.24 9.90 33.12
CA GLY B 551 14.49 9.57 33.80
C GLY B 551 15.67 10.19 33.15
N SER B 552 15.47 11.24 32.37
CA SER B 552 16.62 11.91 31.75
C SER B 552 17.66 12.40 32.74
N ALA B 553 17.22 12.81 33.91
CA ALA B 553 18.22 13.29 34.88
C ALA B 553 18.98 12.07 35.47
N THR B 554 18.33 10.92 35.58
CA THR B 554 19.06 9.68 35.91
C THR B 554 20.19 9.29 34.86
N VAL B 555 19.89 9.45 33.56
CA VAL B 555 20.85 9.19 32.54
C VAL B 555 22.09 10.03 32.82
N HIS B 556 21.97 11.33 33.04
CA HIS B 556 23.13 12.21 33.31
C HIS B 556 23.89 11.87 34.59
N ALA B 557 23.17 11.61 35.67
CA ALA B 557 23.78 11.24 36.93
C ALA B 557 24.54 9.89 36.69
N GLY B 558 23.85 8.95 36.04
CA GLY B 558 24.37 7.61 35.84
C GLY B 558 25.68 7.71 35.10
N LEU B 559 25.71 8.53 34.06
CA LEU B 559 26.89 8.72 33.24
C LEU B 559 27.98 9.58 33.92
N GLY B 560 27.61 10.31 34.99
CA GLY B 560 28.59 11.04 35.78
C GLY B 560 29.30 10.17 36.83
N GLY B 561 29.01 8.87 36.85
CA GLY B 561 29.70 7.93 37.73
C GLY B 561 28.89 7.64 38.99
N ALA B 562 27.58 7.92 39.01
CA ALA B 562 26.80 7.55 40.16
C ALA B 562 27.14 6.11 40.56
N ARG B 563 27.37 5.92 41.87
CA ARG B 563 27.50 4.54 42.41
C ARG B 563 26.20 3.68 42.26
N SER B 564 25.03 4.31 42.37
CA SER B 564 23.77 3.56 42.19
C SER B 564 22.70 4.57 41.80
N THR B 565 21.68 4.21 41.02
CA THR B 565 20.58 5.18 40.74
C THR B 565 19.25 4.54 41.21
N THR B 566 18.30 5.37 41.69
CA THR B 566 16.98 4.89 42.10
C THR B 566 16.07 5.95 41.49
N THR B 567 15.13 5.50 40.68
CA THR B 567 14.36 6.33 39.80
C THR B 567 12.91 5.97 40.14
N VAL B 568 12.12 6.95 40.56
CA VAL B 568 10.75 6.66 41.01
C VAL B 568 9.68 7.56 40.37
N ASP B 569 8.56 6.97 39.97
CA ASP B 569 7.48 7.69 39.31
C ASP B 569 6.26 6.86 39.46
N MET B 570 5.10 7.44 39.35
CA MET B 570 3.91 6.63 39.57
C MET B 570 3.49 5.95 38.25
N SER B 571 4.14 6.29 37.16
CA SER B 571 3.63 5.83 35.85
C SER B 571 4.50 4.70 35.32
N ARG B 572 3.86 3.59 34.92
CA ARG B 572 4.65 2.43 34.45
C ARG B 572 5.23 2.74 33.10
N THR B 573 4.46 3.43 32.26
CA THR B 573 4.89 3.76 30.93
C THR B 573 6.10 4.67 30.99
N TYR B 574 6.07 5.65 31.87
CA TYR B 574 7.21 6.51 31.97
C TYR B 574 8.40 5.82 32.59
N LEU B 575 8.20 4.84 33.47
CA LEU B 575 9.38 4.10 34.00
C LEU B 575 10.06 3.16 32.99
N GLU B 576 9.25 2.61 32.12
CA GLU B 576 9.66 1.69 31.08
C GLU B 576 10.49 2.48 30.07
N TRP B 577 9.98 3.68 29.75
CA TRP B 577 10.68 4.66 28.98
C TRP B 577 11.97 5.07 29.67
N ALA B 578 11.90 5.36 30.96
CA ALA B 578 13.16 5.69 31.65
C ALA B 578 14.19 4.53 31.53
N GLU B 579 13.71 3.30 31.70
CA GLU B 579 14.59 2.18 31.57
C GLU B 579 15.26 2.13 30.19
N ARG B 580 14.51 2.40 29.11
CA ARG B 580 15.13 2.40 27.79
C ARG B 580 16.14 3.54 27.69
N ASN B 581 15.87 4.70 28.27
CA ASN B 581 16.86 5.77 28.30
C ASN B 581 18.15 5.30 28.98
N LEU B 582 17.97 4.55 30.05
CA LEU B 582 19.14 4.02 30.82
C LEU B 582 19.86 3.00 29.99
N ARG B 583 19.08 2.07 29.40
CA ARG B 583 19.61 1.01 28.49
C ARG B 583 20.44 1.61 27.30
N LEU B 584 19.99 2.73 26.74
CA LEU B 584 20.68 3.37 25.65
C LEU B 584 22.08 3.85 25.97
N ASN B 585 22.33 4.11 27.23
CA ASN B 585 23.56 4.66 27.72
C ASN B 585 24.39 3.64 28.51
N GLY B 586 24.04 2.36 28.37
CA GLY B 586 24.79 1.30 29.06
C GLY B 586 24.45 1.18 30.56
N LEU B 587 23.44 1.89 31.04
CA LEU B 587 23.19 1.90 32.46
C LEU B 587 22.22 0.78 32.80
N THR B 588 22.74 -0.44 32.98
CA THR B 588 21.94 -1.59 33.35
C THR B 588 22.60 -2.30 34.49
N GLY B 589 21.82 -3.10 35.19
CA GLY B 589 22.26 -4.02 36.20
C GLY B 589 21.61 -3.63 37.51
N ARG B 590 21.99 -4.39 38.54
CA ARG B 590 21.50 -4.20 39.92
C ARG B 590 21.68 -2.82 40.51
N ALA B 591 22.75 -2.14 40.18
CA ALA B 591 22.96 -0.83 40.73
C ALA B 591 21.93 0.22 40.17
N HIS B 592 21.08 -0.14 39.19
CA HIS B 592 20.09 0.81 38.65
C HIS B 592 18.66 0.38 38.82
N ARG B 593 17.98 0.96 39.82
CA ARG B 593 16.62 0.54 40.19
C ARG B 593 15.57 1.52 39.65
N LEU B 594 14.41 0.96 39.32
CA LEU B 594 13.28 1.74 38.89
C LEU B 594 12.15 1.23 39.78
N ILE B 595 11.35 2.14 40.33
CA ILE B 595 10.35 1.80 41.30
C ILE B 595 9.06 2.55 40.95
N GLN B 596 7.98 1.82 40.74
CA GLN B 596 6.71 2.48 40.54
C GLN B 596 6.11 2.68 41.91
N ALA B 597 5.88 3.93 42.31
CA ALA B 597 5.24 4.27 43.59
C ALA B 597 4.60 5.66 43.48
N ASP B 598 3.54 5.92 44.24
CA ASP B 598 3.26 7.31 44.66
C ASP B 598 4.42 7.81 45.52
N CYS B 599 5.01 8.95 45.13
CA CYS B 599 6.25 9.43 45.72
C CYS B 599 6.14 9.86 47.19
N LEU B 600 4.94 10.29 47.61
CA LEU B 600 4.73 10.73 49.00
C LEU B 600 4.66 9.53 49.92
N ALA B 601 3.90 8.57 49.47
CA ALA B 601 3.81 7.31 50.14
C ALA B 601 5.19 6.69 50.23
N TRP B 602 5.96 6.74 49.14
CA TRP B 602 7.28 6.08 49.12
C TRP B 602 8.19 6.76 50.11
N LEU B 603 8.16 8.08 50.10
CA LEU B 603 9.02 8.92 50.94
C LEU B 603 8.74 8.73 52.40
N ARG B 604 7.48 8.58 52.77
CA ARG B 604 7.27 8.30 54.17
C ARG B 604 7.57 6.87 54.64
N GLU B 605 7.58 5.89 53.74
CA GLU B 605 7.93 4.52 54.14
C GLU B 605 9.42 4.21 54.08
N ALA B 606 10.23 5.11 53.55
CA ALA B 606 11.57 4.72 53.03
C ALA B 606 12.59 4.85 54.11
N ASN B 607 13.53 3.91 54.12
CA ASN B 607 14.52 3.96 55.14
C ASN B 607 15.92 4.21 54.63
N GLU B 608 16.16 4.00 53.33
CA GLU B 608 17.53 3.99 52.81
C GLU B 608 18.11 5.37 52.72
N GLN B 609 19.35 5.51 52.31
CA GLN B 609 19.97 6.82 52.28
C GLN B 609 20.68 7.11 50.97
N PHE B 610 20.69 8.40 50.55
CA PHE B 610 21.31 8.79 49.28
C PHE B 610 22.22 10.00 49.45
N ASP B 611 23.14 10.17 48.50
CA ASP B 611 24.08 11.32 48.57
C ASP B 611 23.57 12.48 47.75
N LEU B 612 22.72 12.20 46.74
CA LEU B 612 22.28 13.16 45.77
C LEU B 612 20.82 12.84 45.42
N ILE B 613 19.96 13.80 45.64
CA ILE B 613 18.59 13.59 45.37
C ILE B 613 18.12 14.75 44.46
N PHE B 614 17.55 14.37 43.34
CA PHE B 614 16.97 15.27 42.40
C PHE B 614 15.47 15.09 42.54
N ILE B 615 14.71 16.19 42.68
CA ILE B 615 13.26 16.07 42.76
C ILE B 615 12.66 17.32 42.12
N ASP B 616 11.86 17.09 41.09
CA ASP B 616 11.41 18.11 40.22
C ASP B 616 9.96 17.74 39.93
N PRO B 617 9.07 18.06 40.88
CA PRO B 617 7.70 17.56 40.83
C PRO B 617 6.77 18.46 40.01
N PRO B 618 5.60 17.92 39.59
CA PRO B 618 4.61 18.77 38.86
C PRO B 618 3.99 19.74 39.87
N THR B 619 3.34 20.80 39.43
CA THR B 619 2.84 21.72 40.40
C THR B 619 1.61 21.22 41.10
N PHE B 620 0.76 20.44 40.43
CA PHE B 620 -0.32 19.63 41.04
C PHE B 620 -0.34 18.23 40.41
N SER B 621 -0.80 17.22 41.13
CA SER B 621 -1.14 15.96 40.47
C SER B 621 -2.22 15.18 41.18
N ASN B 622 -3.08 14.53 40.37
CA ASN B 622 -4.21 13.65 40.79
C ASN B 622 -5.01 13.98 42.05
N ALA B 629 -3.67 13.41 46.34
CA ALA B 629 -3.47 14.67 45.61
C ALA B 629 -2.25 15.38 46.18
N PHE B 630 -1.41 15.87 45.28
CA PHE B 630 -0.17 16.58 45.58
C PHE B 630 -0.26 18.00 45.00
N ASP B 631 0.41 18.94 45.66
CA ASP B 631 0.32 20.36 45.44
C ASP B 631 1.69 20.83 45.95
N VAL B 632 2.59 21.19 45.02
CA VAL B 632 3.99 21.44 45.36
C VAL B 632 4.17 22.56 46.37
N GLN B 633 3.33 23.61 46.31
CA GLN B 633 3.38 24.71 47.28
C GLN B 633 2.93 24.21 48.65
N ARG B 634 1.75 23.60 48.71
CA ARG B 634 1.24 23.09 49.98
C ARG B 634 2.18 22.00 50.60
N ASP B 635 2.77 21.12 49.78
CA ASP B 635 3.33 19.88 50.27
C ASP B 635 4.86 19.79 50.35
N HIS B 636 5.55 20.81 49.84
CA HIS B 636 6.99 20.80 49.72
C HIS B 636 7.73 20.73 51.05
N LEU B 637 7.14 21.24 52.12
CA LEU B 637 7.87 21.16 53.39
C LEU B 637 7.87 19.72 53.94
N ALA B 638 6.71 19.09 53.86
CA ALA B 638 6.54 17.69 54.22
C ALA B 638 7.45 16.82 53.32
N LEU B 639 7.62 17.17 52.03
CA LEU B 639 8.62 16.41 51.23
C LEU B 639 10.01 16.55 51.81
N MET B 640 10.37 17.77 52.16
CA MET B 640 11.70 18.01 52.69
C MET B 640 11.91 17.32 54.01
N LYS B 641 10.87 17.23 54.83
CA LYS B 641 10.94 16.54 56.09
C LYS B 641 11.41 15.12 55.84
N ASP B 642 10.78 14.44 54.90
CA ASP B 642 11.22 13.07 54.51
C ASP B 642 12.57 13.03 53.80
N LEU B 643 12.83 13.97 52.91
CA LEU B 643 14.15 13.96 52.29
C LEU B 643 15.28 14.07 53.28
N LYS B 644 15.12 14.89 54.32
CA LYS B 644 16.16 15.08 55.33
C LYS B 644 16.65 13.77 55.99
N ARG B 645 15.70 12.84 56.17
CA ARG B 645 15.93 11.57 56.78
C ARG B 645 16.68 10.64 55.83
N LEU B 646 16.46 10.80 54.52
CA LEU B 646 17.09 9.95 53.51
C LEU B 646 18.40 10.55 53.05
N LEU B 647 18.75 11.74 53.54
CA LEU B 647 19.91 12.39 52.98
C LEU B 647 21.08 12.04 53.82
N ARG B 648 22.06 11.34 53.26
CA ARG B 648 23.28 10.96 53.98
C ARG B 648 24.06 12.24 54.31
N ALA B 649 24.82 12.24 55.41
CA ALA B 649 25.55 13.43 55.85
C ALA B 649 26.41 13.94 54.73
N GLY B 650 26.58 15.24 54.60
CA GLY B 650 27.27 15.78 53.42
C GLY B 650 26.48 15.73 52.08
N GLY B 651 25.28 15.12 52.05
CA GLY B 651 24.59 15.00 50.75
C GLY B 651 23.92 16.29 50.28
N THR B 652 23.45 16.34 49.02
CA THR B 652 22.67 17.45 48.56
C THR B 652 21.39 17.10 47.84
N ILE B 653 20.38 17.91 48.07
CA ILE B 653 19.10 17.81 47.35
C ILE B 653 18.95 18.91 46.33
N MET B 654 18.65 18.52 45.10
CA MET B 654 18.37 19.48 44.10
C MET B 654 16.89 19.45 43.86
N PHE B 655 16.23 20.56 44.23
CA PHE B 655 14.79 20.70 44.17
C PHE B 655 14.43 21.77 43.17
N SER B 656 13.49 21.46 42.27
CA SER B 656 13.00 22.45 41.33
C SER B 656 11.53 22.31 41.11
N ASN B 657 10.88 23.39 40.68
CA ASN B 657 9.51 23.30 40.25
C ASN B 657 9.24 24.44 39.30
N ASN B 658 8.06 24.44 38.70
CA ASN B 658 7.78 25.63 37.93
C ASN B 658 6.40 26.21 38.28
N LYS B 659 6.04 26.20 39.54
CA LYS B 659 4.89 26.97 39.98
C LYS B 659 5.16 28.46 39.95
N ARG B 660 4.29 29.23 39.29
CA ARG B 660 4.47 30.69 39.25
C ARG B 660 4.18 31.23 40.62
N GLY B 661 5.09 32.09 41.08
CA GLY B 661 4.99 32.65 42.48
C GLY B 661 5.15 31.60 43.60
N PHE B 662 5.80 30.47 43.29
CA PHE B 662 6.33 29.58 44.33
C PHE B 662 7.13 30.33 45.42
N ARG B 663 6.78 30.09 46.68
CA ARG B 663 7.54 30.72 47.81
C ARG B 663 8.06 29.60 48.69
N MET B 664 9.37 29.52 48.75
CA MET B 664 10.02 28.44 49.51
C MET B 664 9.75 28.70 50.99
N ASP B 665 9.49 27.64 51.76
CA ASP B 665 9.15 27.83 53.16
C ASP B 665 10.48 27.85 53.94
N LEU B 666 11.11 29.03 54.01
CA LEU B 666 12.45 29.15 54.59
C LEU B 666 12.51 28.85 56.07
N ASP B 667 11.54 29.33 56.84
CA ASP B 667 11.46 28.99 58.26
C ASP B 667 11.31 27.50 58.49
N GLY B 668 10.36 26.89 57.77
CA GLY B 668 10.15 25.46 57.87
C GLY B 668 11.46 24.73 57.58
N LEU B 669 12.24 25.20 56.62
CA LEU B 669 13.52 24.55 56.33
C LEU B 669 14.50 24.70 57.46
N ALA B 670 14.59 25.93 57.99
CA ALA B 670 15.47 26.21 59.08
C ALA B 670 15.09 25.32 60.30
N LYS B 671 13.79 25.14 60.52
CA LYS B 671 13.34 24.38 61.66
C LYS B 671 13.86 22.94 61.49
N LEU B 672 13.88 22.43 60.25
CA LEU B 672 14.46 21.12 59.90
C LEU B 672 16.00 21.04 59.86
N GLY B 673 16.74 22.08 60.14
CA GLY B 673 18.20 21.96 59.99
C GLY B 673 18.70 21.90 58.54
N LEU B 674 17.92 22.40 57.59
CA LEU B 674 18.34 22.49 56.21
C LEU B 674 18.54 23.94 55.78
N LYS B 675 19.42 24.19 54.80
CA LYS B 675 19.44 25.47 54.14
C LYS B 675 19.32 25.32 52.64
N ALA B 676 18.75 26.32 52.00
CA ALA B 676 18.48 26.32 50.60
C ALA B 676 19.29 27.43 49.88
N GLN B 677 19.93 27.09 48.77
CA GLN B 677 20.57 28.09 47.92
C GLN B 677 19.83 28.14 46.57
N GLU B 678 19.29 29.27 46.19
CA GLU B 678 18.61 29.36 44.93
C GLU B 678 19.63 29.53 43.80
N ILE B 679 19.48 28.69 42.77
CA ILE B 679 20.37 28.72 41.60
C ILE B 679 19.55 28.90 40.33
N THR B 680 18.28 29.29 40.46
CA THR B 680 17.43 29.55 39.34
C THR B 680 18.14 30.27 38.15
N GLN B 681 18.86 31.35 38.44
CA GLN B 681 19.52 32.08 37.37
C GLN B 681 20.62 31.29 36.69
N LYS B 682 21.38 30.48 37.43
CA LYS B 682 22.45 29.68 36.84
C LYS B 682 21.94 28.56 35.97
N THR B 683 20.71 28.11 36.20
CA THR B 683 20.20 27.03 35.42
C THR B 683 19.32 27.44 34.23
N LEU B 684 19.25 28.72 33.88
CA LEU B 684 18.45 29.17 32.76
C LEU B 684 19.22 29.09 31.45
N SER B 685 18.64 28.44 30.42
CA SER B 685 19.25 28.45 29.08
C SER B 685 18.77 29.64 28.25
N GLN B 686 19.68 30.12 27.39
CA GLN B 686 19.49 31.19 26.40
C GLN B 686 18.19 31.00 25.59
N ASP B 687 17.91 29.76 25.15
CA ASP B 687 16.70 29.52 24.35
C ASP B 687 15.41 29.67 25.13
N PHE B 688 15.51 29.90 26.44
CA PHE B 688 14.33 29.99 27.29
C PHE B 688 14.32 31.30 28.06
N ALA B 689 15.33 32.12 27.81
CA ALA B 689 15.44 33.36 28.56
C ALA B 689 14.19 34.16 28.20
N ARG B 690 13.53 34.81 29.11
CA ARG B 690 12.29 35.43 28.59
C ARG B 690 11.08 34.49 28.38
N ASN B 691 11.20 33.19 28.60
CA ASN B 691 9.99 32.35 28.65
C ASN B 691 9.18 32.85 29.87
N ARG B 692 7.85 32.72 29.82
CA ARG B 692 7.03 33.22 30.92
C ARG B 692 6.98 32.32 32.13
N GLN B 693 7.25 31.00 31.96
CA GLN B 693 7.49 30.07 33.07
C GLN B 693 8.91 30.13 33.69
N ILE B 694 8.96 30.39 34.99
CA ILE B 694 10.19 30.27 35.74
C ILE B 694 10.21 28.86 36.26
N HIS B 695 11.30 28.14 35.97
CA HIS B 695 11.60 26.86 36.59
C HIS B 695 12.52 27.15 37.75
N ASN B 696 11.99 27.29 38.97
CA ASN B 696 12.90 27.66 40.05
C ASN B 696 13.69 26.45 40.56
N CYS B 697 14.93 26.70 40.98
CA CYS B 697 15.83 25.61 41.28
C CYS B 697 16.69 25.93 42.49
N TRP B 698 16.87 24.91 43.33
CA TRP B 698 17.53 25.08 44.63
C TRP B 698 18.44 23.91 44.94
N LEU B 699 19.60 24.21 45.60
CA LEU B 699 20.50 23.20 46.26
C LEU B 699 20.19 23.28 47.75
N ILE B 700 19.74 22.16 48.35
CA ILE B 700 19.35 22.12 49.73
C ILE B 700 20.34 21.20 50.37
N THR B 701 20.90 21.63 51.51
CA THR B 701 21.89 20.84 52.27
C THR B 701 21.70 21.06 53.78
N ALA B 702 22.31 20.19 54.60
CA ALA B 702 22.32 20.36 56.10
C ALA B 702 22.72 21.75 56.42
N ALA B 703 21.99 22.41 57.32
CA ALA B 703 22.35 23.79 57.62
C ALA B 703 23.74 23.92 58.26
#